data_7TIJ
#
_entry.id   7TIJ
#
loop_
_entity.id
_entity.type
_entity.pdbx_description
1 polymer 'cardiac actin'
2 polymer 'Myosin-binding protein C, cardiac-type'
#
loop_
_entity_poly.entity_id
_entity_poly.type
_entity_poly.pdbx_seq_one_letter_code
_entity_poly.pdbx_strand_id
1 'polypeptide(L)'
;DDEETTALVCDNGSGLVKAGFAGDDAPRAVFPSIVGRPRHQGVMVGMGQKDSYVGDEAQSKRGILTLKYPIEHGIITNWD
DMEKIWHHTFYNELRVAPEEHPTLLTEAPLNPKANREKMTQIMFETFNVPAMYVAIQAVLSLYASGRTTGIVLDSGDGVT
HNVPIYEGYALPHAIMRLDLAGRDLTDYLMKILTERGYSFVTTAEREIVRDIKEKLCYVALDFENEMATAASSSSLEKSY
ELPDGQVITIGNERFRCPETLFQPSFIGMESAGIHETTYNSIMKCDIDIRKDLYANNVLSGGTTMYPGIADRMQKEITAL
APSTMKIKIIAPPERKYSVWIGGSILASLSTFQQMWISKQEYDEAGPSIVHRKCF
;
A,B,C,D,E,F
2 'polypeptide(L)'
;DDPIGLFVMRPQDGEVTVGGSITFSARVAGASLLKPPVVKWFKGKWVDLSSKVGQHLQLHDSYDRASKVYLFELHITDAQ
PAFTGSYRCEVSTKDKFDCSNFNLTVHEAMGTGDLDLLSAFRRTSLAGGGRRISDSHEDTGILDFSSLLKKRDSFRTPRD
SKLEAPAEEDVWEILRQAPPSEYERIAFQYGVTDLRGMLKRLKGMRRDEKKSTAFQKKLE
;
G,H,I,J,K,L
#
# COMPACT_ATOMS: atom_id res chain seq x y z
N ASP A 1 4.83 79.66 -9.20
CA ASP A 1 5.24 79.91 -10.59
C ASP A 1 4.15 80.64 -11.35
N ASP A 2 3.42 81.51 -10.67
CA ASP A 2 2.30 82.24 -11.26
C ASP A 2 2.07 83.50 -10.44
N GLU A 3 0.89 84.12 -10.61
CA GLU A 3 0.58 85.37 -9.94
C GLU A 3 0.25 85.14 -8.48
N GLU A 4 -0.33 86.14 -7.82
CA GLU A 4 -0.35 86.24 -6.37
C GLU A 4 -0.62 84.91 -5.67
N THR A 5 -1.82 84.37 -5.83
CA THR A 5 -2.11 83.03 -5.31
C THR A 5 -3.57 82.71 -5.63
N THR A 6 -3.93 81.45 -5.36
CA THR A 6 -5.31 81.02 -5.31
C THR A 6 -5.50 80.14 -4.08
N ALA A 7 -6.62 80.36 -3.39
CA ALA A 7 -6.85 79.71 -2.11
C ALA A 7 -6.84 78.20 -2.25
N LEU A 8 -6.78 77.53 -1.11
CA LEU A 8 -6.78 76.07 -1.03
C LEU A 8 -8.07 75.65 -0.35
N VAL A 9 -9.13 75.53 -1.15
CA VAL A 9 -10.44 75.15 -0.63
C VAL A 9 -10.39 73.66 -0.33
N CYS A 10 -10.17 73.32 0.94
CA CYS A 10 -10.00 71.95 1.37
C CYS A 10 -11.09 71.60 2.38
N ASP A 11 -11.81 70.53 2.11
CA ASP A 11 -12.86 70.05 2.98
C ASP A 11 -12.46 68.73 3.62
N ASN A 12 -12.65 68.66 4.94
CA ASN A 12 -12.53 67.40 5.65
C ASN A 12 -13.92 66.79 5.80
N GLY A 13 -14.50 66.46 4.65
CA GLY A 13 -15.80 65.83 4.62
C GLY A 13 -15.79 64.65 5.56
N SER A 14 -16.85 64.50 6.37
CA SER A 14 -16.82 63.56 7.47
C SER A 14 -16.39 62.17 7.01
N GLY A 15 -16.85 61.74 5.85
CA GLY A 15 -16.48 60.45 5.32
C GLY A 15 -15.27 60.52 4.40
N LEU A 16 -15.27 61.50 3.50
CA LEU A 16 -14.16 61.70 2.58
C LEU A 16 -13.64 63.13 2.72
N VAL A 17 -12.36 63.30 2.47
CA VAL A 17 -11.78 64.62 2.45
C VAL A 17 -11.75 65.11 1.01
N LYS A 18 -12.18 66.35 0.81
CA LYS A 18 -12.32 66.90 -0.53
C LYS A 18 -11.76 68.32 -0.53
N ALA A 19 -11.22 68.72 -1.67
CA ALA A 19 -10.57 70.02 -1.74
C ALA A 19 -10.24 70.36 -3.18
N GLY A 20 -10.06 71.66 -3.43
CA GLY A 20 -9.62 72.16 -4.70
C GLY A 20 -8.95 73.50 -4.46
N PHE A 21 -8.70 74.26 -5.53
CA PHE A 21 -8.17 75.59 -5.36
C PHE A 21 -9.30 76.59 -5.15
N ALA A 22 -8.93 77.85 -4.94
CA ALA A 22 -9.94 78.89 -4.86
C ALA A 22 -10.74 78.92 -6.15
N GLY A 23 -12.06 79.00 -6.02
CA GLY A 23 -12.92 79.12 -7.18
C GLY A 23 -12.84 77.98 -8.16
N ASP A 24 -12.41 76.80 -7.72
CA ASP A 24 -12.48 75.65 -8.61
C ASP A 24 -13.92 75.16 -8.75
N ASP A 25 -14.21 74.54 -9.89
CA ASP A 25 -15.54 74.02 -10.15
C ASP A 25 -15.77 72.65 -9.54
N ALA A 26 -14.75 72.07 -8.91
CA ALA A 26 -14.90 70.79 -8.24
C ALA A 26 -13.69 70.52 -7.36
N PRO A 27 -13.88 70.04 -6.14
CA PRO A 27 -12.73 69.66 -5.31
C PRO A 27 -11.99 68.51 -5.96
N ARG A 28 -10.78 68.76 -6.45
CA ARG A 28 -10.07 67.78 -7.24
C ARG A 28 -9.68 66.53 -6.44
N ALA A 29 -9.75 66.58 -5.12
CA ALA A 29 -9.38 65.45 -4.28
C ALA A 29 -10.57 65.02 -3.44
N VAL A 30 -10.88 63.73 -3.46
CA VAL A 30 -11.93 63.15 -2.64
C VAL A 30 -11.59 61.68 -2.40
N PHE A 31 -11.71 61.22 -1.16
CA PHE A 31 -11.39 59.84 -0.83
C PHE A 31 -11.73 59.61 0.63
N PRO A 32 -11.84 58.34 1.03
CA PRO A 32 -12.27 58.04 2.40
C PRO A 32 -11.27 58.48 3.45
N SER A 33 -11.79 58.76 4.65
CA SER A 33 -10.95 59.16 5.78
C SER A 33 -10.60 57.93 6.62
N ILE A 34 -10.00 56.96 5.96
CA ILE A 34 -9.69 55.67 6.57
C ILE A 34 -8.20 55.55 6.83
N VAL A 35 -7.87 54.79 7.86
CA VAL A 35 -6.51 54.41 8.18
C VAL A 35 -6.43 52.89 8.09
N GLY A 36 -5.37 52.39 7.47
CA GLY A 36 -5.29 50.96 7.19
C GLY A 36 -4.18 50.22 7.90
N ARG A 37 -4.54 49.19 8.66
CA ARG A 37 -3.57 48.33 9.32
C ARG A 37 -3.65 46.93 8.72
N PRO A 38 -2.69 46.53 7.89
CA PRO A 38 -2.70 45.15 7.38
C PRO A 38 -2.74 44.14 8.51
N ARG A 39 -3.77 43.31 8.54
CA ARG A 39 -4.00 42.44 9.68
C ARG A 39 -2.80 41.54 9.95
N HIS A 40 -2.48 40.64 9.02
CA HIS A 40 -1.43 39.65 9.26
C HIS A 40 -0.05 40.13 8.87
N GLN A 41 0.05 41.10 7.98
CA GLN A 41 1.34 41.69 7.61
C GLN A 41 2.33 40.62 7.18
N GLY A 42 1.99 39.95 6.06
CA GLY A 42 2.83 38.89 5.57
C GLY A 42 4.19 39.40 5.11
N VAL A 43 5.21 38.59 5.35
CA VAL A 43 6.56 38.92 4.94
C VAL A 43 6.81 38.37 3.55
N MET A 44 7.26 39.24 2.64
CA MET A 44 7.56 38.82 1.28
C MET A 44 8.90 39.41 0.86
N VAL A 45 9.34 38.97 -0.31
CA VAL A 45 10.50 39.59 -0.96
C VAL A 45 10.24 41.09 -1.05
N GLY A 46 11.09 41.87 -0.42
CA GLY A 46 10.93 43.31 -0.47
C GLY A 46 9.69 43.80 0.24
N MET A 47 9.23 44.98 -0.15
CA MET A 47 8.09 45.63 0.47
C MET A 47 7.29 46.26 -0.66
N GLY A 48 6.48 47.26 -0.34
CA GLY A 48 5.68 47.95 -1.34
C GLY A 48 4.34 48.35 -0.77
N GLN A 49 4.13 47.98 0.49
CA GLN A 49 2.92 48.29 1.22
C GLN A 49 3.25 49.33 2.27
N LYS A 50 2.69 50.53 2.12
CA LYS A 50 2.74 51.48 3.22
C LYS A 50 1.58 51.19 4.17
N ASP A 51 1.83 51.44 5.46
CA ASP A 51 0.81 51.18 6.47
C ASP A 51 -0.52 51.81 6.11
N SER A 52 -0.57 53.14 6.02
CA SER A 52 -1.84 53.88 5.96
C SER A 52 -1.81 54.96 4.89
N TYR A 53 -1.44 54.60 3.66
CA TYR A 53 -1.70 55.45 2.51
C TYR A 53 -3.11 55.29 1.96
N VAL A 54 -4.06 54.96 2.82
CA VAL A 54 -5.39 54.51 2.42
C VAL A 54 -5.92 55.35 1.27
N GLY A 55 -6.01 56.66 1.49
CA GLY A 55 -6.53 57.55 0.47
C GLY A 55 -7.69 56.91 -0.26
N ASP A 56 -7.51 56.68 -1.55
CA ASP A 56 -8.39 55.81 -2.32
C ASP A 56 -7.76 54.45 -2.60
N GLU A 57 -6.47 54.30 -2.36
CA GLU A 57 -5.81 53.04 -2.66
C GLU A 57 -6.28 51.93 -1.74
N ALA A 58 -6.38 52.22 -0.44
CA ALA A 58 -6.52 51.15 0.54
C ALA A 58 -7.75 50.30 0.29
N GLN A 59 -8.90 50.94 0.09
CA GLN A 59 -10.14 50.18 0.03
C GLN A 59 -10.12 49.19 -1.13
N SER A 60 -9.61 49.60 -2.29
CA SER A 60 -9.45 48.65 -3.38
C SER A 60 -8.61 47.46 -2.94
N LYS A 61 -7.46 47.74 -2.34
CA LYS A 61 -6.55 46.75 -1.77
C LYS A 61 -6.75 46.60 -0.27
N ARG A 62 -8.01 46.60 0.11
CA ARG A 62 -8.50 46.53 1.48
C ARG A 62 -8.32 45.12 2.05
N GLY A 63 -8.95 44.89 3.21
CA GLY A 63 -9.01 43.59 3.84
C GLY A 63 -7.95 43.38 4.89
N ILE A 64 -6.70 43.29 4.47
CA ILE A 64 -5.62 43.16 5.44
C ILE A 64 -5.68 44.37 6.36
N LEU A 65 -5.60 45.57 5.77
CA LEU A 65 -5.74 46.79 6.54
C LEU A 65 -7.15 46.99 7.08
N THR A 66 -7.23 47.46 8.32
CA THR A 66 -8.51 47.83 8.90
C THR A 66 -8.81 49.29 8.55
N LEU A 67 -9.91 49.83 9.06
CA LEU A 67 -10.37 51.17 8.74
C LEU A 67 -10.30 52.06 9.96
N LYS A 68 -9.88 53.31 9.76
CA LYS A 68 -9.82 54.26 10.86
C LYS A 68 -10.15 55.66 10.34
N TYR A 69 -11.05 56.34 11.04
CA TYR A 69 -11.31 57.76 10.84
C TYR A 69 -10.65 58.52 11.98
N PRO A 70 -9.72 59.45 11.71
CA PRO A 70 -9.28 60.34 12.79
C PRO A 70 -10.43 61.13 13.39
N ILE A 71 -11.44 61.43 12.58
CA ILE A 71 -12.53 62.36 12.89
C ILE A 71 -13.78 61.54 13.21
N GLU A 72 -13.56 60.37 13.80
CA GLU A 72 -14.52 59.27 13.78
C GLU A 72 -15.97 59.72 13.77
N HIS A 73 -16.34 60.58 14.70
CA HIS A 73 -17.73 60.96 14.89
C HIS A 73 -17.93 62.42 14.55
N GLY A 74 -17.34 62.85 13.44
CA GLY A 74 -17.23 64.26 13.15
C GLY A 74 -16.24 64.97 14.03
N ILE A 75 -15.60 64.25 14.94
CA ILE A 75 -14.60 64.81 15.83
C ILE A 75 -13.40 63.88 15.84
N ILE A 76 -12.21 64.46 15.74
CA ILE A 76 -10.98 63.74 15.48
C ILE A 76 -10.34 63.32 16.78
N THR A 77 -9.99 62.04 16.90
CA THR A 77 -9.34 61.50 18.08
C THR A 77 -7.84 61.33 17.89
N ASN A 78 -7.40 61.08 16.66
CA ASN A 78 -5.99 61.00 16.34
C ASN A 78 -5.66 61.92 15.17
N TRP A 79 -4.44 62.41 15.16
CA TRP A 79 -4.04 63.44 14.22
C TRP A 79 -2.80 63.09 13.41
N ASP A 80 -1.80 62.47 14.05
CA ASP A 80 -0.60 62.04 13.35
C ASP A 80 -1.01 61.34 12.06
N ASP A 81 -1.81 60.28 12.22
CA ASP A 81 -2.53 59.71 11.10
C ASP A 81 -3.10 60.81 10.22
N MET A 82 -3.77 61.78 10.85
CA MET A 82 -4.55 62.73 10.09
C MET A 82 -3.68 63.76 9.38
N GLU A 83 -2.62 64.26 10.02
CA GLU A 83 -1.76 65.19 9.29
C GLU A 83 -1.02 64.47 8.17
N LYS A 84 -0.61 63.23 8.41
CA LYS A 84 -0.08 62.48 7.28
C LYS A 84 -1.14 62.31 6.19
N ILE A 85 -2.41 62.25 6.58
CA ILE A 85 -3.49 62.22 5.61
C ILE A 85 -3.46 63.49 4.77
N TRP A 86 -3.39 64.64 5.41
CA TRP A 86 -3.34 65.86 4.60
C TRP A 86 -2.07 65.92 3.79
N HIS A 87 -0.97 65.34 4.28
CA HIS A 87 0.24 65.30 3.46
C HIS A 87 -0.01 64.50 2.19
N HIS A 88 -0.61 63.33 2.33
CA HIS A 88 -1.06 62.60 1.17
C HIS A 88 -1.87 63.51 0.26
N THR A 89 -2.77 64.28 0.87
CA THR A 89 -3.61 65.18 0.10
C THR A 89 -2.77 66.15 -0.72
N PHE A 90 -1.97 66.96 -0.03
CA PHE A 90 -1.25 68.07 -0.61
C PHE A 90 -0.04 67.69 -1.43
N TYR A 91 0.27 66.39 -1.51
CA TYR A 91 1.50 65.99 -2.18
C TYR A 91 1.28 64.74 -3.02
N ASN A 92 0.07 64.24 -3.10
CA ASN A 92 -0.24 63.06 -3.89
C ASN A 92 -1.40 63.29 -4.83
N GLU A 93 -2.41 64.02 -4.40
CA GLU A 93 -3.46 64.53 -5.26
C GLU A 93 -3.63 66.05 -5.18
N LEU A 94 -2.99 66.68 -4.21
CA LEU A 94 -2.85 68.13 -4.28
C LEU A 94 -1.42 68.32 -4.74
N ARG A 95 -0.53 67.40 -4.38
CA ARG A 95 0.85 67.38 -4.84
C ARG A 95 1.42 68.79 -4.92
N VAL A 96 1.11 69.61 -3.91
CA VAL A 96 1.42 71.03 -3.94
C VAL A 96 2.11 71.43 -2.64
N ALA A 97 2.85 72.54 -2.71
CA ALA A 97 3.47 73.08 -1.52
C ALA A 97 2.44 73.92 -0.77
N PRO A 98 2.07 73.50 0.44
CA PRO A 98 1.08 74.28 1.21
C PRO A 98 1.54 75.70 1.45
N GLU A 99 2.84 75.91 1.67
CA GLU A 99 3.36 77.26 1.83
C GLU A 99 2.99 78.13 0.65
N GLU A 100 2.81 77.53 -0.51
CA GLU A 100 2.54 78.28 -1.73
C GLU A 100 1.19 78.97 -1.68
N HIS A 101 0.16 78.26 -1.21
CA HIS A 101 -1.22 78.70 -1.44
C HIS A 101 -1.99 78.80 -0.14
N PRO A 102 -2.80 79.85 0.02
CA PRO A 102 -3.67 79.93 1.19
C PRO A 102 -4.72 78.83 1.14
N THR A 103 -5.13 78.37 2.32
CA THR A 103 -6.11 77.30 2.43
C THR A 103 -7.17 77.67 3.46
N LEU A 104 -8.43 77.50 3.09
CA LEU A 104 -9.54 77.59 4.02
C LEU A 104 -9.91 76.20 4.50
N LEU A 105 -10.21 76.08 5.78
CA LEU A 105 -10.44 74.79 6.40
C LEU A 105 -11.89 74.69 6.90
N THR A 106 -12.39 73.46 6.90
CA THR A 106 -13.76 73.17 7.30
C THR A 106 -13.76 72.67 8.74
N GLU A 107 -14.51 73.36 9.60
CA GLU A 107 -14.68 72.95 10.98
C GLU A 107 -16.16 72.92 11.32
N ALA A 108 -16.59 71.85 11.99
CA ALA A 108 -17.99 71.66 12.29
C ALA A 108 -18.36 72.33 13.62
N PRO A 109 -19.61 72.74 13.78
CA PRO A 109 -20.03 73.35 15.03
C PRO A 109 -19.91 72.38 16.20
N LEU A 110 -19.76 72.96 17.39
CA LEU A 110 -19.69 72.25 18.66
C LEU A 110 -18.29 71.69 18.91
N ASN A 111 -17.34 71.97 18.04
CA ASN A 111 -15.98 71.52 18.24
C ASN A 111 -15.39 72.18 19.48
N PRO A 112 -14.71 71.43 20.34
CA PRO A 112 -13.86 72.07 21.34
C PRO A 112 -12.79 72.92 20.65
N LYS A 113 -12.51 74.07 21.25
CA LYS A 113 -11.64 75.05 20.60
C LYS A 113 -10.27 74.44 20.29
N ALA A 114 -9.74 73.62 21.20
CA ALA A 114 -8.40 73.08 21.02
C ALA A 114 -8.25 72.32 19.72
N ASN A 115 -9.35 71.74 19.22
CA ASN A 115 -9.26 71.01 17.97
C ASN A 115 -8.78 71.91 16.84
N ARG A 116 -9.47 73.03 16.64
CA ARG A 116 -9.04 73.95 15.61
C ARG A 116 -7.73 74.62 16.00
N GLU A 117 -7.50 74.84 17.30
CA GLU A 117 -6.20 75.34 17.73
C GLU A 117 -5.09 74.52 17.07
N LYS A 118 -5.05 73.23 17.42
CA LYS A 118 -3.98 72.40 16.92
C LYS A 118 -4.02 72.30 15.41
N MET A 119 -5.14 71.85 14.83
CA MET A 119 -5.20 71.79 13.37
C MET A 119 -4.50 72.99 12.76
N THR A 120 -4.77 74.18 13.30
CA THR A 120 -4.07 75.38 12.85
C THR A 120 -2.56 75.23 12.98
N GLN A 121 -2.05 75.14 14.21
CA GLN A 121 -0.59 75.30 14.32
C GLN A 121 0.12 74.19 13.56
N ILE A 122 -0.46 73.00 13.56
CA ILE A 122 0.16 71.91 12.80
C ILE A 122 0.18 72.23 11.31
N MET A 123 -0.91 72.77 10.78
CA MET A 123 -0.88 73.11 9.37
C MET A 123 0.15 74.20 9.09
N PHE A 124 0.20 75.21 9.96
CA PHE A 124 1.25 76.22 9.86
C PHE A 124 2.63 75.58 9.81
N GLU A 125 2.95 74.74 10.80
CA GLU A 125 4.31 74.24 10.97
C GLU A 125 4.66 73.23 9.88
N THR A 126 3.92 72.12 9.84
CA THR A 126 4.16 71.10 8.83
C THR A 126 3.94 71.65 7.43
N PHE A 127 2.88 72.42 7.23
CA PHE A 127 2.52 72.86 5.90
C PHE A 127 2.93 74.29 5.59
N ASN A 128 3.19 75.10 6.60
CA ASN A 128 3.76 76.43 6.38
C ASN A 128 3.07 77.16 5.24
N VAL A 129 1.80 76.87 5.01
CA VAL A 129 1.01 77.54 3.99
C VAL A 129 1.23 79.03 4.17
N PRO A 130 0.98 79.86 3.17
CA PRO A 130 1.17 81.30 3.36
C PRO A 130 0.50 81.73 4.66
N ALA A 131 -0.70 81.20 4.86
CA ALA A 131 -1.44 81.28 6.11
C ALA A 131 -2.73 80.51 5.85
N MET A 132 -3.66 80.44 6.81
CA MET A 132 -4.89 79.71 6.55
C MET A 132 -6.10 80.48 7.05
N TYR A 133 -7.25 79.85 6.87
CA TYR A 133 -8.53 80.26 7.44
C TYR A 133 -9.42 79.03 7.48
N VAL A 134 -10.42 79.06 8.38
CA VAL A 134 -11.30 77.93 8.57
C VAL A 134 -12.74 78.43 8.63
N ALA A 135 -13.67 77.52 8.34
CA ALA A 135 -15.08 77.87 8.41
C ALA A 135 -15.92 76.61 8.62
N ILE A 136 -17.13 76.82 9.13
CA ILE A 136 -18.04 75.72 9.39
C ILE A 136 -18.51 75.11 8.08
N GLN A 137 -18.31 73.80 7.93
CA GLN A 137 -18.83 73.13 6.74
C GLN A 137 -20.30 73.45 6.55
N ALA A 138 -21.07 73.42 7.63
CA ALA A 138 -22.47 73.83 7.54
C ALA A 138 -22.59 75.23 6.96
N VAL A 139 -21.80 76.16 7.49
CA VAL A 139 -21.88 77.55 7.05
C VAL A 139 -21.42 77.67 5.60
N LEU A 140 -20.39 76.90 5.22
CA LEU A 140 -19.89 76.97 3.85
C LEU A 140 -20.93 76.45 2.87
N SER A 141 -21.57 75.33 3.20
CA SER A 141 -22.70 74.87 2.39
C SER A 141 -23.79 75.92 2.35
N LEU A 142 -24.00 76.62 3.47
CA LEU A 142 -24.99 77.68 3.52
C LEU A 142 -24.73 78.88 2.63
N TYR A 143 -23.46 79.12 2.32
CA TYR A 143 -23.12 80.20 1.40
C TYR A 143 -23.26 79.57 0.03
N ALA A 144 -22.93 78.28 -0.07
CA ALA A 144 -23.17 77.54 -1.30
C ALA A 144 -24.64 77.63 -1.71
N SER A 145 -25.53 77.76 -0.72
CA SER A 145 -26.94 77.94 -1.04
C SER A 145 -27.19 79.31 -1.66
N GLY A 146 -26.48 80.33 -1.16
CA GLY A 146 -26.84 81.69 -1.46
C GLY A 146 -28.19 82.09 -0.91
N ARG A 147 -28.96 81.17 -0.36
CA ARG A 147 -30.27 81.48 0.20
C ARG A 147 -30.05 82.11 1.56
N THR A 148 -30.05 83.44 1.59
CA THR A 148 -29.70 84.16 2.80
C THR A 148 -30.59 83.68 3.92
N THR A 149 -31.87 83.48 3.66
CA THR A 149 -32.82 83.09 4.69
C THR A 149 -33.26 81.64 4.61
N GLY A 150 -33.66 81.10 5.76
CA GLY A 150 -34.14 79.74 5.83
C GLY A 150 -33.22 78.78 6.57
N ILE A 151 -33.76 77.65 6.96
CA ILE A 151 -32.98 76.61 7.62
C ILE A 151 -32.51 75.60 6.58
N VAL A 152 -31.36 74.99 6.85
CA VAL A 152 -30.82 73.94 6.00
C VAL A 152 -30.68 72.68 6.84
N LEU A 153 -31.18 71.57 6.30
CA LEU A 153 -30.98 70.26 6.92
C LEU A 153 -29.65 69.73 6.43
N ASP A 154 -28.58 70.04 7.15
CA ASP A 154 -27.23 69.68 6.74
C ASP A 154 -26.97 68.23 7.15
N SER A 155 -27.67 67.32 6.49
CA SER A 155 -27.43 65.88 6.63
C SER A 155 -26.61 65.47 5.42
N GLY A 156 -25.30 65.66 5.51
CA GLY A 156 -24.44 65.46 4.36
C GLY A 156 -23.48 64.30 4.51
N ASP A 157 -22.22 64.61 4.79
CA ASP A 157 -21.18 63.59 4.76
C ASP A 157 -21.43 62.53 5.84
N GLY A 158 -21.34 62.94 7.11
CA GLY A 158 -21.55 62.02 8.21
C GLY A 158 -22.20 62.66 9.42
N VAL A 159 -22.89 63.78 9.23
CA VAL A 159 -23.48 64.52 10.33
C VAL A 159 -24.84 65.03 9.90
N THR A 160 -25.64 65.46 10.87
CA THR A 160 -26.94 66.04 10.60
C THR A 160 -27.22 67.14 11.60
N HIS A 161 -27.70 68.27 11.08
CA HIS A 161 -28.08 69.42 11.89
C HIS A 161 -29.15 70.18 11.14
N ASN A 162 -29.66 71.23 11.78
CA ASN A 162 -30.54 72.20 11.14
C ASN A 162 -29.89 73.58 11.23
N VAL A 163 -29.97 74.33 10.14
CA VAL A 163 -29.31 75.63 10.09
C VAL A 163 -30.33 76.71 9.75
N PRO A 164 -31.18 77.09 10.70
CA PRO A 164 -32.14 78.17 10.44
C PRO A 164 -31.40 79.45 10.11
N ILE A 165 -31.91 80.20 9.14
CA ILE A 165 -31.21 81.38 8.66
C ILE A 165 -32.25 82.42 8.26
N TYR A 166 -31.79 83.64 8.09
CA TYR A 166 -32.53 84.73 7.47
C TYR A 166 -31.53 85.74 6.96
N GLU A 167 -31.45 85.92 5.64
CA GLU A 167 -30.54 86.91 5.08
C GLU A 167 -29.14 86.58 5.57
N GLY A 168 -28.83 85.28 5.65
CA GLY A 168 -27.59 84.82 6.25
C GLY A 168 -27.59 84.78 7.75
N TYR A 169 -28.74 84.98 8.40
CA TYR A 169 -28.81 85.20 9.83
C TYR A 169 -29.31 83.92 10.47
N ALA A 170 -28.44 83.23 11.19
CA ALA A 170 -28.74 81.93 11.79
C ALA A 170 -28.60 82.02 13.31
N LEU A 171 -29.48 81.31 14.01
CA LEU A 171 -29.45 81.30 15.47
C LEU A 171 -28.69 80.07 15.98
N PRO A 172 -27.58 80.25 16.69
CA PRO A 172 -26.97 79.10 17.38
C PRO A 172 -27.93 78.43 18.34
N HIS A 173 -28.74 79.22 19.05
CA HIS A 173 -29.83 78.62 19.81
C HIS A 173 -30.74 77.79 18.92
N ALA A 174 -30.91 78.20 17.67
CA ALA A 174 -31.81 77.53 16.75
C ALA A 174 -31.14 76.39 15.99
N ILE A 175 -29.85 76.16 16.21
CA ILE A 175 -29.14 75.06 15.56
C ILE A 175 -28.89 73.96 16.57
N MET A 176 -29.20 72.73 16.19
CA MET A 176 -29.08 71.56 17.04
C MET A 176 -28.10 70.56 16.41
N ARG A 177 -28.00 69.38 17.01
CA ARG A 177 -27.07 68.35 16.56
C ARG A 177 -27.82 67.05 16.31
N LEU A 178 -27.32 66.29 15.33
CA LEU A 178 -27.80 64.93 15.08
C LEU A 178 -26.60 64.02 14.89
N ASP A 179 -26.38 63.12 15.86
CA ASP A 179 -25.27 62.18 15.76
C ASP A 179 -25.45 61.24 14.57
N LEU A 180 -26.67 61.15 14.04
CA LEU A 180 -26.93 60.25 12.94
C LEU A 180 -25.97 60.54 11.78
N ALA A 181 -25.50 59.47 11.15
CA ALA A 181 -24.49 59.58 10.10
C ALA A 181 -24.65 58.41 9.15
N GLY A 182 -24.03 58.53 7.98
CA GLY A 182 -23.94 57.40 7.09
C GLY A 182 -23.39 56.18 7.80
N ARG A 183 -22.50 56.40 8.77
CA ARG A 183 -22.00 55.29 9.59
C ARG A 183 -23.15 54.65 10.36
N ASP A 184 -24.08 55.46 10.86
CA ASP A 184 -25.16 54.94 11.68
C ASP A 184 -26.10 54.07 10.83
N LEU A 185 -26.56 54.61 9.70
CA LEU A 185 -27.33 53.79 8.78
C LEU A 185 -26.53 52.57 8.37
N THR A 186 -25.21 52.72 8.29
CA THR A 186 -24.35 51.60 7.95
C THR A 186 -24.51 50.49 8.96
N ASP A 187 -24.37 50.84 10.23
CA ASP A 187 -24.47 49.84 11.28
C ASP A 187 -25.85 49.20 11.26
N TYR A 188 -26.89 50.02 11.08
CA TYR A 188 -28.25 49.50 11.09
C TYR A 188 -28.47 48.51 9.95
N LEU A 189 -28.13 48.90 8.73
CA LEU A 189 -28.37 48.04 7.59
C LEU A 189 -27.49 46.80 7.63
N MET A 190 -26.27 46.94 8.14
CA MET A 190 -25.42 45.77 8.32
C MET A 190 -26.07 44.81 9.30
N LYS A 191 -26.57 45.34 10.40
CA LYS A 191 -27.32 44.57 11.37
C LYS A 191 -28.45 43.81 10.71
N ILE A 192 -29.25 44.51 9.90
CA ILE A 192 -30.42 43.88 9.30
C ILE A 192 -29.98 42.81 8.31
N LEU A 193 -29.01 43.11 7.47
CA LEU A 193 -28.52 42.12 6.52
C LEU A 193 -28.04 40.87 7.24
N THR A 194 -27.30 41.05 8.33
CA THR A 194 -26.83 39.91 9.10
C THR A 194 -28.00 39.11 9.66
N GLU A 195 -28.95 39.79 10.30
CA GLU A 195 -30.04 39.08 10.96
C GLU A 195 -30.91 38.33 9.96
N ARG A 196 -30.92 38.77 8.71
CA ARG A 196 -31.69 38.11 7.67
C ARG A 196 -30.96 36.92 7.06
N GLY A 197 -29.99 36.37 7.78
CA GLY A 197 -29.24 35.22 7.29
C GLY A 197 -28.00 35.61 6.51
N TYR A 198 -27.16 36.45 7.11
CA TYR A 198 -25.98 36.96 6.43
C TYR A 198 -24.92 37.32 7.46
N SER A 199 -23.66 37.24 7.04
CA SER A 199 -22.51 37.50 7.92
C SER A 199 -21.83 38.78 7.45
N PHE A 200 -22.33 39.91 7.95
CA PHE A 200 -21.89 41.23 7.50
C PHE A 200 -21.20 41.93 8.67
N VAL A 201 -19.91 41.65 8.85
CA VAL A 201 -19.17 42.21 9.96
C VAL A 201 -17.90 42.88 9.48
N THR A 202 -17.43 42.49 8.30
CA THR A 202 -16.09 42.85 7.84
C THR A 202 -16.05 44.25 7.27
N THR A 203 -14.87 44.86 7.34
CA THR A 203 -14.69 46.25 6.93
C THR A 203 -15.10 46.44 5.47
N ALA A 204 -14.38 45.75 4.56
CA ALA A 204 -14.74 45.82 3.15
C ALA A 204 -16.22 45.53 2.97
N GLU A 205 -16.77 44.64 3.80
CA GLU A 205 -18.22 44.48 3.86
C GLU A 205 -18.89 45.80 4.20
N ARG A 206 -18.28 46.57 5.10
CA ARG A 206 -18.83 47.87 5.47
C ARG A 206 -18.89 48.82 4.29
N GLU A 207 -17.78 48.94 3.55
CA GLU A 207 -17.80 49.77 2.35
C GLU A 207 -18.82 49.25 1.34
N ILE A 208 -18.85 47.94 1.14
CA ILE A 208 -19.78 47.34 0.19
C ILE A 208 -21.20 47.70 0.55
N VAL A 209 -21.53 47.61 1.84
CA VAL A 209 -22.90 47.86 2.27
C VAL A 209 -23.26 49.33 2.10
N ARG A 210 -22.32 50.23 2.40
CA ARG A 210 -22.62 51.64 2.15
C ARG A 210 -22.90 51.87 0.68
N ASP A 211 -22.12 51.24 -0.19
CA ASP A 211 -22.36 51.36 -1.62
C ASP A 211 -23.71 50.77 -1.99
N ILE A 212 -24.05 49.63 -1.38
CA ILE A 212 -25.35 49.00 -1.59
C ILE A 212 -26.44 50.01 -1.31
N LYS A 213 -26.28 50.74 -0.21
CA LYS A 213 -27.16 51.87 0.07
C LYS A 213 -27.17 52.83 -1.10
N GLU A 214 -26.02 53.44 -1.35
CA GLU A 214 -25.96 54.67 -2.12
C GLU A 214 -26.52 54.44 -3.51
N LYS A 215 -26.42 53.21 -4.01
CA LYS A 215 -26.94 52.86 -5.32
C LYS A 215 -28.29 52.15 -5.27
N LEU A 216 -28.70 51.63 -4.12
CA LEU A 216 -29.97 50.92 -3.99
C LEU A 216 -30.93 51.55 -3.00
N CYS A 217 -30.48 51.81 -1.78
CA CYS A 217 -31.42 52.21 -0.74
C CYS A 217 -32.12 53.50 -1.12
N TYR A 218 -33.43 53.52 -0.92
CA TYR A 218 -34.26 54.71 -1.09
C TYR A 218 -35.09 54.87 0.17
N VAL A 219 -36.09 55.75 0.14
CA VAL A 219 -37.01 55.90 1.24
C VAL A 219 -38.42 56.04 0.69
N ALA A 220 -39.38 55.41 1.35
CA ALA A 220 -40.77 55.49 0.92
C ALA A 220 -41.47 56.63 1.63
N LEU A 221 -42.24 57.41 0.88
CA LEU A 221 -43.00 58.50 1.46
C LEU A 221 -43.83 58.01 2.64
N ASP A 222 -44.57 56.93 2.44
CA ASP A 222 -45.40 56.30 3.45
C ASP A 222 -44.65 55.12 4.04
N PHE A 223 -44.93 54.84 5.32
CA PHE A 223 -44.18 53.80 5.99
C PHE A 223 -44.97 52.50 6.08
N GLU A 224 -46.11 52.52 6.77
CA GLU A 224 -46.85 51.28 6.95
C GLU A 224 -47.43 50.77 5.64
N ASN A 225 -47.94 51.66 4.79
CA ASN A 225 -48.52 51.19 3.54
C ASN A 225 -47.46 50.54 2.68
N GLU A 226 -46.28 51.14 2.64
CA GLU A 226 -45.18 50.54 1.90
C GLU A 226 -44.60 49.31 2.57
N MET A 227 -44.92 49.09 3.84
CA MET A 227 -44.38 47.92 4.53
C MET A 227 -45.38 46.81 4.26
N ALA A 228 -46.68 47.15 4.28
CA ALA A 228 -47.68 46.17 3.88
C ALA A 228 -47.45 45.70 2.46
N THR A 229 -47.13 46.63 1.54
CA THR A 229 -46.72 46.22 0.20
C THR A 229 -45.60 45.19 0.33
N ALA A 230 -44.51 45.56 1.00
CA ALA A 230 -43.39 44.65 1.14
C ALA A 230 -43.79 43.28 1.63
N ALA A 231 -44.90 43.18 2.35
CA ALA A 231 -45.44 41.86 2.66
C ALA A 231 -45.59 41.03 1.40
N SER A 232 -45.97 41.68 0.30
CA SER A 232 -46.04 40.98 -0.98
C SER A 232 -45.59 41.84 -2.16
N SER A 233 -44.89 42.95 -1.92
CA SER A 233 -44.50 43.83 -3.01
C SER A 233 -43.41 43.16 -3.82
N SER A 234 -43.82 42.43 -4.86
CA SER A 234 -42.88 41.70 -5.70
C SER A 234 -41.98 42.62 -6.52
N SER A 235 -42.16 43.93 -6.41
CA SER A 235 -41.27 44.86 -7.11
C SER A 235 -39.95 44.85 -6.36
N LEU A 236 -40.00 45.03 -5.04
CA LEU A 236 -38.83 45.41 -4.26
C LEU A 236 -37.79 44.34 -3.95
N GLU A 237 -37.92 43.14 -4.50
CA GLU A 237 -37.01 42.06 -4.18
C GLU A 237 -35.75 42.09 -5.03
N LYS A 238 -35.41 43.22 -5.64
CA LYS A 238 -34.20 43.30 -6.44
C LYS A 238 -33.00 42.83 -5.63
N SER A 239 -32.39 41.73 -6.08
CA SER A 239 -31.19 41.19 -5.47
C SER A 239 -29.98 41.68 -6.25
N TYR A 240 -28.96 42.16 -5.54
CA TYR A 240 -27.76 42.68 -6.17
C TYR A 240 -26.51 41.83 -6.00
N GLU A 241 -25.89 41.51 -7.13
CA GLU A 241 -24.63 40.78 -7.09
C GLU A 241 -23.77 41.26 -5.95
N LEU A 242 -23.56 40.41 -4.96
CA LEU A 242 -22.63 40.77 -3.92
C LEU A 242 -21.29 40.97 -4.62
N PRO A 243 -20.56 42.04 -4.32
CA PRO A 243 -19.43 42.42 -5.18
C PRO A 243 -18.41 41.30 -5.23
N ASP A 244 -18.34 40.48 -4.18
CA ASP A 244 -17.60 39.22 -4.30
C ASP A 244 -18.11 38.41 -5.47
N GLY A 245 -19.40 38.52 -5.78
CA GLY A 245 -19.92 37.89 -6.97
C GLY A 245 -21.29 37.28 -6.91
N GLN A 246 -21.71 36.76 -5.76
CA GLN A 246 -23.04 36.17 -5.63
C GLN A 246 -24.05 37.26 -5.38
N VAL A 247 -25.08 37.32 -6.23
CA VAL A 247 -26.10 38.35 -6.10
C VAL A 247 -26.67 38.31 -4.68
N ILE A 248 -26.62 39.45 -4.01
CA ILE A 248 -27.24 39.59 -2.69
C ILE A 248 -28.66 40.08 -2.89
N THR A 249 -29.61 39.36 -2.29
CA THR A 249 -31.01 39.73 -2.44
C THR A 249 -31.34 40.94 -1.57
N ILE A 250 -32.31 41.72 -2.04
CA ILE A 250 -32.75 42.93 -1.34
C ILE A 250 -34.26 42.99 -1.36
N GLY A 251 -34.84 43.47 -0.26
CA GLY A 251 -36.27 43.71 -0.20
C GLY A 251 -36.61 45.10 0.29
N ASN A 252 -37.48 45.18 1.30
CA ASN A 252 -37.94 46.46 1.81
C ASN A 252 -36.84 47.28 2.46
N GLU A 253 -35.73 46.66 2.84
CA GLU A 253 -34.63 47.41 3.44
C GLU A 253 -34.16 48.50 2.50
N ARG A 254 -34.29 48.26 1.19
CA ARG A 254 -33.92 49.23 0.17
C ARG A 254 -34.53 50.59 0.48
N PHE A 255 -35.55 50.60 1.34
CA PHE A 255 -36.07 51.86 1.85
C PHE A 255 -36.06 51.96 3.36
N ARG A 256 -36.37 50.89 4.10
CA ARG A 256 -36.64 51.17 5.50
C ARG A 256 -35.37 51.30 6.30
N CYS A 257 -34.24 51.52 5.65
CA CYS A 257 -33.00 51.74 6.37
C CYS A 257 -32.96 53.16 6.93
N PRO A 258 -33.04 54.18 6.07
CA PRO A 258 -32.74 55.55 6.54
C PRO A 258 -33.92 56.26 7.20
N GLU A 259 -35.16 55.84 6.94
CA GLU A 259 -36.30 56.53 7.52
C GLU A 259 -36.09 56.77 9.01
N THR A 260 -35.38 55.85 9.67
CA THR A 260 -35.07 56.01 11.08
C THR A 260 -34.45 57.37 11.37
N LEU A 261 -33.94 58.06 10.36
CA LEU A 261 -33.60 59.46 10.55
C LEU A 261 -34.80 60.27 10.98
N PHE A 262 -36.00 59.77 10.69
CA PHE A 262 -37.22 60.29 11.31
C PHE A 262 -37.60 59.53 12.57
N GLN A 263 -37.37 58.21 12.60
CA GLN A 263 -37.67 57.41 13.78
C GLN A 263 -36.39 56.74 14.27
N PRO A 264 -35.73 57.31 15.29
CA PRO A 264 -34.53 56.70 15.85
C PRO A 264 -34.81 55.62 16.86
N SER A 265 -36.06 55.17 16.96
CA SER A 265 -36.40 54.12 17.92
C SER A 265 -35.68 52.84 17.49
N PHE A 266 -35.83 52.47 16.22
CA PHE A 266 -35.17 51.27 15.73
C PHE A 266 -33.66 51.36 15.73
N ILE A 267 -33.12 52.57 15.59
CA ILE A 267 -31.70 52.81 15.66
C ILE A 267 -31.43 53.12 17.13
N GLY A 268 -32.49 53.40 17.88
CA GLY A 268 -32.38 53.51 19.31
C GLY A 268 -31.98 54.87 19.86
N MET A 269 -32.18 55.94 19.11
CA MET A 269 -31.99 57.29 19.64
C MET A 269 -33.30 57.84 20.18
N GLU A 270 -33.27 58.29 21.43
CA GLU A 270 -34.39 59.06 21.97
C GLU A 270 -34.64 60.31 21.14
N SER A 271 -33.59 60.80 20.49
CA SER A 271 -33.70 61.97 19.63
C SER A 271 -34.89 61.83 18.68
N ALA A 272 -35.42 62.97 18.26
CA ALA A 272 -36.52 63.00 17.31
C ALA A 272 -35.99 63.09 15.88
N GLY A 273 -36.76 62.52 14.95
CA GLY A 273 -36.40 62.53 13.54
C GLY A 273 -36.01 63.89 13.01
N ILE A 274 -35.39 63.89 11.83
CA ILE A 274 -34.93 65.14 11.23
C ILE A 274 -36.09 66.13 11.10
N HIS A 275 -37.23 65.64 10.62
CA HIS A 275 -38.34 66.53 10.31
C HIS A 275 -38.80 67.33 11.52
N GLU A 276 -39.07 66.66 12.63
CA GLU A 276 -39.57 67.39 13.79
C GLU A 276 -38.48 68.21 14.47
N THR A 277 -37.21 67.81 14.34
CA THR A 277 -36.14 68.70 14.76
C THR A 277 -36.21 70.02 13.99
N THR A 278 -36.33 69.91 12.68
CA THR A 278 -36.52 71.11 11.88
C THR A 278 -37.74 71.89 12.36
N TYR A 279 -38.83 71.18 12.62
CA TYR A 279 -40.08 71.85 12.97
C TYR A 279 -39.96 72.59 14.30
N ASN A 280 -39.37 71.96 15.31
CA ASN A 280 -39.29 72.60 16.61
C ASN A 280 -38.30 73.75 16.57
N SER A 281 -37.20 73.59 15.84
CA SER A 281 -36.37 74.75 15.52
C SER A 281 -37.21 75.85 14.92
N ILE A 282 -38.16 75.48 14.05
CA ILE A 282 -39.05 76.46 13.44
C ILE A 282 -39.84 77.18 14.51
N MET A 283 -40.45 76.42 15.41
CA MET A 283 -41.26 77.03 16.48
C MET A 283 -40.42 78.00 17.29
N LYS A 284 -39.21 77.60 17.68
CA LYS A 284 -38.36 78.51 18.41
C LYS A 284 -38.02 79.74 17.57
N CYS A 285 -38.12 79.64 16.25
CA CYS A 285 -37.93 80.80 15.39
C CYS A 285 -38.96 81.88 15.74
N ASP A 286 -38.76 83.06 15.17
CA ASP A 286 -39.68 84.16 15.40
C ASP A 286 -40.98 83.87 14.65
N ILE A 287 -41.88 84.86 14.66
CA ILE A 287 -43.23 84.64 14.14
C ILE A 287 -43.20 84.28 12.66
N ASP A 288 -42.73 85.21 11.83
CA ASP A 288 -42.95 85.10 10.39
C ASP A 288 -41.74 84.65 9.61
N ILE A 289 -40.60 84.41 10.26
CA ILE A 289 -39.46 83.81 9.60
C ILE A 289 -39.89 82.47 9.02
N ARG A 290 -40.97 81.91 9.58
CA ARG A 290 -41.30 80.53 9.31
C ARG A 290 -41.83 80.32 7.90
N LYS A 291 -42.51 81.31 7.32
CA LYS A 291 -42.96 81.11 5.95
C LYS A 291 -41.75 80.95 5.05
N ASP A 292 -40.77 81.84 5.22
CA ASP A 292 -39.53 81.74 4.48
C ASP A 292 -38.87 80.39 4.71
N LEU A 293 -38.80 79.98 5.98
CA LEU A 293 -38.26 78.66 6.28
C LEU A 293 -38.94 77.60 5.43
N TYR A 294 -40.28 77.64 5.39
CA TYR A 294 -41.04 76.75 4.52
C TYR A 294 -40.52 76.85 3.09
N ALA A 295 -40.38 78.08 2.59
CA ALA A 295 -39.87 78.29 1.25
C ALA A 295 -38.37 78.06 1.18
N ASN A 296 -37.65 78.33 2.28
CA ASN A 296 -36.21 78.10 2.34
C ASN A 296 -35.87 76.77 2.98
N ASN A 297 -36.72 75.76 2.79
CA ASN A 297 -36.46 74.45 3.35
C ASN A 297 -35.30 73.76 2.64
N VAL A 298 -34.12 74.35 2.73
CA VAL A 298 -32.97 73.89 1.96
C VAL A 298 -32.39 72.63 2.60
N LEU A 299 -32.52 71.52 1.88
CA LEU A 299 -31.85 70.29 2.26
C LEU A 299 -30.40 70.29 1.80
N SER A 300 -29.60 69.43 2.42
CA SER A 300 -28.20 69.33 2.09
C SER A 300 -27.69 67.94 2.47
N GLY A 301 -26.85 67.38 1.62
CA GLY A 301 -26.19 66.12 1.93
C GLY A 301 -26.41 65.19 0.76
N GLY A 302 -25.38 64.38 0.45
CA GLY A 302 -25.54 63.36 -0.58
C GLY A 302 -26.02 62.14 0.17
N THR A 303 -25.70 62.04 1.45
CA THR A 303 -26.31 61.00 2.27
C THR A 303 -27.82 61.05 2.17
N THR A 304 -28.39 62.24 2.04
CA THR A 304 -29.81 62.45 1.85
C THR A 304 -30.24 62.23 0.40
N MET A 305 -29.42 61.53 -0.38
CA MET A 305 -29.66 61.31 -1.79
C MET A 305 -30.90 60.49 -2.07
N TYR A 306 -31.63 60.14 -1.04
CA TYR A 306 -32.67 59.15 -1.21
C TYR A 306 -33.87 59.72 -1.97
N PRO A 307 -34.59 58.86 -2.69
CA PRO A 307 -35.74 59.34 -3.46
C PRO A 307 -37.00 59.62 -2.66
N GLY A 308 -37.58 60.79 -2.89
CA GLY A 308 -38.75 61.22 -2.18
C GLY A 308 -38.44 61.83 -0.83
N ILE A 309 -37.15 62.01 -0.55
CA ILE A 309 -36.75 62.61 0.72
C ILE A 309 -37.39 63.98 0.88
N ALA A 310 -37.25 64.83 -0.13
CA ALA A 310 -37.85 66.15 -0.07
C ALA A 310 -39.36 66.05 0.03
N ASP A 311 -39.97 65.17 -0.79
CA ASP A 311 -41.43 65.02 -0.75
C ASP A 311 -41.88 64.54 0.62
N ARG A 312 -41.17 63.57 1.19
CA ARG A 312 -41.47 63.19 2.55
C ARG A 312 -41.35 64.39 3.48
N MET A 313 -40.41 65.28 3.19
CA MET A 313 -40.32 66.52 3.95
C MET A 313 -41.68 67.19 3.87
N GLN A 314 -42.04 67.65 2.68
CA GLN A 314 -43.22 68.49 2.57
C GLN A 314 -44.42 67.83 3.23
N LYS A 315 -44.57 66.52 3.04
CA LYS A 315 -45.75 65.86 3.60
C LYS A 315 -45.70 65.82 5.12
N GLU A 316 -44.54 65.49 5.70
CA GLU A 316 -44.42 65.44 7.14
C GLU A 316 -44.66 66.80 7.76
N ILE A 317 -44.05 67.85 7.19
CA ILE A 317 -44.29 69.20 7.66
C ILE A 317 -45.80 69.37 7.57
N THR A 318 -46.35 69.31 6.38
CA THR A 318 -47.80 69.46 6.22
C THR A 318 -48.57 68.86 7.38
N ALA A 319 -48.27 67.60 7.70
CA ALA A 319 -48.84 67.01 8.90
C ALA A 319 -48.54 67.85 10.13
N LEU A 320 -47.38 68.52 10.12
CA LEU A 320 -46.98 69.38 11.23
C LEU A 320 -47.32 70.84 10.96
N ALA A 321 -46.79 71.40 9.89
CA ALA A 321 -46.97 72.81 9.60
C ALA A 321 -48.43 73.11 9.25
N PRO A 322 -48.91 74.29 9.62
CA PRO A 322 -50.27 74.68 9.20
C PRO A 322 -50.37 74.76 7.68
N SER A 323 -51.48 74.28 7.16
CA SER A 323 -51.73 74.39 5.72
C SER A 323 -51.76 75.84 5.28
N THR A 324 -52.08 76.74 6.19
CA THR A 324 -52.10 78.17 5.88
C THR A 324 -50.79 78.57 5.22
N MET A 325 -49.68 78.11 5.78
CA MET A 325 -48.37 78.40 5.20
C MET A 325 -48.01 77.34 4.18
N LYS A 326 -47.11 77.71 3.26
CA LYS A 326 -46.73 76.87 2.15
C LYS A 326 -45.28 76.44 2.31
N ILE A 327 -45.04 75.14 2.17
CA ILE A 327 -43.74 74.53 2.47
C ILE A 327 -43.00 74.31 1.16
N LYS A 328 -41.73 74.71 1.12
CA LYS A 328 -40.87 74.48 -0.04
C LYS A 328 -39.50 74.05 0.42
N ILE A 329 -39.25 72.75 0.37
CA ILE A 329 -37.94 72.19 0.70
C ILE A 329 -37.03 72.33 -0.50
N ILE A 330 -35.76 72.65 -0.24
CA ILE A 330 -34.77 72.89 -1.28
C ILE A 330 -33.89 71.67 -1.12
N ALA A 331 -33.21 71.27 -2.17
CA ALA A 331 -32.27 70.15 -2.13
C ALA A 331 -31.54 70.14 -3.47
N PRO A 332 -30.34 70.71 -3.55
CA PRO A 332 -29.60 70.68 -4.80
C PRO A 332 -29.11 69.27 -5.10
N PRO A 333 -29.01 68.90 -6.37
CA PRO A 333 -28.26 67.68 -6.69
C PRO A 333 -26.82 67.76 -6.21
N GLU A 334 -26.27 68.97 -6.20
CA GLU A 334 -24.91 69.25 -5.78
C GLU A 334 -24.84 69.62 -4.29
N ARG A 335 -25.41 68.78 -3.45
CA ARG A 335 -25.41 69.06 -2.02
C ARG A 335 -24.23 68.67 -1.13
N LYS A 336 -23.45 67.69 -1.57
CA LYS A 336 -22.45 67.11 -0.68
C LYS A 336 -21.23 67.94 -1.07
N TYR A 337 -21.06 68.20 -2.36
CA TYR A 337 -19.99 69.08 -2.81
C TYR A 337 -20.39 70.55 -2.74
N SER A 338 -21.65 70.85 -2.41
CA SER A 338 -22.04 72.24 -2.22
C SER A 338 -21.22 72.90 -1.11
N VAL A 339 -20.90 72.14 -0.07
CA VAL A 339 -20.06 72.68 0.99
C VAL A 339 -18.73 73.14 0.43
N TRP A 340 -18.10 72.29 -0.38
CA TRP A 340 -16.81 72.64 -0.95
C TRP A 340 -16.95 73.81 -1.93
N ILE A 341 -18.08 73.88 -2.64
CA ILE A 341 -18.30 74.99 -3.55
C ILE A 341 -18.39 76.30 -2.79
N GLY A 342 -19.16 76.32 -1.70
CA GLY A 342 -19.25 77.50 -0.86
C GLY A 342 -17.90 77.87 -0.27
N GLY A 343 -17.12 76.87 0.13
CA GLY A 343 -15.77 77.14 0.60
C GLY A 343 -14.91 77.76 -0.49
N SER A 344 -14.99 77.22 -1.71
CA SER A 344 -14.22 77.77 -2.81
C SER A 344 -14.59 79.21 -3.08
N ILE A 345 -15.90 79.52 -3.05
CA ILE A 345 -16.32 80.88 -3.29
C ILE A 345 -15.82 81.81 -2.18
N LEU A 346 -16.02 81.40 -0.92
CA LEU A 346 -15.68 82.27 0.19
C LEU A 346 -14.18 82.50 0.28
N ALA A 347 -13.40 81.42 0.28
CA ALA A 347 -11.96 81.58 0.25
C ALA A 347 -11.53 82.37 -0.97
N SER A 348 -12.17 82.12 -2.10
CA SER A 348 -11.95 82.90 -3.31
C SER A 348 -12.36 84.35 -3.13
N LEU A 349 -13.02 84.69 -2.02
CA LEU A 349 -13.50 86.04 -1.79
C LEU A 349 -12.29 86.95 -1.59
N SER A 350 -11.67 87.29 -2.71
CA SER A 350 -10.47 88.14 -2.67
C SER A 350 -10.78 89.51 -2.09
N THR A 351 -12.06 89.79 -1.84
CA THR A 351 -12.40 90.98 -1.07
C THR A 351 -12.31 90.59 0.40
N PHE A 352 -11.94 89.36 0.73
CA PHE A 352 -12.05 88.86 2.09
C PHE A 352 -10.79 88.15 2.56
N GLN A 353 -9.61 88.62 2.16
CA GLN A 353 -8.38 88.15 2.78
C GLN A 353 -8.30 88.59 4.24
N GLN A 354 -8.91 89.74 4.56
CA GLN A 354 -8.69 90.34 5.86
C GLN A 354 -9.00 89.38 6.99
N MET A 355 -9.93 88.47 6.78
CA MET A 355 -10.25 87.50 7.84
C MET A 355 -9.25 86.39 7.93
N TRP A 356 -8.08 86.51 7.30
CA TRP A 356 -7.21 85.37 7.05
C TRP A 356 -6.28 85.14 8.23
N ILE A 357 -6.12 83.87 8.60
CA ILE A 357 -5.25 83.49 9.71
C ILE A 357 -3.82 83.43 9.19
N SER A 358 -3.05 84.47 9.48
CA SER A 358 -1.71 84.61 8.94
C SER A 358 -0.66 84.07 9.89
N LYS A 359 0.58 84.01 9.39
CA LYS A 359 1.71 83.63 10.24
C LYS A 359 1.76 84.48 11.50
N GLN A 360 1.96 85.79 11.31
CA GLN A 360 2.26 86.68 12.42
C GLN A 360 1.13 86.70 13.44
N GLU A 361 -0.05 87.17 13.03
CA GLU A 361 -1.20 87.20 13.92
C GLU A 361 -1.23 85.97 14.82
N TYR A 362 -1.09 84.78 14.21
CA TYR A 362 -1.04 83.56 15.01
C TYR A 362 0.13 83.59 15.97
N ASP A 363 1.34 83.87 15.46
CA ASP A 363 2.55 83.70 16.26
C ASP A 363 2.53 84.62 17.47
N GLU A 364 2.31 85.91 17.24
CA GLU A 364 2.23 86.86 18.35
C GLU A 364 1.07 86.51 19.27
N ALA A 365 -0.07 86.13 18.70
CA ALA A 365 -1.22 85.78 19.51
C ALA A 365 -1.36 84.29 19.74
N GLY A 366 -0.34 83.50 19.37
CA GLY A 366 -0.36 82.09 19.59
C GLY A 366 -1.55 81.43 18.91
N PRO A 367 -2.01 80.32 19.48
CA PRO A 367 -3.16 79.62 18.89
C PRO A 367 -4.48 80.28 19.24
N SER A 368 -4.56 80.86 20.44
CA SER A 368 -5.83 81.38 20.94
C SER A 368 -6.41 82.45 20.02
N ILE A 369 -5.56 83.15 19.27
CA ILE A 369 -6.02 84.30 18.50
C ILE A 369 -7.13 83.90 17.53
N VAL A 370 -6.89 82.83 16.76
CA VAL A 370 -7.79 82.40 15.69
C VAL A 370 -9.21 82.23 16.22
N HIS A 371 -9.34 82.11 17.54
CA HIS A 371 -10.62 81.84 18.17
C HIS A 371 -11.31 83.12 18.61
N ARG A 372 -10.54 84.08 19.10
CA ARG A 372 -11.11 85.36 19.51
C ARG A 372 -11.32 86.25 18.30
N LYS A 373 -12.53 86.77 18.15
CA LYS A 373 -12.90 87.71 17.10
C LYS A 373 -12.68 87.16 15.70
N CYS A 374 -12.42 85.86 15.57
CA CYS A 374 -12.14 85.28 14.26
C CYS A 374 -12.26 83.76 14.38
N PHE A 375 -12.20 83.10 13.23
CA PHE A 375 -12.22 81.65 13.14
C PHE A 375 -11.43 81.20 11.92
N ASP B 1 -51.28 10.18 30.38
CA ASP B 1 -51.73 9.31 31.46
C ASP B 1 -51.57 9.98 32.82
N ASP B 2 -51.78 11.29 32.85
CA ASP B 2 -51.61 12.08 34.07
C ASP B 2 -52.44 13.35 33.92
N GLU B 3 -52.16 14.34 34.77
CA GLU B 3 -52.94 15.58 34.78
C GLU B 3 -52.55 16.47 33.61
N GLU B 4 -52.97 17.74 33.65
CA GLU B 4 -53.04 18.60 32.48
C GLU B 4 -51.85 18.43 31.53
N THR B 5 -50.66 18.84 31.96
CA THR B 5 -49.45 18.59 31.19
C THR B 5 -48.27 19.19 31.92
N THR B 6 -47.08 18.90 31.41
CA THR B 6 -45.86 19.60 31.78
C THR B 6 -45.07 19.91 30.52
N ALA B 7 -44.54 21.13 30.48
CA ALA B 7 -43.91 21.63 29.27
C ALA B 7 -42.74 20.74 28.85
N LEU B 8 -42.28 20.97 27.63
CA LEU B 8 -41.17 20.23 27.05
C LEU B 8 -40.02 21.22 26.86
N VAL B 9 -39.24 21.40 27.92
CA VAL B 9 -38.11 22.33 27.90
C VAL B 9 -37.00 21.66 27.09
N CYS B 10 -36.90 22.03 25.83
CA CYS B 10 -35.96 21.42 24.89
C CYS B 10 -35.01 22.49 24.38
N ASP B 11 -33.72 22.24 24.53
CA ASP B 11 -32.68 23.14 24.06
C ASP B 11 -31.93 22.53 22.88
N ASN B 12 -31.77 23.32 21.83
CA ASN B 12 -30.88 22.96 20.73
C ASN B 12 -29.52 23.61 20.97
N GLY B 13 -28.89 23.19 22.06
CA GLY B 13 -27.57 23.68 22.39
C GLY B 13 -26.67 23.56 21.18
N SER B 14 -25.90 24.60 20.90
CA SER B 14 -25.20 24.67 19.61
C SER B 14 -24.41 23.40 19.34
N GLY B 15 -23.77 22.85 20.35
CA GLY B 15 -23.01 21.62 20.18
C GLY B 15 -23.84 20.39 20.47
N LEU B 16 -24.58 20.41 21.58
CA LEU B 16 -25.44 19.30 21.97
C LEU B 16 -26.86 19.80 22.13
N VAL B 17 -27.81 18.94 21.88
CA VAL B 17 -29.22 19.25 22.12
C VAL B 17 -29.58 18.71 23.49
N LYS B 18 -30.26 19.53 24.28
CA LYS B 18 -30.59 19.19 25.66
C LYS B 18 -32.03 19.59 25.92
N ALA B 19 -32.66 18.84 26.82
CA ALA B 19 -34.09 19.07 27.06
C ALA B 19 -34.54 18.26 28.25
N GLY B 20 -35.64 18.70 28.84
CA GLY B 20 -36.32 17.98 29.90
C GLY B 20 -37.76 18.40 29.91
N PHE B 21 -38.50 18.06 30.97
CA PHE B 21 -39.87 18.52 31.08
C PHE B 21 -39.91 19.89 31.72
N ALA B 22 -41.11 20.45 31.84
CA ALA B 22 -41.27 21.70 32.56
C ALA B 22 -40.76 21.53 33.98
N GLY B 23 -39.98 22.50 34.44
CA GLY B 23 -39.51 22.48 35.83
C GLY B 23 -38.68 21.29 36.20
N ASP B 24 -38.05 20.62 35.24
CA ASP B 24 -37.12 19.57 35.61
C ASP B 24 -35.81 20.17 36.14
N ASP B 25 -35.14 19.40 37.00
CA ASP B 25 -33.89 19.84 37.59
C ASP B 25 -32.70 19.60 36.67
N ALA B 26 -32.91 18.97 35.52
CA ALA B 26 -31.83 18.74 34.57
C ALA B 26 -32.42 18.29 33.24
N PRO B 27 -31.94 18.83 32.12
CA PRO B 27 -32.39 18.33 30.82
C PRO B 27 -31.97 16.88 30.65
N ARG B 28 -32.94 15.97 30.65
CA ARG B 28 -32.63 14.55 30.67
C ARG B 28 -31.93 14.07 29.41
N ALA B 29 -31.93 14.87 28.34
CA ALA B 29 -31.31 14.48 27.07
C ALA B 29 -30.22 15.48 26.72
N VAL B 30 -29.04 14.98 26.39
CA VAL B 30 -27.92 15.80 25.93
C VAL B 30 -27.02 14.92 25.08
N PHE B 31 -26.61 15.42 23.93
CA PHE B 31 -25.75 14.66 23.03
C PHE B 31 -25.36 15.55 21.85
N PRO B 32 -24.33 15.17 21.11
CA PRO B 32 -23.82 16.04 20.04
C PRO B 32 -24.83 16.18 18.90
N SER B 33 -24.71 17.32 18.21
CA SER B 33 -25.57 17.61 17.05
C SER B 33 -24.86 17.19 15.77
N ILE B 34 -24.49 15.91 15.73
CA ILE B 34 -23.70 15.36 14.64
C ILE B 34 -24.57 14.48 13.76
N VAL B 35 -24.21 14.43 12.48
CA VAL B 35 -24.79 13.50 11.52
C VAL B 35 -23.68 12.59 11.02
N GLY B 36 -23.96 11.30 10.93
CA GLY B 36 -22.92 10.35 10.62
C GLY B 36 -23.07 9.62 9.30
N ARG B 37 -22.04 9.71 8.45
CA ARG B 37 -22.01 8.98 7.19
C ARG B 37 -20.89 7.96 7.23
N PRO B 38 -21.19 6.68 7.39
CA PRO B 38 -20.12 5.66 7.34
C PRO B 38 -19.32 5.77 6.05
N ARG B 39 -18.02 6.01 6.15
CA ARG B 39 -17.21 6.31 4.98
C ARG B 39 -17.30 5.20 3.93
N HIS B 40 -16.81 4.00 4.27
CA HIS B 40 -16.72 2.94 3.28
C HIS B 40 -17.97 2.08 3.21
N GLN B 41 -18.78 2.06 4.26
CA GLN B 41 -20.05 1.34 4.25
C GLN B 41 -19.86 -0.12 3.83
N GLY B 42 -19.12 -0.85 4.65
CA GLY B 42 -18.84 -2.24 4.35
C GLY B 42 -20.10 -3.10 4.36
N VAL B 43 -20.12 -4.06 3.45
CA VAL B 43 -21.25 -4.98 3.34
C VAL B 43 -20.98 -6.20 4.21
N MET B 44 -21.92 -6.52 5.10
CA MET B 44 -21.78 -7.67 5.97
C MET B 44 -23.08 -8.46 5.98
N VAL B 45 -23.02 -9.62 6.63
CA VAL B 45 -24.24 -10.38 6.90
C VAL B 45 -25.21 -9.47 7.63
N GLY B 46 -26.37 -9.25 7.02
CA GLY B 46 -27.38 -8.41 7.63
C GLY B 46 -26.95 -6.96 7.73
N MET B 47 -27.56 -6.24 8.66
CA MET B 47 -27.34 -4.82 8.85
C MET B 47 -27.30 -4.59 10.36
N GLY B 48 -27.55 -3.35 10.78
CA GLY B 48 -27.55 -3.02 12.18
C GLY B 48 -27.01 -1.63 12.40
N GLN B 49 -26.60 -1.00 11.30
CA GLN B 49 -26.08 0.35 11.30
C GLN B 49 -27.09 1.27 10.65
N LYS B 50 -27.65 2.18 11.43
CA LYS B 50 -28.42 3.27 10.82
C LYS B 50 -27.47 4.36 10.39
N ASP B 51 -27.83 5.05 9.31
CA ASP B 51 -26.99 6.11 8.79
C ASP B 51 -26.62 7.12 9.87
N SER B 52 -27.60 7.82 10.44
CA SER B 52 -27.35 8.99 11.26
C SER B 52 -28.19 8.97 12.54
N TYR B 53 -28.14 7.88 13.29
CA TYR B 53 -28.63 7.87 14.67
C TYR B 53 -27.58 8.39 15.64
N VAL B 54 -26.72 9.30 15.20
CA VAL B 54 -25.53 9.70 15.93
C VAL B 54 -25.84 9.87 17.40
N GLY B 55 -26.78 10.75 17.73
CA GLY B 55 -27.12 11.00 19.11
C GLY B 55 -25.88 11.01 19.97
N ASP B 56 -25.81 10.08 20.90
CA ASP B 56 -24.57 9.76 21.60
C ASP B 56 -23.92 8.47 21.11
N GLU B 57 -24.64 7.69 20.31
CA GLU B 57 -24.09 6.42 19.84
C GLU B 57 -22.95 6.64 18.87
N ALA B 58 -23.11 7.56 17.92
CA ALA B 58 -22.22 7.61 16.78
C ALA B 58 -20.77 7.81 17.20
N GLN B 59 -20.53 8.80 18.06
CA GLN B 59 -19.15 9.17 18.36
C GLN B 59 -18.38 8.00 18.97
N SER B 60 -19.01 7.25 19.87
CA SER B 60 -18.37 6.05 20.39
C SER B 60 -18.01 5.11 19.25
N LYS B 61 -18.97 4.84 18.37
CA LYS B 61 -18.80 4.02 17.17
C LYS B 61 -18.56 4.89 15.94
N ARG B 62 -17.76 5.93 16.15
CA ARG B 62 -17.41 6.94 15.16
C ARG B 62 -16.45 6.39 14.12
N GLY B 63 -15.88 7.30 13.32
CA GLY B 63 -14.84 6.98 12.36
C GLY B 63 -15.37 6.77 10.96
N ILE B 64 -16.10 5.68 10.76
CA ILE B 64 -16.70 5.43 9.46
C ILE B 64 -17.60 6.62 9.15
N LEU B 65 -18.56 6.88 10.03
CA LEU B 65 -19.43 8.05 9.88
C LEU B 65 -18.67 9.37 10.08
N THR B 66 -18.99 10.34 9.23
CA THR B 66 -18.47 11.69 9.41
C THR B 66 -19.39 12.46 10.35
N LEU B 67 -19.10 13.74 10.56
CA LEU B 67 -19.83 14.58 11.50
C LEU B 67 -20.58 15.67 10.76
N LYS B 68 -21.81 15.96 11.20
CA LYS B 68 -22.58 17.04 10.60
C LYS B 68 -23.45 17.70 11.65
N TYR B 69 -23.39 19.03 11.69
CA TYR B 69 -24.31 19.85 12.45
C TYR B 69 -25.34 20.44 11.50
N PRO B 70 -26.63 20.19 11.67
CA PRO B 70 -27.61 20.98 10.90
C PRO B 70 -27.49 22.46 11.15
N ILE B 71 -27.07 22.85 12.37
CA ILE B 71 -27.08 24.21 12.88
C ILE B 71 -25.66 24.75 12.83
N GLU B 72 -24.90 24.31 11.83
CA GLU B 72 -23.44 24.33 11.86
C GLU B 72 -22.86 25.50 12.62
N HIS B 73 -23.29 26.71 12.29
CA HIS B 73 -22.69 27.92 12.85
C HIS B 73 -23.69 28.64 13.73
N GLY B 74 -24.38 27.88 14.58
CA GLY B 74 -25.53 28.40 15.28
C GLY B 74 -26.72 28.62 14.38
N ILE B 75 -26.59 28.32 13.10
CA ILE B 75 -27.65 28.46 12.13
C ILE B 75 -27.72 27.18 11.31
N ILE B 76 -28.93 26.68 11.10
CA ILE B 76 -29.15 25.35 10.55
C ILE B 76 -29.26 25.43 9.04
N THR B 77 -28.49 24.58 8.35
CA THR B 77 -28.51 24.51 6.90
C THR B 77 -29.34 23.35 6.38
N ASN B 78 -29.42 22.26 7.14
CA ASN B 78 -30.26 21.13 6.80
C ASN B 78 -31.16 20.78 7.98
N TRP B 79 -32.33 20.23 7.65
CA TRP B 79 -33.37 20.01 8.64
C TRP B 79 -33.88 18.59 8.68
N ASP B 80 -34.04 17.95 7.52
CA ASP B 80 -34.48 16.56 7.46
C ASP B 80 -33.67 15.76 8.45
N ASP B 81 -32.35 15.80 8.28
CA ASP B 81 -31.44 15.34 9.31
C ASP B 81 -31.91 15.84 10.68
N MET B 82 -32.22 17.12 10.76
CA MET B 82 -32.45 17.72 12.06
C MET B 82 -33.79 17.31 12.66
N GLU B 83 -34.86 17.24 11.87
CA GLU B 83 -36.12 16.80 12.46
C GLU B 83 -36.03 15.33 12.84
N LYS B 84 -35.35 14.52 12.03
CA LYS B 84 -35.09 13.16 12.49
C LYS B 84 -34.28 13.17 13.77
N ILE B 85 -33.43 14.17 13.95
CA ILE B 85 -32.70 14.32 15.20
C ILE B 85 -33.68 14.52 16.35
N TRP B 86 -34.62 15.45 16.18
CA TRP B 86 -35.58 15.62 17.27
C TRP B 86 -36.43 14.38 17.45
N HIS B 87 -36.71 13.63 16.39
CA HIS B 87 -37.44 12.39 16.56
C HIS B 87 -36.66 11.43 17.44
N HIS B 88 -35.37 11.27 17.15
CA HIS B 88 -34.51 10.52 18.06
C HIS B 88 -34.67 11.05 19.48
N THR B 89 -34.69 12.37 19.62
CA THR B 89 -34.85 12.99 20.92
C THR B 89 -36.12 12.51 21.61
N PHE B 90 -37.25 12.80 21.00
CA PHE B 90 -38.57 12.61 21.57
C PHE B 90 -39.04 11.17 21.62
N TYR B 91 -38.25 10.24 21.11
CA TYR B 91 -38.71 8.87 21.01
C TYR B 91 -37.61 7.89 21.36
N ASN B 92 -36.46 8.36 21.75
CA ASN B 92 -35.34 7.50 22.12
C ASN B 92 -34.76 7.86 23.48
N GLU B 93 -34.69 9.14 23.79
CA GLU B 93 -34.40 9.63 25.13
C GLU B 93 -35.45 10.58 25.67
N LEU B 94 -36.36 11.04 24.81
CA LEU B 94 -37.55 11.69 25.32
C LEU B 94 -38.62 10.61 25.19
N ARG B 95 -38.47 9.74 24.20
CA ARG B 95 -39.35 8.58 24.00
C ARG B 95 -40.79 8.93 24.34
N VAL B 96 -41.23 10.10 23.91
CA VAL B 96 -42.52 10.65 24.31
C VAL B 96 -43.28 11.13 23.08
N ALA B 97 -44.60 11.20 23.22
CA ALA B 97 -45.44 11.74 22.17
C ALA B 97 -45.42 13.26 22.25
N PRO B 98 -44.88 13.93 21.24
CA PRO B 98 -44.85 15.40 21.28
C PRO B 98 -46.24 16.00 21.40
N GLU B 99 -47.22 15.39 20.75
CA GLU B 99 -48.60 15.86 20.87
C GLU B 99 -49.02 15.93 22.32
N GLU B 100 -48.44 15.08 23.17
CA GLU B 100 -48.83 15.00 24.57
C GLU B 100 -48.48 16.27 25.32
N HIS B 101 -47.29 16.81 25.10
CA HIS B 101 -46.75 17.80 26.03
C HIS B 101 -46.34 19.08 25.29
N PRO B 102 -46.62 20.25 25.86
CA PRO B 102 -46.13 21.49 25.26
C PRO B 102 -44.62 21.55 25.35
N THR B 103 -44.02 22.21 24.37
CA THR B 103 -42.57 22.34 24.31
C THR B 103 -42.18 23.78 24.00
N LEU B 104 -41.24 24.30 24.78
CA LEU B 104 -40.61 25.58 24.49
C LEU B 104 -39.31 25.34 23.74
N LEU B 105 -39.04 26.17 22.75
CA LEU B 105 -37.90 25.97 21.86
C LEU B 105 -36.91 27.11 22.01
N THR B 106 -35.65 26.79 21.78
CA THR B 106 -34.53 27.73 21.91
C THR B 106 -34.17 28.26 20.53
N GLU B 107 -34.22 29.57 20.37
CA GLU B 107 -33.82 30.22 19.13
C GLU B 107 -32.84 31.34 19.44
N ALA B 108 -31.76 31.40 18.68
CA ALA B 108 -30.71 32.39 18.94
C ALA B 108 -31.00 33.70 18.20
N PRO B 109 -30.52 34.82 18.74
CA PRO B 109 -30.73 36.11 18.07
C PRO B 109 -30.08 36.14 16.70
N LEU B 110 -30.63 37.01 15.85
CA LEU B 110 -30.14 37.26 14.50
C LEU B 110 -30.61 36.20 13.52
N ASN B 111 -31.43 35.25 13.95
CA ASN B 111 -31.95 34.24 13.05
C ASN B 111 -32.85 34.88 12.01
N PRO B 112 -32.71 34.52 10.74
CA PRO B 112 -33.77 34.86 9.78
C PRO B 112 -35.08 34.24 10.23
N LYS B 113 -36.17 34.99 10.01
CA LYS B 113 -37.47 34.60 10.55
C LYS B 113 -37.87 33.22 10.03
N ALA B 114 -37.60 32.94 8.75
CA ALA B 114 -38.04 31.69 8.15
C ALA B 114 -37.53 30.47 8.92
N ASN B 115 -36.38 30.60 9.58
CA ASN B 115 -35.86 29.47 10.34
C ASN B 115 -36.85 29.04 11.41
N ARG B 116 -37.27 29.97 12.24
CA ARG B 116 -38.24 29.61 13.26
C ARG B 116 -39.59 29.34 12.63
N GLU B 117 -39.93 30.02 11.53
CA GLU B 117 -41.14 29.67 10.80
C GLU B 117 -41.22 28.17 10.61
N LYS B 118 -40.25 27.64 9.84
CA LYS B 118 -40.31 26.22 9.52
C LYS B 118 -40.19 25.38 10.78
N MET B 119 -39.12 25.55 11.56
CA MET B 119 -39.03 24.76 12.79
C MET B 119 -40.39 24.62 13.44
N THR B 120 -41.14 25.72 13.52
CA THR B 120 -42.50 25.65 14.05
C THR B 120 -43.34 24.67 13.25
N GLN B 121 -43.62 24.97 11.97
CA GLN B 121 -44.68 24.17 11.34
C GLN B 121 -44.28 22.71 11.29
N ILE B 122 -42.99 22.43 11.11
CA ILE B 122 -42.53 21.04 11.10
C ILE B 122 -42.79 20.39 12.45
N MET B 123 -42.50 21.09 13.54
CA MET B 123 -42.77 20.49 14.84
C MET B 123 -44.26 20.26 15.03
N PHE B 124 -45.08 21.24 14.64
CA PHE B 124 -46.52 21.04 14.65
C PHE B 124 -46.91 19.78 13.88
N GLU B 125 -46.48 19.66 12.63
CA GLU B 125 -46.96 18.60 11.76
C GLU B 125 -46.41 17.25 12.17
N THR B 126 -45.09 17.11 12.11
CA THR B 126 -44.44 15.86 12.49
C THR B 126 -44.72 15.53 13.95
N PHE B 127 -44.63 16.52 14.83
CA PHE B 127 -44.73 16.27 16.25
C PHE B 127 -46.07 16.60 16.86
N ASN B 128 -46.89 17.41 16.18
CA ASN B 128 -48.26 17.64 16.60
C ASN B 128 -48.37 17.85 18.10
N VAL B 129 -47.32 18.40 18.72
CA VAL B 129 -47.33 18.70 20.14
C VAL B 129 -48.61 19.46 20.42
N PRO B 130 -49.07 19.52 21.67
CA PRO B 130 -50.31 20.27 21.93
C PRO B 130 -50.23 21.64 21.28
N ALA B 131 -49.05 22.24 21.42
CA ALA B 131 -48.64 23.44 20.70
C ALA B 131 -47.23 23.73 21.18
N MET B 132 -46.59 24.81 20.73
CA MET B 132 -45.24 25.07 21.20
C MET B 132 -45.06 26.54 21.55
N TYR B 133 -43.82 26.85 21.95
CA TYR B 133 -43.34 28.20 22.15
C TYR B 133 -41.82 28.16 22.04
N VAL B 134 -41.22 29.30 21.71
CA VAL B 134 -39.78 29.38 21.51
C VAL B 134 -39.25 30.60 22.24
N ALA B 135 -37.95 30.56 22.54
CA ALA B 135 -37.31 31.70 23.19
C ALA B 135 -35.82 31.69 22.91
N ILE B 136 -35.20 32.86 23.06
CA ILE B 136 -33.77 33.00 22.82
C ILE B 136 -32.99 32.28 23.90
N GLN B 137 -32.11 31.36 23.49
CA GLN B 137 -31.26 30.69 24.46
C GLN B 137 -30.55 31.71 25.34
N ALA B 138 -30.05 32.79 24.74
CA ALA B 138 -29.46 33.85 25.54
C ALA B 138 -30.46 34.37 26.56
N VAL B 139 -31.68 34.64 26.13
CA VAL B 139 -32.69 35.18 27.02
C VAL B 139 -33.07 34.17 28.09
N LEU B 140 -33.14 32.89 27.71
CA LEU B 140 -33.50 31.85 28.68
C LEU B 140 -32.42 31.71 29.75
N SER B 141 -31.15 31.71 29.34
CA SER B 141 -30.07 31.76 30.32
C SER B 141 -30.18 33.01 31.17
N LEU B 142 -30.59 34.11 30.57
CA LEU B 142 -30.76 35.36 31.31
C LEU B 142 -31.85 35.34 32.38
N TYR B 143 -32.84 34.47 32.19
CA TYR B 143 -33.88 34.33 33.22
C TYR B 143 -33.29 33.34 34.20
N ALA B 144 -32.52 32.38 33.69
CA ALA B 144 -31.79 31.48 34.56
C ALA B 144 -30.90 32.26 35.53
N SER B 145 -30.44 33.43 35.12
CA SER B 145 -29.69 34.27 36.04
C SER B 145 -30.57 34.83 37.15
N GLY B 146 -31.80 35.19 36.80
CA GLY B 146 -32.61 35.99 37.68
C GLY B 146 -32.07 37.37 37.92
N ARG B 147 -30.87 37.68 37.45
CA ARG B 147 -30.27 38.99 37.63
C ARG B 147 -30.91 39.93 36.62
N THR B 148 -31.93 40.65 37.08
CA THR B 148 -32.72 41.47 36.16
C THR B 148 -31.79 42.41 35.42
N THR B 149 -30.81 42.98 36.10
CA THR B 149 -29.92 43.95 35.49
C THR B 149 -28.52 43.42 35.21
N GLY B 150 -27.87 44.00 34.22
CA GLY B 150 -26.51 43.64 33.89
C GLY B 150 -26.37 42.93 32.55
N ILE B 151 -25.16 42.89 32.04
CA ILE B 151 -24.86 42.19 30.80
C ILE B 151 -24.39 40.78 31.11
N VAL B 152 -24.65 39.85 30.20
CA VAL B 152 -24.19 38.48 30.31
C VAL B 152 -23.31 38.16 29.11
N LEU B 153 -22.14 37.62 29.37
CA LEU B 153 -21.27 37.12 28.31
C LEU B 153 -21.72 35.70 27.98
N ASP B 154 -22.64 35.58 27.04
CA ASP B 154 -23.23 34.29 26.70
C ASP B 154 -22.29 33.57 25.74
N SER B 155 -21.13 33.18 26.25
CA SER B 155 -20.19 32.33 25.52
C SER B 155 -20.37 30.92 26.06
N GLY B 156 -21.36 30.23 25.51
CA GLY B 156 -21.74 28.93 26.04
C GLY B 156 -21.47 27.77 25.11
N ASP B 157 -22.52 27.28 24.47
CA ASP B 157 -22.40 26.05 23.70
C ASP B 157 -21.45 26.23 22.53
N GLY B 158 -21.83 27.08 21.58
CA GLY B 158 -21.00 27.31 20.41
C GLY B 158 -21.08 28.73 19.89
N VAL B 159 -21.50 29.68 20.72
CA VAL B 159 -21.70 31.06 20.31
C VAL B 159 -21.21 31.98 21.42
N THR B 160 -21.04 33.25 21.08
CA THR B 160 -20.65 34.25 22.05
C THR B 160 -21.33 35.58 21.72
N HIS B 161 -21.88 36.20 22.75
CA HIS B 161 -22.53 37.50 22.64
C HIS B 161 -22.42 38.20 23.98
N ASN B 162 -22.91 39.43 24.03
CA ASN B 162 -23.07 40.17 25.27
C ASN B 162 -24.55 40.53 25.42
N VAL B 163 -25.07 40.40 26.63
CA VAL B 163 -26.49 40.64 26.86
C VAL B 163 -26.65 41.68 27.94
N PRO B 164 -26.42 42.96 27.64
CA PRO B 164 -26.64 44.00 28.63
C PRO B 164 -28.09 44.04 29.05
N ILE B 165 -28.32 44.23 30.35
CA ILE B 165 -29.68 44.15 30.89
C ILE B 165 -29.80 45.16 32.01
N TYR B 166 -31.04 45.42 32.41
CA TYR B 166 -31.39 46.14 33.62
C TYR B 166 -32.80 45.77 33.99
N GLU B 167 -32.98 45.09 35.12
CA GLU B 167 -34.31 44.71 35.58
C GLU B 167 -34.96 43.90 34.46
N GLY B 168 -34.17 43.06 33.81
CA GLY B 168 -34.61 42.33 32.64
C GLY B 168 -34.60 43.13 31.36
N TYR B 169 -34.01 44.32 31.36
CA TYR B 169 -34.16 45.27 30.26
C TYR B 169 -32.86 45.27 29.48
N ALA B 170 -32.89 44.72 28.26
CA ALA B 170 -31.71 44.56 27.43
C ALA B 170 -31.87 45.33 26.13
N LEU B 171 -30.77 45.90 25.65
CA LEU B 171 -30.80 46.67 24.42
C LEU B 171 -30.36 45.81 23.24
N PRO B 172 -31.22 45.58 22.25
CA PRO B 172 -30.73 44.94 21.02
C PRO B 172 -29.60 45.72 20.37
N HIS B 173 -29.69 47.06 20.38
CA HIS B 173 -28.55 47.85 19.98
C HIS B 173 -27.31 47.52 20.81
N ALA B 174 -27.51 47.16 22.07
CA ALA B 174 -26.41 46.88 22.98
C ALA B 174 -25.96 45.44 22.93
N ILE B 175 -26.60 44.60 22.13
CA ILE B 175 -26.22 43.20 22.01
C ILE B 175 -25.55 42.99 20.66
N MET B 176 -24.39 42.33 20.67
CA MET B 176 -23.57 42.09 19.49
C MET B 176 -23.43 40.58 19.26
N ARG B 177 -22.59 40.21 18.29
CA ARG B 177 -22.39 38.82 17.92
C ARG B 177 -20.91 38.47 17.98
N LEU B 178 -20.63 37.21 18.33
CA LEU B 178 -19.29 36.65 18.26
C LEU B 178 -19.35 35.29 17.59
N ASP B 179 -18.82 35.21 16.37
CA ASP B 179 -18.81 33.93 15.67
C ASP B 179 -17.96 32.90 16.41
N LEU B 180 -17.10 33.34 17.31
CA LEU B 180 -16.23 32.42 18.03
C LEU B 180 -17.06 31.33 18.71
N ALA B 181 -16.54 30.11 18.67
CA ALA B 181 -17.26 28.96 19.17
C ALA B 181 -16.25 27.91 19.61
N GLY B 182 -16.73 26.95 20.39
CA GLY B 182 -15.91 25.79 20.69
C GLY B 182 -15.33 25.17 19.44
N ARG B 183 -16.08 25.23 18.33
CA ARG B 183 -15.55 24.78 17.05
C ARG B 183 -14.33 25.59 16.66
N ASP B 184 -14.37 26.90 16.89
CA ASP B 184 -13.28 27.76 16.48
C ASP B 184 -12.00 27.45 17.27
N LEU B 185 -12.12 27.42 18.59
CA LEU B 185 -10.98 26.99 19.39
C LEU B 185 -10.56 25.59 18.97
N THR B 186 -11.52 24.77 18.55
CA THR B 186 -11.20 23.43 18.09
C THR B 186 -10.26 23.49 16.91
N ASP B 187 -10.62 24.27 15.91
CA ASP B 187 -9.80 24.38 14.72
C ASP B 187 -8.43 24.92 15.08
N TYR B 188 -8.39 25.92 15.95
CA TYR B 188 -7.12 26.54 16.32
C TYR B 188 -6.20 25.54 17.01
N LEU B 189 -6.71 24.86 18.03
CA LEU B 189 -5.89 23.93 18.78
C LEU B 189 -5.51 22.72 17.94
N MET B 190 -6.40 22.28 17.06
CA MET B 190 -6.04 21.21 16.15
C MET B 190 -4.90 21.65 15.24
N LYS B 191 -4.99 22.86 14.72
CA LYS B 191 -3.94 23.47 13.94
C LYS B 191 -2.62 23.43 14.70
N ILE B 192 -2.64 23.89 15.95
CA ILE B 192 -1.40 23.97 16.71
C ILE B 192 -0.84 22.58 16.99
N LEU B 193 -1.70 21.64 17.40
CA LEU B 193 -1.23 20.29 17.64
C LEU B 193 -0.59 19.71 16.40
N THR B 194 -1.22 19.92 15.24
CA THR B 194 -0.65 19.42 13.99
C THR B 194 0.71 20.06 13.72
N GLU B 195 0.79 21.39 13.82
CA GLU B 195 2.03 22.07 13.46
C GLU B 195 3.17 21.69 14.39
N ARG B 196 2.85 21.24 15.61
CA ARG B 196 3.87 20.82 16.56
C ARG B 196 4.32 19.39 16.35
N GLY B 197 4.10 18.86 15.15
CA GLY B 197 4.51 17.50 14.84
C GLY B 197 3.43 16.48 15.12
N TYR B 198 2.23 16.71 14.57
CA TYR B 198 1.10 15.85 14.84
C TYR B 198 0.13 15.92 13.66
N SER B 199 -0.62 14.83 13.47
CA SER B 199 -1.55 14.69 12.35
C SER B 199 -2.97 14.69 12.91
N PHE B 200 -3.52 15.88 13.10
CA PHE B 200 -4.81 16.06 13.76
C PHE B 200 -5.80 16.62 12.74
N VAL B 201 -6.41 15.73 11.97
CA VAL B 201 -7.33 16.16 10.93
C VAL B 201 -8.67 15.44 11.05
N THR B 202 -8.66 14.29 11.70
CA THR B 202 -9.77 13.35 11.66
C THR B 202 -10.88 13.77 12.62
N THR B 203 -12.10 13.36 12.29
CA THR B 203 -13.27 13.76 13.06
C THR B 203 -13.13 13.33 14.51
N ALA B 204 -13.07 12.02 14.74
CA ALA B 204 -12.87 11.51 16.08
C ALA B 204 -11.70 12.22 16.75
N GLU B 205 -10.67 12.55 15.97
CA GLU B 205 -9.62 13.43 16.45
C GLU B 205 -10.21 14.76 16.91
N ARG B 206 -11.21 15.26 16.19
CA ARG B 206 -11.85 16.52 16.55
C ARG B 206 -12.53 16.41 17.91
N GLU B 207 -13.33 15.36 18.12
CA GLU B 207 -13.94 15.16 19.43
C GLU B 207 -12.87 15.00 20.51
N ILE B 208 -11.85 14.20 20.23
CA ILE B 208 -10.79 13.98 21.20
C ILE B 208 -10.16 15.29 21.61
N VAL B 209 -9.89 16.16 20.63
CA VAL B 209 -9.21 17.41 20.92
C VAL B 209 -10.10 18.32 21.74
N ARG B 210 -11.41 18.36 21.42
CA ARG B 210 -12.29 19.18 22.25
C ARG B 210 -12.27 18.68 23.68
N ASP B 211 -12.28 17.37 23.86
CA ASP B 211 -12.20 16.81 25.20
C ASP B 211 -10.89 17.17 25.87
N ILE B 212 -9.80 17.11 25.09
CA ILE B 212 -8.48 17.51 25.57
C ILE B 212 -8.56 18.90 26.15
N LYS B 213 -9.23 19.79 25.42
CA LYS B 213 -9.54 21.10 25.94
C LYS B 213 -10.25 20.98 27.27
N GLU B 214 -11.46 20.43 27.23
CA GLU B 214 -12.43 20.63 28.29
C GLU B 214 -11.88 20.11 29.61
N LYS B 215 -11.00 19.11 29.54
CA LYS B 215 -10.38 18.56 30.74
C LYS B 215 -8.97 19.08 30.99
N LEU B 216 -8.32 19.70 30.02
CA LEU B 216 -6.97 20.21 30.17
C LEU B 216 -6.85 21.71 29.97
N CYS B 217 -7.34 22.21 28.85
CA CYS B 217 -7.06 23.60 28.51
C CYS B 217 -7.60 24.54 29.58
N TYR B 218 -6.77 25.51 29.95
CA TYR B 218 -7.15 26.59 30.86
C TYR B 218 -6.76 27.90 30.20
N VAL B 219 -6.79 28.98 30.96
CA VAL B 219 -6.33 30.28 30.45
C VAL B 219 -5.53 30.95 31.55
N ALA B 220 -4.43 31.60 31.17
CA ALA B 220 -3.60 32.30 32.13
C ALA B 220 -4.03 33.76 32.23
N LEU B 221 -4.14 34.26 33.46
CA LEU B 221 -4.50 35.66 33.67
C LEU B 221 -3.60 36.58 32.86
N ASP B 222 -2.29 36.36 32.95
CA ASP B 222 -1.29 37.12 32.22
C ASP B 222 -0.86 36.34 30.98
N PHE B 223 -0.47 37.05 29.94
CA PHE B 223 -0.16 36.38 28.70
C PHE B 223 1.34 36.24 28.49
N GLU B 224 2.04 37.37 28.39
CA GLU B 224 3.47 37.28 28.10
C GLU B 224 4.25 36.67 29.25
N ASN B 225 3.89 37.01 30.49
CA ASN B 225 4.64 36.46 31.62
C ASN B 225 4.47 34.95 31.66
N GLU B 226 3.24 34.48 31.43
CA GLU B 226 3.02 33.06 31.37
C GLU B 226 3.59 32.39 30.13
N MET B 227 3.95 33.17 29.13
CA MET B 227 4.49 32.57 27.91
C MET B 227 5.99 32.48 28.16
N ALA B 228 6.56 33.50 28.80
CA ALA B 228 7.95 33.42 29.20
C ALA B 228 8.17 32.24 30.13
N THR B 229 7.27 32.03 31.09
CA THR B 229 7.33 30.82 31.91
C THR B 229 7.42 29.62 30.98
N ALA B 230 6.42 29.47 30.09
CA ALA B 230 6.39 28.33 29.19
C ALA B 230 7.71 28.13 28.46
N ALA B 231 8.48 29.19 28.27
CA ALA B 231 9.83 29.01 27.76
C ALA B 231 10.58 27.97 28.59
N SER B 232 10.35 27.96 29.91
CA SER B 232 10.93 26.94 30.77
C SER B 232 9.99 26.47 31.87
N SER B 233 8.69 26.74 31.77
CA SER B 233 7.78 26.37 32.85
C SER B 233 7.60 24.86 32.83
N SER B 234 8.43 24.16 33.61
CA SER B 234 8.40 22.71 33.67
C SER B 234 7.12 22.17 34.30
N SER B 235 6.23 23.04 34.77
CA SER B 235 4.96 22.58 35.32
C SER B 235 4.11 22.14 34.13
N LEU B 236 3.99 22.99 33.11
CA LEU B 236 2.94 22.86 32.10
C LEU B 236 3.09 21.78 31.04
N GLU B 237 4.11 20.92 31.13
CA GLU B 237 4.34 19.92 30.10
C GLU B 237 3.52 18.67 30.30
N LYS B 238 2.44 18.72 31.08
CA LYS B 238 1.62 17.54 31.27
C LYS B 238 1.21 16.95 29.94
N SER B 239 1.66 15.73 29.68
CA SER B 239 1.30 14.99 28.48
C SER B 239 0.16 14.04 28.80
N TYR B 240 -0.87 14.04 27.95
CA TYR B 240 -2.03 13.20 28.17
C TYR B 240 -2.19 12.03 27.22
N GLU B 241 -2.34 10.84 27.79
CA GLU B 241 -2.57 9.65 26.98
C GLU B 241 -3.51 9.98 25.84
N LEU B 242 -2.99 9.92 24.62
CA LEU B 242 -3.87 10.08 23.48
C LEU B 242 -4.88 8.94 23.59
N PRO B 243 -6.17 9.20 23.43
CA PRO B 243 -7.18 8.20 23.81
C PRO B 243 -6.97 6.92 23.03
N ASP B 244 -6.39 7.00 21.83
CA ASP B 244 -5.92 5.80 21.18
C ASP B 244 -4.95 5.04 22.08
N GLY B 245 -4.20 5.77 22.91
CA GLY B 245 -3.38 5.12 23.91
C GLY B 245 -2.02 5.73 24.20
N GLN B 246 -1.37 6.35 23.23
CA GLN B 246 -0.07 6.95 23.45
C GLN B 246 -0.26 8.34 24.06
N VAL B 247 0.37 8.57 25.20
CA VAL B 247 0.22 9.85 25.89
C VAL B 247 0.61 10.97 24.93
N ILE B 248 -0.30 11.91 24.74
CA ILE B 248 -0.03 13.09 23.95
C ILE B 248 0.51 14.17 24.87
N THR B 249 1.66 14.74 24.50
CA THR B 249 2.28 15.76 25.34
C THR B 249 1.55 17.08 25.18
N ILE B 250 1.57 17.87 26.24
CA ILE B 250 0.93 19.18 26.26
C ILE B 250 1.84 20.19 26.93
N GLY B 251 1.84 21.41 26.42
CA GLY B 251 2.58 22.50 27.04
C GLY B 251 1.72 23.73 27.27
N ASN B 252 2.19 24.88 26.80
CA ASN B 252 1.51 26.15 27.02
C ASN B 252 0.17 26.22 26.32
N GLU B 253 -0.07 25.38 25.32
CA GLU B 253 -1.36 25.40 24.63
C GLU B 253 -2.49 25.15 25.61
N ARG B 254 -2.21 24.42 26.67
CA ARG B 254 -3.18 24.13 27.72
C ARG B 254 -3.83 25.42 28.19
N PHE B 255 -3.19 26.55 27.90
CA PHE B 255 -3.83 27.83 28.13
C PHE B 255 -3.93 28.70 26.89
N ARG B 256 -2.92 28.73 26.02
CA ARG B 256 -2.98 29.82 25.06
C ARG B 256 -3.89 29.51 23.91
N CYS B 257 -4.78 28.53 24.06
CA CYS B 257 -5.76 28.24 23.03
C CYS B 257 -6.88 29.28 23.04
N PRO B 258 -7.60 29.42 24.16
CA PRO B 258 -8.84 30.21 24.14
C PRO B 258 -8.64 31.70 24.32
N GLU B 259 -7.52 32.14 24.90
CA GLU B 259 -7.33 33.56 25.13
C GLU B 259 -7.65 34.36 23.88
N THR B 260 -7.42 33.77 22.70
CA THR B 260 -7.75 34.43 21.45
C THR B 260 -9.19 34.91 21.43
N LEU B 261 -10.04 34.40 22.32
CA LEU B 261 -11.34 35.02 22.50
C LEU B 261 -11.18 36.48 22.93
N PHE B 262 -10.03 36.82 23.49
CA PHE B 262 -9.66 38.23 23.66
C PHE B 262 -8.84 38.76 22.49
N GLN B 263 -7.97 37.92 21.89
CA GLN B 263 -7.18 38.33 20.75
C GLN B 263 -7.50 37.40 19.58
N PRO B 264 -8.36 37.83 18.65
CA PRO B 264 -8.67 37.04 17.47
C PRO B 264 -7.67 37.20 16.35
N SER B 265 -6.51 37.82 16.63
CA SER B 265 -5.51 38.00 15.59
C SER B 265 -4.99 36.62 15.20
N PHE B 266 -4.59 35.82 16.20
CA PHE B 266 -4.08 34.49 15.90
C PHE B 266 -5.13 33.55 15.31
N ILE B 267 -6.39 33.79 15.64
CA ILE B 267 -7.49 33.03 15.07
C ILE B 267 -7.92 33.81 13.84
N GLY B 268 -7.45 35.06 13.75
CA GLY B 268 -7.63 35.84 12.54
C GLY B 268 -8.93 36.59 12.40
N MET B 269 -9.63 36.89 13.49
CA MET B 269 -10.79 37.77 13.44
C MET B 269 -10.51 39.23 13.79
N GLU B 270 -10.70 40.11 12.82
CA GLU B 270 -10.63 41.54 13.10
C GLU B 270 -11.42 41.92 14.35
N SER B 271 -12.46 41.15 14.65
CA SER B 271 -13.27 41.37 15.82
C SER B 271 -12.40 41.55 17.06
N ALA B 272 -12.93 42.28 18.04
CA ALA B 272 -12.24 42.48 19.31
C ALA B 272 -12.63 41.41 20.31
N GLY B 273 -11.70 41.10 21.20
CA GLY B 273 -11.92 40.11 22.23
C GLY B 273 -13.21 40.29 23.02
N ILE B 274 -13.60 39.25 23.74
CA ILE B 274 -14.84 39.29 24.51
C ILE B 274 -14.86 40.49 25.44
N HIS B 275 -13.75 40.72 26.13
CA HIS B 275 -13.72 41.74 27.18
C HIS B 275 -14.04 43.12 26.64
N GLU B 276 -13.37 43.54 25.57
CA GLU B 276 -13.62 44.88 25.07
C GLU B 276 -14.95 44.99 24.33
N THR B 277 -15.46 43.89 23.79
CA THR B 277 -16.83 43.90 23.30
C THR B 277 -17.79 44.22 24.44
N THR B 278 -17.62 43.53 25.57
CA THR B 278 -18.42 43.86 26.74
C THR B 278 -18.24 45.32 27.10
N TYR B 279 -16.99 45.80 27.09
CA TYR B 279 -16.71 47.15 27.55
C TYR B 279 -17.37 48.20 26.65
N ASN B 280 -17.28 48.02 25.33
CA ASN B 280 -17.84 49.03 24.44
C ASN B 280 -19.35 48.98 24.46
N SER B 281 -19.92 47.77 24.57
CA SER B 281 -21.34 47.68 24.90
C SER B 281 -21.64 48.49 26.15
N ILE B 282 -20.75 48.43 27.13
CA ILE B 282 -20.91 49.20 28.36
C ILE B 282 -20.97 50.68 28.05
N MET B 283 -20.00 51.16 27.27
CA MET B 283 -19.97 52.58 26.94
C MET B 283 -21.25 53.01 26.26
N LYS B 284 -21.72 52.22 25.28
CA LYS B 284 -22.99 52.56 24.64
C LYS B 284 -24.13 52.54 25.64
N CYS B 285 -23.98 51.83 26.75
CA CYS B 285 -24.98 51.86 27.81
C CYS B 285 -25.14 53.28 28.33
N ASP B 286 -26.18 53.47 29.14
CA ASP B 286 -26.45 54.78 29.71
C ASP B 286 -25.39 55.07 30.78
N ILE B 287 -25.56 56.18 31.49
CA ILE B 287 -24.52 56.66 32.40
C ILE B 287 -24.26 55.64 33.52
N ASP B 288 -25.26 55.38 34.35
CA ASP B 288 -25.02 54.69 35.60
C ASP B 288 -25.44 53.22 35.59
N ILE B 289 -25.99 52.73 34.50
CA ILE B 289 -26.26 51.30 34.37
C ILE B 289 -24.95 50.54 34.55
N ARG B 290 -23.83 51.26 34.33
CA ARG B 290 -22.55 50.59 34.20
C ARG B 290 -22.05 50.05 35.53
N LYS B 291 -22.37 50.70 36.64
CA LYS B 291 -21.91 50.14 37.91
C LYS B 291 -22.55 48.78 38.12
N ASP B 292 -23.86 48.71 37.88
CA ASP B 292 -24.59 47.46 37.95
C ASP B 292 -23.96 46.44 37.00
N LEU B 293 -23.71 46.85 35.77
CA LEU B 293 -23.04 45.97 34.82
C LEU B 293 -21.79 45.39 35.45
N TYR B 294 -20.96 46.25 36.04
CA TYR B 294 -19.78 45.79 36.78
C TYR B 294 -20.18 44.73 37.79
N ALA B 295 -21.20 45.02 38.59
CA ALA B 295 -21.69 44.07 39.59
C ALA B 295 -22.47 42.94 38.93
N ASN B 296 -23.14 43.21 37.81
CA ASN B 296 -23.90 42.20 37.09
C ASN B 296 -23.10 41.61 35.93
N ASN B 297 -21.78 41.51 36.09
CA ASN B 297 -20.94 40.96 35.05
C ASN B 297 -21.14 39.46 34.92
N VAL B 298 -22.36 39.05 34.57
CA VAL B 298 -22.73 37.65 34.58
C VAL B 298 -22.15 36.95 33.36
N LEU B 299 -21.21 36.04 33.62
CA LEU B 299 -20.69 35.17 32.58
C LEU B 299 -21.62 33.98 32.37
N SER B 300 -21.47 33.34 31.21
CA SER B 300 -22.29 32.19 30.88
C SER B 300 -21.56 31.34 29.86
N GLY B 301 -21.66 30.02 30.02
CA GLY B 301 -21.11 29.10 29.05
C GLY B 301 -20.24 28.10 29.79
N GLY B 302 -20.27 26.85 29.33
CA GLY B 302 -19.39 25.84 29.90
C GLY B 302 -18.15 25.89 29.04
N THR B 303 -18.29 26.34 27.80
CA THR B 303 -17.11 26.62 26.99
C THR B 303 -16.18 27.57 27.71
N THR B 304 -16.74 28.51 28.48
CA THR B 304 -15.98 29.43 29.30
C THR B 304 -15.52 28.81 30.62
N MET B 305 -15.49 27.47 30.68
CA MET B 305 -15.17 26.75 31.90
C MET B 305 -13.73 26.97 32.35
N TYR B 306 -13.01 27.81 31.66
CA TYR B 306 -11.58 27.85 31.89
C TYR B 306 -11.24 28.53 33.22
N PRO B 307 -10.12 28.14 33.81
CA PRO B 307 -9.73 28.72 35.10
C PRO B 307 -9.15 30.12 35.05
N GLY B 308 -9.68 30.99 35.91
CA GLY B 308 -9.26 32.38 35.94
C GLY B 308 -9.94 33.23 34.89
N ILE B 309 -10.92 32.65 34.20
CA ILE B 309 -11.64 33.39 33.17
C ILE B 309 -12.29 34.63 33.79
N ALA B 310 -13.01 34.43 34.88
CA ALA B 310 -13.64 35.57 35.55
C ALA B 310 -12.60 36.55 36.05
N ASP B 311 -11.53 36.04 36.67
CA ASP B 311 -10.48 36.90 37.19
C ASP B 311 -9.84 37.70 36.07
N ARG B 312 -9.55 37.03 34.95
CA ARG B 312 -9.08 37.76 33.78
C ARG B 312 -10.08 38.82 33.39
N MET B 313 -11.36 38.53 33.56
CA MET B 313 -12.37 39.55 33.32
C MET B 313 -12.03 40.75 34.19
N GLN B 314 -12.15 40.58 35.50
CA GLN B 314 -12.03 41.74 36.39
C GLN B 314 -10.76 42.52 36.07
N LYS B 315 -9.65 41.81 35.83
CA LYS B 315 -8.40 42.53 35.62
C LYS B 315 -8.42 43.31 34.31
N GLU B 316 -8.91 42.68 33.24
CA GLU B 316 -8.95 43.37 31.96
C GLU B 316 -9.86 44.60 32.02
N ILE B 317 -11.04 44.44 32.63
CA ILE B 317 -11.93 45.58 32.80
C ILE B 317 -11.10 46.59 33.56
N THR B 318 -10.68 46.26 34.77
CA THR B 318 -9.87 47.19 35.55
C THR B 318 -8.93 48.00 34.68
N ALA B 319 -8.15 47.33 33.84
CA ALA B 319 -7.34 48.02 32.86
C ALA B 319 -8.19 48.94 32.00
N LEU B 320 -9.45 48.55 31.77
CA LEU B 320 -10.38 49.35 30.98
C LEU B 320 -11.28 50.22 31.86
N ALA B 321 -12.04 49.58 32.75
CA ALA B 321 -13.00 50.29 33.56
C ALA B 321 -12.30 51.20 34.57
N PRO B 322 -12.89 52.35 34.88
CA PRO B 322 -12.32 53.21 35.92
C PRO B 322 -12.31 52.48 37.26
N SER B 323 -11.21 52.67 38.00
CA SER B 323 -11.12 52.10 39.34
C SER B 323 -12.21 52.65 40.24
N THR B 324 -12.71 53.85 39.92
CA THR B 324 -13.80 54.44 40.70
C THR B 324 -14.94 53.45 40.86
N MET B 325 -15.30 52.78 39.77
CA MET B 325 -16.35 51.79 39.81
C MET B 325 -15.76 50.42 40.14
N LYS B 326 -16.61 49.55 40.67
CA LYS B 326 -16.20 48.25 41.15
C LYS B 326 -16.79 47.17 40.26
N ILE B 327 -15.96 46.24 39.82
CA ILE B 327 -16.33 45.24 38.83
C ILE B 327 -16.61 43.92 39.53
N LYS B 328 -17.74 43.29 39.18
CA LYS B 328 -18.11 41.99 39.74
C LYS B 328 -18.66 41.11 38.62
N ILE B 329 -17.82 40.23 38.10
CA ILE B 329 -18.23 39.28 37.08
C ILE B 329 -18.91 38.10 37.76
N ILE B 330 -19.97 37.59 37.13
CA ILE B 330 -20.78 36.51 37.67
C ILE B 330 -20.40 35.37 36.75
N ALA B 331 -20.53 34.15 37.20
CA ALA B 331 -20.28 32.96 36.39
C ALA B 331 -20.73 31.77 37.20
N PRO B 332 -21.93 31.25 36.97
CA PRO B 332 -22.36 30.08 37.72
C PRO B 332 -21.60 28.84 37.26
N PRO B 333 -21.37 27.88 38.16
CA PRO B 333 -20.90 26.58 37.68
C PRO B 333 -21.89 25.95 36.72
N GLU B 334 -23.18 26.24 36.91
CA GLU B 334 -24.27 25.74 36.10
C GLU B 334 -24.60 26.69 34.95
N ARG B 335 -23.60 27.09 34.17
CA ARG B 335 -23.84 28.01 33.08
C ARG B 335 -24.29 27.52 31.71
N LYS B 336 -24.05 26.25 31.40
CA LYS B 336 -24.24 25.78 30.04
C LYS B 336 -25.66 25.22 30.16
N TYR B 337 -25.95 24.55 31.26
CA TYR B 337 -27.32 24.09 31.51
C TYR B 337 -28.19 25.16 32.14
N SER B 338 -27.62 26.32 32.48
CA SER B 338 -28.44 27.41 32.98
C SER B 338 -29.46 27.85 31.95
N VAL B 339 -29.10 27.79 30.67
CA VAL B 339 -30.06 28.12 29.63
C VAL B 339 -31.27 27.20 29.72
N TRP B 340 -31.01 25.89 29.83
CA TRP B 340 -32.11 24.94 29.91
C TRP B 340 -32.89 25.12 31.20
N ILE B 341 -32.23 25.50 32.27
CA ILE B 341 -32.93 25.75 33.53
C ILE B 341 -33.88 26.92 33.39
N GLY B 342 -33.40 28.02 32.80
CA GLY B 342 -34.28 29.16 32.56
C GLY B 342 -35.43 28.80 31.64
N GLY B 343 -35.15 27.98 30.62
CA GLY B 343 -36.24 27.51 29.77
C GLY B 343 -37.25 26.69 30.54
N SER B 344 -36.78 25.80 31.41
CA SER B 344 -37.68 24.99 32.21
C SER B 344 -38.54 25.85 33.10
N ILE B 345 -37.95 26.87 33.72
CA ILE B 345 -38.72 27.75 34.59
C ILE B 345 -39.76 28.52 33.77
N LEU B 346 -39.33 29.11 32.66
CA LEU B 346 -40.23 29.97 31.90
C LEU B 346 -41.37 29.16 31.29
N ALA B 347 -41.04 28.08 30.58
CA ALA B 347 -42.09 27.22 30.06
C ALA B 347 -42.96 26.69 31.19
N SER B 348 -42.34 26.37 32.32
CA SER B 348 -43.07 25.98 33.51
C SER B 348 -43.92 27.12 34.04
N LEU B 349 -43.77 28.32 33.51
CA LEU B 349 -44.50 29.49 33.99
C LEU B 349 -45.97 29.30 33.64
N SER B 350 -46.63 28.48 34.45
CA SER B 350 -48.04 28.18 34.23
C SER B 350 -48.90 29.42 34.35
N THR B 351 -48.31 30.54 34.77
CA THR B 351 -49.01 31.80 34.68
C THR B 351 -48.79 32.35 33.28
N PHE B 352 -48.07 31.63 32.42
CA PHE B 352 -47.64 32.16 31.14
C PHE B 352 -47.89 31.22 29.97
N GLN B 353 -49.01 30.50 29.99
CA GLN B 353 -49.45 29.80 28.79
C GLN B 353 -49.84 30.76 27.70
N GLN B 354 -50.34 31.94 28.08
CA GLN B 354 -50.97 32.83 27.12
C GLN B 354 -50.03 33.14 25.95
N MET B 355 -48.72 33.14 26.19
CA MET B 355 -47.79 33.41 25.10
C MET B 355 -47.58 32.21 24.22
N TRP B 356 -48.42 31.18 24.30
CA TRP B 356 -48.10 29.88 23.74
C TRP B 356 -48.53 29.78 22.29
N ILE B 357 -47.66 29.21 21.47
CA ILE B 357 -47.94 29.04 20.04
C ILE B 357 -48.81 27.81 19.86
N SER B 358 -50.10 28.02 19.67
CA SER B 358 -51.07 26.93 19.63
C SER B 358 -51.32 26.48 18.20
N LYS B 359 -52.07 25.37 18.08
CA LYS B 359 -52.51 24.91 16.78
C LYS B 359 -53.21 26.01 16.00
N GLN B 360 -54.34 26.48 16.53
CA GLN B 360 -55.23 27.37 15.79
C GLN B 360 -54.52 28.66 15.41
N GLU B 361 -54.12 29.45 16.42
CA GLU B 361 -53.42 30.70 16.15
C GLU B 361 -52.47 30.54 14.98
N TYR B 362 -51.64 29.50 15.00
CA TYR B 362 -50.74 29.24 13.88
C TYR B 362 -51.53 29.03 12.59
N ASP B 363 -52.50 28.12 12.63
CA ASP B 363 -53.16 27.68 11.41
C ASP B 363 -53.87 28.83 10.71
N GLU B 364 -54.71 29.54 11.46
CA GLU B 364 -55.39 30.70 10.90
C GLU B 364 -54.40 31.76 10.48
N ALA B 365 -53.37 32.00 11.29
CA ALA B 365 -52.36 33.00 10.97
C ALA B 365 -51.13 32.41 10.30
N GLY B 366 -51.18 31.14 9.92
CA GLY B 366 -50.08 30.51 9.23
C GLY B 366 -48.82 30.57 10.05
N PRO B 367 -47.67 30.57 9.38
CA PRO B 367 -46.40 30.63 10.10
C PRO B 367 -46.05 32.02 10.58
N SER B 368 -46.46 33.03 9.81
CA SER B 368 -46.05 34.40 10.11
C SER B 368 -46.49 34.85 11.49
N ILE B 369 -47.57 34.27 12.02
CA ILE B 369 -48.15 34.75 13.28
C ILE B 369 -47.12 34.73 14.39
N VAL B 370 -46.45 33.60 14.56
CA VAL B 370 -45.53 33.37 15.68
C VAL B 370 -44.50 34.49 15.76
N HIS B 371 -44.33 35.21 14.67
CA HIS B 371 -43.31 36.25 14.57
C HIS B 371 -43.85 37.62 14.95
N ARG B 372 -45.09 37.90 14.56
CA ARG B 372 -45.70 39.17 14.89
C ARG B 372 -46.26 39.12 16.32
N LYS B 373 -45.86 40.10 17.12
CA LYS B 373 -46.35 40.28 18.49
C LYS B 373 -46.04 39.08 19.38
N CYS B 374 -45.22 38.14 18.92
CA CYS B 374 -44.94 36.94 19.69
C CYS B 374 -43.70 36.28 19.11
N PHE B 375 -43.22 35.25 19.81
CA PHE B 375 -42.09 34.44 19.38
C PHE B 375 -42.25 33.03 19.93
N ASP C 1 37.64 30.97 -4.31
CA ASP C 1 38.60 31.37 -5.34
C ASP C 1 37.96 32.36 -6.30
N ASP C 2 37.09 33.23 -5.78
CA ASP C 2 36.37 34.20 -6.59
C ASP C 2 35.93 35.34 -5.67
N GLU C 3 34.97 36.14 -6.14
CA GLU C 3 34.52 37.31 -5.40
C GLU C 3 33.60 36.90 -4.26
N GLU C 4 32.89 37.87 -3.67
CA GLU C 4 32.29 37.73 -2.35
C GLU C 4 31.66 36.36 -2.12
N THR C 5 30.58 36.04 -2.82
CA THR C 5 30.01 34.71 -2.74
C THR C 5 28.78 34.67 -3.65
N THR C 6 28.25 33.46 -3.81
CA THR C 6 26.92 33.25 -4.38
C THR C 6 26.19 32.21 -3.53
N ALA C 7 24.92 32.49 -3.29
CA ALA C 7 24.13 31.70 -2.37
C ALA C 7 24.08 30.24 -2.80
N LEU C 8 23.61 29.39 -1.89
CA LEU C 8 23.49 27.97 -2.12
C LEU C 8 21.99 27.65 -2.10
N VAL C 9 21.34 27.82 -3.24
CA VAL C 9 19.90 27.57 -3.35
C VAL C 9 19.71 26.05 -3.37
N CYS C 10 19.38 25.50 -2.22
CA CYS C 10 19.25 24.06 -2.04
C CYS C 10 17.83 23.73 -1.63
N ASP C 11 17.18 22.84 -2.38
CA ASP C 11 15.84 22.40 -2.09
C ASP C 11 15.83 20.95 -1.62
N ASN C 12 15.12 20.69 -0.53
CA ASN C 12 14.85 19.33 -0.10
C ASN C 12 13.47 18.93 -0.63
N GLY C 13 13.39 18.89 -1.97
CA GLY C 13 12.16 18.47 -2.61
C GLY C 13 11.70 17.17 -2.00
N SER C 14 10.39 17.07 -1.71
CA SER C 14 9.90 15.96 -0.90
C SER C 14 10.38 14.62 -1.45
N GLY C 15 10.38 14.45 -2.76
CA GLY C 15 10.84 13.22 -3.36
C GLY C 15 12.32 13.25 -3.71
N LEU C 16 12.76 14.35 -4.32
CA LEU C 16 14.16 14.53 -4.69
C LEU C 16 14.69 15.81 -4.05
N VAL C 17 15.97 15.82 -3.76
CA VAL C 17 16.61 17.02 -3.28
C VAL C 17 17.25 17.72 -4.47
N LYS C 18 17.04 19.03 -4.55
CA LYS C 18 17.50 19.81 -5.68
C LYS C 18 18.12 21.10 -5.18
N ALA C 19 19.11 21.59 -5.93
CA ALA C 19 19.83 22.77 -5.47
C ALA C 19 20.74 23.28 -6.58
N GLY C 20 21.11 24.55 -6.45
CA GLY C 20 22.06 25.18 -7.32
C GLY C 20 22.68 26.35 -6.58
N PHE C 21 23.39 27.21 -7.29
CA PHE C 21 23.92 28.40 -6.65
C PHE C 21 22.88 29.52 -6.69
N ALA C 22 23.24 30.66 -6.08
CA ALA C 22 22.36 31.81 -6.19
C ALA C 22 22.16 32.18 -7.64
N GLY C 23 20.91 32.43 -8.02
CA GLY C 23 20.61 32.87 -9.36
C GLY C 23 20.98 31.90 -10.46
N ASP C 24 21.10 30.62 -10.15
CA ASP C 24 21.31 29.65 -11.21
C ASP C 24 20.01 29.42 -11.98
N ASP C 25 20.16 29.04 -13.25
CA ASP C 25 19.02 28.79 -14.11
C ASP C 25 18.45 27.39 -13.92
N ALA C 26 19.08 26.56 -13.09
CA ALA C 26 18.57 25.22 -12.82
C ALA C 26 19.30 24.64 -11.61
N PRO C 27 18.59 24.00 -10.69
CA PRO C 27 19.28 23.33 -9.59
C PRO C 27 20.12 22.19 -10.13
N ARG C 28 21.44 22.33 -10.06
CA ARG C 28 22.34 21.38 -10.70
C ARG C 28 22.26 19.99 -10.09
N ALA C 29 21.67 19.83 -8.92
CA ALA C 29 21.57 18.53 -8.25
C ALA C 29 20.11 18.17 -8.04
N VAL C 30 19.75 16.95 -8.44
CA VAL C 30 18.41 16.42 -8.23
C VAL C 30 18.51 14.90 -8.20
N PHE C 31 17.86 14.27 -7.23
CA PHE C 31 17.92 12.83 -7.09
C PHE C 31 16.99 12.42 -5.95
N PRO C 32 16.63 11.13 -5.89
CA PRO C 32 15.66 10.69 -4.89
C PRO C 32 16.19 10.80 -3.47
N SER C 33 15.26 10.96 -2.53
CA SER C 33 15.58 11.03 -1.11
C SER C 33 15.48 9.65 -0.47
N ILE C 34 16.21 8.71 -1.04
CA ILE C 34 16.15 7.31 -0.65
C ILE C 34 17.38 6.92 0.13
N VAL C 35 17.20 5.96 1.03
CA VAL C 35 18.30 5.33 1.76
C VAL C 35 18.28 3.85 1.39
N GLY C 36 19.46 3.30 1.13
CA GLY C 36 19.53 1.94 0.62
C GLY C 36 20.19 0.92 1.52
N ARG C 37 19.47 -0.14 1.85
CA ARG C 37 20.02 -1.24 2.63
C ARG C 37 20.09 -2.50 1.77
N PRO C 38 21.26 -2.90 1.30
CA PRO C 38 21.35 -4.16 0.56
C PRO C 38 20.78 -5.32 1.35
N ARG C 39 19.76 -5.97 0.80
CA ARG C 39 19.02 -6.98 1.57
C ARG C 39 19.95 -8.08 2.08
N HIS C 40 20.54 -8.86 1.17
CA HIS C 40 21.31 -10.02 1.58
C HIS C 40 22.77 -9.71 1.86
N GLN C 41 23.30 -8.63 1.30
CA GLN C 41 24.66 -8.20 1.58
C GLN C 41 25.66 -9.33 1.34
N GLY C 42 25.75 -9.75 0.08
CA GLY C 42 26.63 -10.83 -0.27
C GLY C 42 28.09 -10.47 -0.06
N VAL C 43 28.86 -11.46 0.37
CA VAL C 43 30.29 -11.28 0.59
C VAL C 43 31.04 -11.63 -0.68
N MET C 44 31.88 -10.71 -1.16
CA MET C 44 32.67 -10.94 -2.35
C MET C 44 34.11 -10.51 -2.09
N VAL C 45 34.95 -10.82 -3.07
CA VAL C 45 36.31 -10.30 -3.08
C VAL C 45 36.23 -8.78 -2.96
N GLY C 46 36.82 -8.25 -1.89
CA GLY C 46 36.81 -6.82 -1.69
C GLY C 46 35.42 -6.26 -1.43
N MET C 47 35.25 -4.97 -1.72
CA MET C 47 34.02 -4.26 -1.46
C MET C 47 33.80 -3.33 -2.64
N GLY C 48 33.00 -2.30 -2.46
CA GLY C 48 32.73 -1.34 -3.52
C GLY C 48 31.31 -0.83 -3.43
N GLN C 49 30.59 -1.36 -2.45
CA GLN C 49 29.21 -0.97 -2.20
C GLN C 49 29.16 -0.18 -0.91
N LYS C 50 28.81 1.09 -1.00
CA LYS C 50 28.49 1.83 0.20
C LYS C 50 27.03 1.57 0.56
N ASP C 51 26.75 1.57 1.86
CA ASP C 51 25.40 1.32 2.33
C ASP C 51 24.38 2.19 1.63
N SER C 52 24.47 3.51 1.80
CA SER C 52 23.40 4.44 1.43
C SER C 52 23.94 5.67 0.70
N TYR C 53 24.75 5.45 -0.34
CA TYR C 53 25.04 6.51 -1.30
C TYR C 53 23.97 6.65 -2.36
N VAL C 54 22.72 6.34 -2.02
CA VAL C 54 21.64 6.18 -2.98
C VAL C 54 21.70 7.27 -4.04
N GLY C 55 21.62 8.53 -3.61
CA GLY C 55 21.63 9.63 -4.54
C GLY C 55 20.82 9.30 -5.77
N ASP C 56 21.49 9.26 -6.91
CA ASP C 56 20.93 8.67 -8.12
C ASP C 56 21.51 7.30 -8.43
N GLU C 57 22.58 6.91 -7.74
CA GLU C 57 23.20 5.62 -8.03
C GLU C 57 22.31 4.46 -7.61
N ALA C 58 21.72 4.56 -6.42
CA ALA C 58 21.12 3.38 -5.81
C ALA C 58 20.03 2.78 -6.69
N GLN C 59 19.10 3.61 -7.16
CA GLN C 59 17.94 3.08 -7.86
C GLN C 59 18.34 2.29 -9.09
N SER C 60 19.31 2.80 -9.86
CA SER C 60 19.83 2.02 -10.98
C SER C 60 20.32 0.66 -10.51
N LYS C 61 21.15 0.66 -9.47
CA LYS C 61 21.67 -0.53 -8.82
C LYS C 61 20.88 -0.89 -7.57
N ARG C 62 19.56 -0.75 -7.71
CA ARG C 62 18.56 -0.97 -6.68
C ARG C 62 18.38 -2.46 -6.40
N GLY C 63 17.33 -2.77 -5.64
CA GLY C 63 16.91 -4.13 -5.37
C GLY C 63 17.43 -4.67 -4.05
N ILE C 64 18.74 -4.88 -3.97
CA ILE C 64 19.32 -5.34 -2.72
C ILE C 64 19.00 -4.29 -1.67
N LEU C 65 19.39 -3.05 -1.91
CA LEU C 65 19.05 -1.95 -1.02
C LEU C 65 17.57 -1.63 -1.03
N THR C 66 17.03 -1.36 0.16
CA THR C 66 15.66 -0.89 0.26
C THR C 66 15.64 0.64 0.15
N LEU C 67 14.47 1.25 0.29
CA LEU C 67 14.29 2.68 0.11
C LEU C 67 13.94 3.35 1.43
N LYS C 68 14.49 4.54 1.66
CA LYS C 68 14.17 5.27 2.87
C LYS C 68 14.20 6.77 2.58
N TYR C 69 13.15 7.46 3.00
CA TYR C 69 13.11 8.91 3.02
C TYR C 69 13.32 9.37 4.45
N PRO C 70 14.34 10.17 4.77
CA PRO C 70 14.37 10.80 6.09
C PRO C 70 13.14 11.66 6.35
N ILE C 71 12.57 12.24 5.30
CA ILE C 71 11.53 13.27 5.36
C ILE C 71 10.20 12.61 5.00
N GLU C 72 10.06 11.34 5.37
CA GLU C 72 9.11 10.41 4.76
C GLU C 72 7.83 11.08 4.30
N HIS C 73 7.19 11.83 5.17
CA HIS C 73 5.87 12.38 4.89
C HIS C 73 5.95 13.90 4.81
N GLY C 74 6.96 14.40 4.12
CA GLY C 74 7.29 15.80 4.19
C GLY C 74 7.89 16.20 5.52
N ILE C 75 8.06 15.25 6.43
CA ILE C 75 8.65 15.50 7.73
C ILE C 75 9.67 14.41 8.00
N ILE C 76 10.83 14.81 8.48
CA ILE C 76 12.00 13.95 8.56
C ILE C 76 12.02 13.24 9.91
N THR C 77 12.19 11.91 9.87
CA THR C 77 12.27 11.09 11.08
C THR C 77 13.70 10.73 11.44
N ASN C 78 14.57 10.61 10.46
CA ASN C 78 15.99 10.36 10.68
C ASN C 78 16.82 11.40 9.95
N TRP C 79 17.99 11.69 10.50
CA TRP C 79 18.82 12.78 10.02
C TRP C 79 20.24 12.38 9.70
N ASP C 80 20.85 11.51 10.52
CA ASP C 80 22.19 11.02 10.26
C ASP C 80 22.28 10.60 8.80
N ASP C 81 21.41 9.68 8.41
CA ASP C 81 21.16 9.41 7.01
C ASP C 81 21.08 10.71 6.23
N MET C 82 20.28 11.65 6.74
CA MET C 82 19.96 12.83 5.96
C MET C 82 21.12 13.81 5.86
N GLU C 83 21.87 14.03 6.95
CA GLU C 83 23.02 14.93 6.81
C GLU C 83 24.08 14.29 5.93
N LYS C 84 24.27 12.98 6.05
CA LYS C 84 25.15 12.34 5.07
C LYS C 84 24.61 12.51 3.66
N ILE C 85 23.29 12.59 3.52
CA ILE C 85 22.69 12.89 2.22
C ILE C 85 23.16 14.25 1.73
N TRP C 86 23.06 15.26 2.59
CA TRP C 86 23.54 16.57 2.14
C TRP C 86 25.02 16.56 1.90
N HIS C 87 25.79 15.75 2.63
CA HIS C 87 27.21 15.66 2.35
C HIS C 87 27.44 15.12 0.95
N HIS C 88 26.73 14.04 0.60
CA HIS C 88 26.74 13.59 -0.77
C HIS C 88 26.43 14.74 -1.71
N THR C 89 25.43 15.54 -1.35
CA THR C 89 25.04 16.67 -2.16
C THR C 89 26.22 17.61 -2.38
N PHE C 90 26.73 18.17 -1.30
CA PHE C 90 27.72 19.24 -1.31
C PHE C 90 29.11 18.80 -1.67
N TYR C 91 29.34 17.51 -1.89
CA TYR C 91 30.69 17.03 -2.11
C TYR C 91 30.73 15.98 -3.20
N ASN C 92 29.62 15.70 -3.84
CA ASN C 92 29.56 14.72 -4.91
C ASN C 92 28.91 15.28 -6.16
N GLU C 93 27.86 16.08 -6.00
CA GLU C 93 27.30 16.89 -7.08
C GLU C 93 27.23 18.36 -6.76
N LEU C 94 27.47 18.74 -5.50
CA LEU C 94 27.74 20.13 -5.21
C LEU C 94 29.25 20.17 -5.04
N ARG C 95 29.84 19.07 -4.56
CA ARG C 95 31.28 18.91 -4.46
C ARG C 95 31.94 20.22 -4.02
N VAL C 96 31.32 20.90 -3.05
CA VAL C 96 31.73 22.24 -2.67
C VAL C 96 31.85 22.32 -1.16
N ALA C 97 32.64 23.29 -0.71
CA ALA C 97 32.78 23.54 0.72
C ALA C 97 31.60 24.39 1.18
N PRO C 98 30.74 23.84 2.04
CA PRO C 98 29.59 24.63 2.52
C PRO C 98 30.03 25.91 3.21
N GLU C 99 31.14 25.88 3.94
CA GLU C 99 31.66 27.09 4.57
C GLU C 99 31.86 28.18 3.55
N GLU C 100 32.13 27.81 2.30
CA GLU C 100 32.43 28.79 1.27
C GLU C 100 31.22 29.65 0.93
N HIS C 101 30.04 29.04 0.83
CA HIS C 101 28.92 29.72 0.17
C HIS C 101 27.70 29.75 1.08
N PRO C 102 26.98 30.86 1.13
CA PRO C 102 25.72 30.88 1.86
C PRO C 102 24.70 29.98 1.20
N THR C 103 23.81 29.40 2.01
CA THR C 103 22.78 28.50 1.50
C THR C 103 21.43 28.85 2.11
N LEU C 104 20.42 28.95 1.26
CA LEU C 104 19.04 29.07 1.69
C LEU C 104 18.40 27.69 1.69
N LEU C 105 17.60 27.41 2.71
CA LEU C 105 17.03 26.09 2.91
C LEU C 105 15.51 26.14 2.79
N THR C 106 14.95 25.03 2.34
CA THR C 106 13.51 24.89 2.10
C THR C 106 12.90 24.17 3.30
N GLU C 107 11.92 24.82 3.93
CA GLU C 107 11.18 24.23 5.04
C GLU C 107 9.69 24.36 4.77
N ALA C 108 8.95 23.29 4.98
CA ALA C 108 7.52 23.27 4.68
C ALA C 108 6.71 23.77 5.88
N PRO C 109 5.53 24.33 5.62
CA PRO C 109 4.69 24.80 6.73
C PRO C 109 4.26 23.65 7.63
N LEU C 110 3.95 24.00 8.88
CA LEU C 110 3.46 23.09 9.90
C LEU C 110 4.58 22.29 10.53
N ASN C 111 5.82 22.55 10.17
CA ASN C 111 6.95 21.86 10.78
C ASN C 111 7.04 22.22 12.26
N PRO C 112 7.25 21.25 13.14
CA PRO C 112 7.68 21.58 14.50
C PRO C 112 8.99 22.36 14.45
N LYS C 113 9.10 23.34 15.34
CA LYS C 113 10.23 24.26 15.29
C LYS C 113 11.55 23.50 15.41
N ALA C 114 11.60 22.47 16.26
CA ALA C 114 12.85 21.77 16.51
C ALA C 114 13.45 21.22 15.22
N ASN C 115 12.61 20.90 14.23
CA ASN C 115 13.13 20.37 12.98
C ASN C 115 14.10 21.36 12.34
N ARG C 116 13.63 22.59 12.13
CA ARG C 116 14.53 23.58 11.56
C ARG C 116 15.62 23.97 12.55
N GLU C 117 15.32 23.95 13.85
CA GLU C 117 16.36 24.15 14.84
C GLU C 117 17.57 23.28 14.50
N LYS C 118 17.37 21.97 14.56
CA LYS C 118 18.49 21.07 14.35
C LYS C 118 19.05 21.23 12.95
N MET C 119 18.23 21.05 11.91
CA MET C 119 18.76 21.23 10.57
C MET C 119 19.73 22.41 10.53
N THR C 120 19.37 23.52 11.16
CA THR C 120 20.29 24.65 11.26
C THR C 120 21.59 24.24 11.93
N GLN C 121 21.56 23.89 13.22
CA GLN C 121 22.85 23.79 13.90
C GLN C 121 23.71 22.73 13.26
N ILE C 122 23.10 21.65 12.78
CA ILE C 122 23.88 20.61 12.11
C ILE C 122 24.53 21.15 10.85
N MET C 123 23.80 21.94 10.07
CA MET C 123 24.42 22.49 8.87
C MET C 123 25.55 23.44 9.25
N PHE C 124 25.33 24.29 10.26
CA PHE C 124 26.41 25.11 10.78
C PHE C 124 27.63 24.28 11.13
N GLU C 125 27.45 23.26 11.95
CA GLU C 125 28.59 22.54 12.53
C GLU C 125 29.27 21.67 11.47
N THR C 126 28.53 20.71 10.93
CA THR C 126 29.06 19.84 9.90
C THR C 126 29.48 20.63 8.66
N PHE C 127 28.66 21.58 8.24
CA PHE C 127 28.90 22.28 6.99
C PHE C 127 29.50 23.66 7.17
N ASN C 128 29.40 24.26 8.36
CA ASN C 128 30.11 25.50 8.65
C ASN C 128 30.01 26.49 7.50
N VAL C 129 28.91 26.43 6.76
CA VAL C 129 28.67 27.38 5.67
C VAL C 129 28.90 28.76 6.23
N PRO C 130 29.15 29.78 5.40
CA PRO C 130 29.36 31.12 5.96
C PRO C 130 28.25 31.43 6.96
N ALA C 131 27.04 31.08 6.57
CA ALA C 131 25.86 31.07 7.43
C ALA C 131 24.74 30.56 6.55
N MET C 132 23.50 30.48 7.04
CA MET C 132 22.43 30.01 6.18
C MET C 132 21.18 30.86 6.34
N TYR C 133 20.15 30.45 5.60
CA TYR C 133 18.79 30.96 5.71
C TYR C 133 17.86 29.89 5.16
N VAL C 134 16.59 29.94 5.58
CA VAL C 134 15.62 28.94 5.19
C VAL C 134 14.33 29.64 4.80
N ALA C 135 13.51 28.94 3.99
CA ALA C 135 12.23 29.49 3.59
C ALA C 135 11.29 28.37 3.19
N ILE C 136 10.00 28.67 3.24
CA ILE C 136 8.97 27.70 2.90
C ILE C 136 9.03 27.39 1.42
N GLN C 137 9.16 26.11 1.08
CA GLN C 137 9.13 25.73 -0.33
C GLN C 137 7.88 26.29 -1.01
N ALA C 138 6.74 26.21 -0.32
CA ALA C 138 5.54 26.84 -0.86
C ALA C 138 5.77 28.31 -1.13
N VAL C 139 6.35 29.01 -0.15
CA VAL C 139 6.57 30.45 -0.29
C VAL C 139 7.58 30.73 -1.40
N LEU C 140 8.61 29.88 -1.50
CA LEU C 140 9.62 30.10 -2.54
C LEU C 140 9.04 29.90 -3.92
N SER C 141 8.23 28.86 -4.11
CA SER C 141 7.50 28.72 -5.36
C SER C 141 6.59 29.92 -5.59
N LEU C 142 6.01 30.45 -4.52
CA LEU C 142 5.16 31.63 -4.63
C LEU C 142 5.86 32.90 -5.08
N TYR C 143 7.16 32.99 -4.82
CA TYR C 143 7.92 34.14 -5.30
C TYR C 143 8.30 33.76 -6.72
N ALA C 144 8.55 32.47 -6.96
CA ALA C 144 8.76 31.99 -8.31
C ALA C 144 7.60 32.36 -9.21
N SER C 145 6.39 32.47 -8.64
CA SER C 145 5.25 32.92 -9.43
C SER C 145 5.39 34.39 -9.79
N GLY C 146 5.91 35.19 -8.86
CA GLY C 146 5.81 36.63 -8.99
C GLY C 146 4.39 37.14 -8.92
N ARG C 147 3.39 36.27 -8.91
CA ARG C 147 1.99 36.68 -8.85
C ARG C 147 1.70 37.05 -7.40
N THR C 148 1.80 38.35 -7.10
CA THR C 148 1.68 38.79 -5.73
C THR C 148 0.37 38.28 -5.15
N THR C 149 -0.71 38.34 -5.92
CA THR C 149 -2.01 37.94 -5.44
C THR C 149 -2.50 36.60 -5.98
N GLY C 150 -3.36 35.95 -5.21
CA GLY C 150 -3.95 34.69 -5.61
C GLY C 150 -3.48 33.50 -4.79
N ILE C 151 -4.21 32.41 -4.89
CA ILE C 151 -3.85 31.18 -4.21
C ILE C 151 -3.09 30.28 -5.17
N VAL C 152 -2.20 29.47 -4.61
CA VAL C 152 -1.44 28.49 -5.40
C VAL C 152 -1.75 27.11 -4.86
N LEU C 153 -2.08 26.19 -5.76
CA LEU C 153 -2.25 24.79 -5.41
C LEU C 153 -0.87 24.14 -5.45
N ASP C 154 -0.17 24.16 -4.32
CA ASP C 154 1.20 23.67 -4.25
C ASP C 154 1.15 22.15 -4.09
N SER C 155 0.71 21.47 -5.14
CA SER C 155 0.75 20.01 -5.21
C SER C 155 1.96 19.67 -6.08
N GLY C 156 3.13 19.65 -5.46
CA GLY C 156 4.36 19.49 -6.21
C GLY C 156 5.09 18.19 -5.95
N ASP C 157 6.15 18.26 -5.16
CA ASP C 157 7.02 17.10 -5.00
C ASP C 157 6.28 15.94 -4.34
N GLY C 158 5.87 16.12 -3.08
CA GLY C 158 5.18 15.08 -2.37
C GLY C 158 4.15 15.60 -1.39
N VAL C 159 3.68 16.84 -1.59
CA VAL C 159 2.76 17.48 -0.67
C VAL C 159 1.72 18.25 -1.48
N THR C 160 0.64 18.64 -0.80
CA THR C 160 -0.39 19.46 -1.43
C THR C 160 -0.97 20.42 -0.40
N HIS C 161 -1.11 21.67 -0.82
CA HIS C 161 -1.68 22.72 0.02
C HIS C 161 -2.30 23.75 -0.91
N ASN C 162 -2.93 24.75 -0.32
CA ASN C 162 -3.40 25.93 -1.02
C ASN C 162 -2.75 27.16 -0.42
N VAL C 163 -2.31 28.08 -1.26
CA VAL C 163 -1.59 29.25 -0.79
C VAL C 163 -2.30 30.51 -1.26
N PRO C 164 -3.42 30.87 -0.65
CA PRO C 164 -4.10 32.11 -1.02
C PRO C 164 -3.19 33.30 -0.76
N ILE C 165 -3.21 34.26 -1.68
CA ILE C 165 -2.29 35.38 -1.60
C ILE C 165 -2.99 36.62 -2.14
N TYR C 166 -2.40 37.77 -1.86
CA TYR C 166 -2.74 39.05 -2.48
C TYR C 166 -1.55 39.96 -2.33
N GLU C 167 -0.93 40.34 -3.46
CA GLU C 167 0.20 41.24 -3.43
C GLU C 167 1.25 40.62 -2.51
N GLY C 168 1.40 39.30 -2.58
CA GLY C 168 2.25 38.56 -1.68
C GLY C 168 1.65 38.28 -0.33
N TYR C 169 0.35 38.55 -0.15
CA TYR C 169 -0.26 38.54 1.17
C TYR C 169 -1.09 37.27 1.29
N ALA C 170 -0.64 36.35 2.12
CA ALA C 170 -1.26 35.04 2.28
C ALA C 170 -1.74 34.85 3.71
N LEU C 171 -2.88 34.18 3.87
CA LEU C 171 -3.44 33.93 5.19
C LEU C 171 -3.05 32.54 5.68
N PRO C 172 -2.31 32.43 6.79
CA PRO C 172 -2.12 31.11 7.39
C PRO C 172 -3.44 30.45 7.75
N HIS C 173 -4.40 31.23 8.24
CA HIS C 173 -5.75 30.69 8.39
C HIS C 173 -6.28 30.17 7.07
N ALA C 174 -5.90 30.80 5.96
CA ALA C 174 -6.40 30.43 4.65
C ALA C 174 -5.58 29.33 3.98
N ILE C 175 -4.52 28.87 4.62
CA ILE C 175 -3.68 27.80 4.08
C ILE C 175 -3.95 26.52 4.86
N MET C 176 -4.18 25.43 4.14
CA MET C 176 -4.51 24.13 4.72
C MET C 176 -3.44 23.11 4.31
N ARG C 177 -3.68 21.84 4.63
CA ARG C 177 -2.74 20.78 4.37
C ARG C 177 -3.42 19.66 3.59
N LEU C 178 -2.63 19.00 2.74
CA LEU C 178 -3.07 17.79 2.05
C LEU C 178 -1.97 16.74 2.16
N ASP C 179 -2.23 15.68 2.91
CA ASP C 179 -1.26 14.61 3.05
C ASP C 179 -1.02 13.91 1.72
N LEU C 180 -1.92 14.09 0.76
CA LEU C 180 -1.78 13.43 -0.53
C LEU C 180 -0.42 13.75 -1.14
N ALA C 181 0.19 12.74 -1.75
CA ALA C 181 1.53 12.86 -2.30
C ALA C 181 1.68 11.89 -3.45
N GLY C 182 2.73 12.10 -4.24
CA GLY C 182 3.08 11.12 -5.25
C GLY C 182 3.21 9.74 -4.65
N ARG C 183 3.64 9.66 -3.39
CA ARG C 183 3.67 8.37 -2.70
C ARG C 183 2.26 7.81 -2.58
N ASP C 184 1.28 8.66 -2.30
CA ASP C 184 -0.08 8.19 -2.10
C ASP C 184 -0.66 7.62 -3.39
N LEU C 185 -0.58 8.40 -4.47
CA LEU C 185 -0.98 7.87 -5.77
C LEU C 185 -0.18 6.62 -6.09
N THR C 186 1.07 6.57 -5.62
CA THR C 186 1.90 5.40 -5.84
C THR C 186 1.26 4.19 -5.23
N ASP C 187 0.90 4.29 -3.96
CA ASP C 187 0.31 3.17 -3.25
C ASP C 187 -0.99 2.77 -3.93
N TYR C 188 -1.79 3.75 -4.33
CA TYR C 188 -3.08 3.46 -4.94
C TYR C 188 -2.91 2.71 -6.25
N LEU C 189 -2.06 3.23 -7.14
CA LEU C 189 -1.89 2.61 -8.45
C LEU C 189 -1.20 1.26 -8.32
N MET C 190 -0.29 1.13 -7.38
CA MET C 190 0.32 -0.17 -7.13
C MET C 190 -0.74 -1.17 -6.69
N LYS C 191 -1.61 -0.75 -5.78
CA LYS C 191 -2.74 -1.54 -5.35
C LYS C 191 -3.57 -2.00 -6.55
N ILE C 192 -3.91 -1.06 -7.42
CA ILE C 192 -4.78 -1.40 -8.54
C ILE C 192 -4.07 -2.35 -9.50
N LEU C 193 -2.81 -2.08 -9.82
CA LEU C 193 -2.07 -2.96 -10.70
C LEU C 193 -2.02 -4.37 -10.12
N THR C 194 -1.77 -4.48 -8.82
CA THR C 194 -1.74 -5.79 -8.19
C THR C 194 -3.10 -6.48 -8.29
N GLU C 195 -4.18 -5.77 -7.94
CA GLU C 195 -5.49 -6.40 -7.91
C GLU C 195 -5.93 -6.83 -9.30
N ARG C 196 -5.40 -6.20 -10.35
CA ARG C 196 -5.74 -6.57 -11.71
C ARG C 196 -4.93 -7.74 -12.23
N GLY C 197 -4.36 -8.55 -11.33
CA GLY C 197 -3.58 -9.70 -11.71
C GLY C 197 -2.11 -9.39 -11.86
N TYR C 198 -1.52 -8.79 -10.82
CA TYR C 198 -0.13 -8.37 -10.89
C TYR C 198 0.46 -8.36 -9.47
N SER C 199 1.77 -8.56 -9.39
CA SER C 199 2.48 -8.63 -8.11
C SER C 199 3.39 -7.41 -8.00
N PHE C 200 2.82 -6.31 -7.51
CA PHE C 200 3.51 -5.02 -7.47
C PHE C 200 3.72 -4.63 -6.00
N VAL C 201 4.81 -5.13 -5.42
CA VAL C 201 5.07 -4.88 -4.01
C VAL C 201 6.48 -4.33 -3.82
N THR C 202 7.35 -4.60 -4.78
CA THR C 202 8.78 -4.40 -4.62
C THR C 202 9.16 -2.94 -4.83
N THR C 203 10.26 -2.54 -4.18
CA THR C 203 10.69 -1.15 -4.20
C THR C 203 10.93 -0.67 -5.63
N ALA C 204 11.88 -1.31 -6.31
CA ALA C 204 12.13 -0.97 -7.70
C ALA C 204 10.84 -0.98 -8.49
N GLU C 205 9.94 -1.90 -8.14
CA GLU C 205 8.58 -1.84 -8.67
C GLU C 205 7.94 -0.50 -8.34
N ARG C 206 8.20 0.02 -7.14
CA ARG C 206 7.63 1.30 -6.74
C ARG C 206 8.14 2.43 -7.64
N GLU C 207 9.45 2.49 -7.85
CA GLU C 207 9.99 3.49 -8.77
C GLU C 207 9.43 3.31 -10.17
N ILE C 208 9.38 2.06 -10.64
CA ILE C 208 8.87 1.78 -11.98
C ILE C 208 7.45 2.30 -12.11
N VAL C 209 6.63 2.05 -11.10
CA VAL C 209 5.23 2.44 -11.18
C VAL C 209 5.09 3.95 -11.17
N ARG C 210 5.89 4.64 -10.35
CA ARG C 210 5.83 6.10 -10.39
C ARG C 210 6.18 6.61 -11.78
N ASP C 211 7.20 6.00 -12.39
CA ASP C 211 7.56 6.39 -13.75
C ASP C 211 6.44 6.09 -14.72
N ILE C 212 5.80 4.93 -14.54
CA ILE C 212 4.64 4.55 -15.34
C ILE C 212 3.62 5.66 -15.30
N LYS C 213 3.37 6.17 -14.11
CA LYS C 213 2.55 7.36 -13.95
C LYS C 213 3.08 8.49 -14.81
N GLU C 214 4.29 8.94 -14.47
CA GLU C 214 4.74 10.25 -14.89
C GLU C 214 4.79 10.33 -16.40
N LYS C 215 4.98 9.21 -17.07
CA LYS C 215 4.99 9.15 -18.51
C LYS C 215 3.69 8.66 -19.13
N LEU C 216 2.82 8.04 -18.36
CA LEU C 216 1.55 7.51 -18.88
C LEU C 216 0.34 8.14 -18.22
N CYS C 217 0.26 8.12 -16.90
CA CYS C 217 -0.98 8.49 -16.23
C CYS C 217 -1.36 9.91 -16.57
N TYR C 218 -2.64 10.10 -16.89
CA TYR C 218 -3.23 11.41 -17.10
C TYR C 218 -4.49 11.50 -16.26
N VAL C 219 -5.31 12.52 -16.48
CA VAL C 219 -6.58 12.63 -15.80
C VAL C 219 -7.63 13.08 -16.81
N ALA C 220 -8.82 12.50 -16.71
CA ALA C 220 -9.91 12.87 -17.62
C ALA C 220 -10.75 13.97 -17.00
N LEU C 221 -11.08 14.98 -17.82
CA LEU C 221 -11.92 16.07 -17.35
C LEU C 221 -13.20 15.53 -16.72
N ASP C 222 -13.87 14.62 -17.41
CA ASP C 222 -15.08 13.98 -16.93
C ASP C 222 -14.75 12.61 -16.36
N PHE C 223 -15.54 12.18 -15.38
CA PHE C 223 -15.20 10.94 -14.71
C PHE C 223 -16.06 9.78 -15.20
N GLU C 224 -17.38 9.87 -15.01
CA GLU C 224 -18.23 8.75 -15.39
C GLU C 224 -18.27 8.55 -16.89
N ASN C 225 -18.31 9.63 -17.67
CA ASN C 225 -18.38 9.47 -19.11
C ASN C 225 -17.11 8.80 -19.61
N GLU C 226 -15.96 9.21 -19.08
CA GLU C 226 -14.72 8.57 -19.45
C GLU C 226 -14.56 7.17 -18.88
N MET C 227 -15.38 6.81 -17.91
CA MET C 227 -15.25 5.48 -17.32
C MET C 227 -16.16 4.59 -18.18
N ALA C 228 -17.31 5.11 -18.59
CA ALA C 228 -18.14 4.38 -19.53
C ALA C 228 -17.38 4.12 -20.83
N THR C 229 -16.66 5.12 -21.33
CA THR C 229 -15.78 4.88 -22.47
C THR C 229 -14.90 3.67 -22.14
N ALA C 230 -14.14 3.76 -21.05
CA ALA C 230 -13.24 2.68 -20.68
C ALA C 230 -13.91 1.31 -20.69
N ALA C 231 -15.22 1.28 -20.47
CA ALA C 231 -15.95 0.03 -20.66
C ALA C 231 -15.64 -0.55 -22.04
N SER C 232 -15.49 0.31 -23.04
CA SER C 232 -15.09 -0.15 -24.36
C SER C 232 -14.14 0.80 -25.07
N SER C 233 -13.51 1.74 -24.37
CA SER C 233 -12.65 2.72 -25.02
C SER C 233 -11.38 2.01 -25.47
N SER C 234 -11.39 1.54 -26.71
CA SER C 234 -10.25 0.81 -27.26
C SER C 234 -9.03 1.70 -27.47
N SER C 235 -9.13 2.99 -27.16
CA SER C 235 -7.96 3.86 -27.27
C SER C 235 -7.07 3.54 -26.08
N LEU C 236 -7.63 3.51 -24.88
CA LEU C 236 -6.85 3.57 -23.65
C LEU C 236 -6.10 2.32 -23.20
N GLU C 237 -6.11 1.26 -23.99
CA GLU C 237 -5.48 0.01 -23.58
C GLU C 237 -3.98 -0.02 -23.86
N LYS C 238 -3.35 1.13 -24.05
CA LYS C 238 -1.91 1.14 -24.28
C LYS C 238 -1.19 0.37 -23.19
N SER C 239 -0.53 -0.72 -23.60
CA SER C 239 0.27 -1.54 -22.70
C SER C 239 1.73 -1.12 -22.84
N TYR C 240 2.40 -0.93 -21.72
CA TYR C 240 3.79 -0.51 -21.72
C TYR C 240 4.80 -1.55 -21.26
N GLU C 241 5.80 -1.78 -22.11
CA GLU C 241 6.87 -2.69 -21.75
C GLU C 241 7.24 -2.54 -20.29
N LEU C 242 6.95 -3.56 -19.50
CA LEU C 242 7.41 -3.53 -18.12
C LEU C 242 8.93 -3.43 -18.21
N PRO C 243 9.55 -2.54 -17.45
CA PRO C 243 10.97 -2.22 -17.71
C PRO C 243 11.83 -3.46 -17.59
N ASP C 244 11.39 -4.44 -16.79
CA ASP C 244 12.03 -5.75 -16.87
C ASP C 244 11.97 -6.28 -18.30
N GLY C 245 10.92 -5.92 -19.04
CA GLY C 245 10.89 -6.26 -20.45
C GLY C 245 9.56 -6.66 -21.05
N GLN C 246 8.68 -7.28 -20.27
CA GLN C 246 7.37 -7.68 -20.79
C GLN C 246 6.43 -6.49 -20.72
N VAL C 247 5.83 -6.14 -21.86
CA VAL C 247 4.94 -5.00 -21.93
C VAL C 247 3.84 -5.17 -20.87
N ILE C 248 3.70 -4.18 -20.02
CA ILE C 248 2.63 -4.15 -19.04
C ILE C 248 1.44 -3.43 -19.64
N THR C 249 0.28 -4.07 -19.62
CA THR C 249 -0.91 -3.47 -20.21
C THR C 249 -1.46 -2.38 -19.30
N ILE C 250 -2.10 -1.39 -19.92
CA ILE C 250 -2.69 -0.27 -19.21
C ILE C 250 -4.05 0.04 -19.80
N GLY C 251 -4.98 0.43 -18.93
CA GLY C 251 -6.29 0.86 -19.37
C GLY C 251 -6.69 2.20 -18.77
N ASN C 252 -7.88 2.25 -18.16
CA ASN C 252 -8.41 3.48 -17.62
C ASN C 252 -7.61 4.01 -16.44
N GLU C 253 -6.79 3.17 -15.81
CA GLU C 253 -5.98 3.64 -14.70
C GLU C 253 -5.07 4.78 -15.14
N ARG C 254 -4.69 4.78 -16.41
CA ARG C 254 -3.86 5.83 -16.99
C ARG C 254 -4.44 7.19 -16.66
N PHE C 255 -5.72 7.23 -16.27
CA PHE C 255 -6.28 8.45 -15.74
C PHE C 255 -6.89 8.30 -14.36
N ARG C 256 -7.55 7.19 -14.04
CA ARG C 256 -8.34 7.29 -12.82
C ARG C 256 -7.50 7.09 -11.58
N CYS C 257 -6.18 7.22 -11.70
CA CYS C 257 -5.33 7.14 -10.52
C CYS C 257 -5.40 8.43 -9.71
N PRO C 258 -5.05 9.57 -10.30
CA PRO C 258 -4.87 10.79 -9.49
C PRO C 258 -6.14 11.55 -9.18
N GLU C 259 -7.20 11.37 -9.98
CA GLU C 259 -8.43 12.13 -9.75
C GLU C 259 -8.83 12.09 -8.29
N THR C 260 -8.51 10.99 -7.61
CA THR C 260 -8.78 10.87 -6.18
C THR C 260 -8.24 12.05 -5.40
N LEU C 261 -7.30 12.80 -5.97
CA LEU C 261 -6.95 14.09 -5.38
C LEU C 261 -8.16 14.99 -5.29
N PHE C 262 -9.18 14.73 -6.10
CA PHE C 262 -10.50 15.33 -5.90
C PHE C 262 -11.41 14.44 -5.08
N GLN C 263 -11.32 13.12 -5.23
CA GLN C 263 -12.14 12.20 -4.45
C GLN C 263 -11.21 11.27 -3.67
N PRO C 264 -10.98 11.56 -2.38
CA PRO C 264 -10.16 10.69 -1.54
C PRO C 264 -10.92 9.52 -0.96
N SER C 265 -12.13 9.25 -1.44
CA SER C 265 -12.91 8.13 -0.93
C SER C 265 -12.18 6.84 -1.31
N PHE C 266 -11.83 6.70 -2.59
CA PHE C 266 -11.12 5.51 -3.02
C PHE C 266 -9.74 5.37 -2.43
N ILE C 267 -9.11 6.49 -2.11
CA ILE C 267 -7.81 6.49 -1.44
C ILE C 267 -8.13 6.51 0.04
N GLY C 268 -9.39 6.83 0.38
CA GLY C 268 -9.86 6.69 1.73
C GLY C 268 -9.60 7.87 2.66
N MET C 269 -9.40 9.07 2.14
CA MET C 269 -9.33 10.26 2.96
C MET C 269 -10.63 11.05 3.08
N GLU C 270 -11.17 11.12 4.28
CA GLU C 270 -12.32 11.98 4.52
C GLU C 270 -12.11 13.37 3.94
N SER C 271 -10.86 13.80 3.84
CA SER C 271 -10.52 15.09 3.27
C SER C 271 -11.23 15.29 1.95
N ALA C 272 -11.46 16.56 1.60
CA ALA C 272 -12.07 16.90 0.32
C ALA C 272 -11.00 17.14 -0.74
N GLY C 273 -11.37 16.86 -1.99
CA GLY C 273 -10.47 17.03 -3.11
C GLY C 273 -9.80 18.38 -3.16
N ILE C 274 -8.76 18.48 -3.99
CA ILE C 274 -8.00 19.72 -4.09
C ILE C 274 -8.93 20.88 -4.45
N HIS C 275 -9.81 20.66 -5.41
CA HIS C 275 -10.62 21.75 -5.94
C HIS C 275 -11.47 22.41 -4.86
N GLU C 276 -12.22 21.62 -4.09
CA GLU C 276 -13.08 22.22 -3.08
C GLU C 276 -12.31 22.73 -1.89
N THR C 277 -11.13 22.18 -1.61
CA THR C 277 -10.25 22.82 -0.64
C THR C 277 -9.89 24.23 -1.08
N THR C 278 -9.48 24.36 -2.34
CA THR C 278 -9.24 25.69 -2.87
C THR C 278 -10.48 26.55 -2.73
N TYR C 279 -11.64 25.99 -3.07
CA TYR C 279 -12.86 26.78 -3.09
C TYR C 279 -13.23 27.27 -1.70
N ASN C 280 -13.15 26.40 -0.69
CA ASN C 280 -13.55 26.81 0.65
C ASN C 280 -12.54 27.79 1.23
N SER C 281 -11.25 27.57 0.95
CA SER C 281 -10.28 28.61 1.23
C SER C 281 -10.71 29.92 0.59
N ILE C 282 -11.26 29.85 -0.63
CA ILE C 282 -11.75 31.03 -1.31
C ILE C 282 -12.85 31.69 -0.49
N MET C 283 -13.83 30.90 -0.07
CA MET C 283 -14.94 31.46 0.70
C MET C 283 -14.43 32.14 1.95
N LYS C 284 -13.52 31.49 2.68
CA LYS C 284 -12.96 32.14 3.85
C LYS C 284 -12.22 33.42 3.48
N CYS C 285 -11.78 33.55 2.24
CA CYS C 285 -11.18 34.78 1.78
C CYS C 285 -12.17 35.94 1.92
N ASP C 286 -11.66 37.15 1.74
CA ASP C 286 -12.51 38.33 1.82
C ASP C 286 -13.42 38.37 0.59
N ILE C 287 -14.16 39.47 0.45
CA ILE C 287 -15.20 39.55 -0.57
C ILE C 287 -14.60 39.44 -1.97
N ASP C 288 -13.76 40.40 -2.34
CA ASP C 288 -13.39 40.55 -3.74
C ASP C 288 -12.00 40.05 -4.07
N ILE C 289 -11.26 39.54 -3.11
CA ILE C 289 -9.99 38.88 -3.40
C ILE C 289 -10.26 37.73 -4.36
N ARG C 290 -11.51 37.27 -4.38
CA ARG C 290 -11.82 36.02 -5.04
C ARG C 290 -11.73 36.12 -6.56
N LYS C 291 -12.05 37.29 -7.13
CA LYS C 291 -11.92 37.37 -8.58
C LYS C 291 -10.47 37.18 -8.97
N ASP C 292 -9.57 37.87 -8.25
CA ASP C 292 -8.15 37.70 -8.46
C ASP C 292 -7.75 36.24 -8.28
N LEU C 293 -8.23 35.63 -7.21
CA LEU C 293 -7.96 34.21 -6.99
C LEU C 293 -8.33 33.41 -8.24
N TYR C 294 -9.52 33.67 -8.78
CA TYR C 294 -9.93 33.07 -10.04
C TYR C 294 -8.88 33.31 -11.11
N ALA C 295 -8.46 34.56 -11.26
CA ALA C 295 -7.43 34.90 -12.22
C ALA C 295 -6.05 34.46 -11.76
N ASN C 296 -5.82 34.43 -10.45
CA ASN C 296 -4.55 33.97 -9.88
C ASN C 296 -4.60 32.52 -9.45
N ASN C 297 -5.38 31.70 -10.17
CA ASN C 297 -5.47 30.29 -9.83
C ASN C 297 -4.18 29.56 -10.18
N VAL C 298 -3.09 29.93 -9.52
CA VAL C 298 -1.77 29.43 -9.87
C VAL C 298 -1.60 28.01 -9.34
N LEU C 299 -1.51 27.06 -10.26
CA LEU C 299 -1.16 25.69 -9.93
C LEU C 299 0.35 25.55 -9.78
N SER C 300 0.76 24.48 -9.10
CA SER C 300 2.17 24.22 -8.88
C SER C 300 2.37 22.73 -8.64
N GLY C 301 3.44 22.19 -9.19
CA GLY C 301 3.81 20.81 -8.94
C GLY C 301 4.01 20.12 -10.26
N GLY C 302 4.99 19.22 -10.32
CA GLY C 302 5.19 18.42 -11.52
C GLY C 302 4.36 17.18 -11.29
N THR C 303 4.12 16.83 -10.02
CA THR C 303 3.16 15.77 -9.73
C THR C 303 1.82 16.08 -10.40
N THR C 304 1.46 17.35 -10.48
CA THR C 304 0.26 17.80 -11.16
C THR C 304 0.43 17.88 -12.66
N MET C 305 1.43 17.20 -13.20
CA MET C 305 1.77 17.26 -14.62
C MET C 305 0.68 16.69 -15.51
N TYR C 306 -0.43 16.29 -14.93
CA TYR C 306 -1.37 15.52 -15.69
C TYR C 306 -2.12 16.38 -16.71
N PRO C 307 -2.55 15.78 -17.81
CA PRO C 307 -3.26 16.54 -18.84
C PRO C 307 -4.70 16.88 -18.54
N GLY C 308 -5.04 18.15 -18.74
CA GLY C 308 -6.37 18.63 -18.44
C GLY C 308 -6.58 18.97 -16.98
N ILE C 309 -5.50 18.91 -16.21
CA ILE C 309 -5.61 19.22 -14.78
C ILE C 309 -6.14 20.62 -14.59
N ALA C 310 -5.54 21.59 -15.28
CA ALA C 310 -6.01 22.97 -15.18
C ALA C 310 -7.44 23.09 -15.69
N ASP C 311 -7.74 22.46 -16.83
CA ASP C 311 -9.07 22.52 -17.39
C ASP C 311 -10.09 21.92 -16.43
N ARG C 312 -9.75 20.77 -15.84
CA ARG C 312 -10.60 20.22 -14.80
C ARG C 312 -10.77 21.21 -13.68
N MET C 313 -9.73 21.99 -13.40
CA MET C 313 -9.86 23.05 -12.42
C MET C 313 -11.01 23.94 -12.86
N GLN C 314 -10.82 24.64 -13.98
CA GLN C 314 -11.79 25.66 -14.36
C GLN C 314 -13.20 25.09 -14.34
N LYS C 315 -13.37 23.87 -14.86
CA LYS C 315 -14.72 23.32 -14.93
C LYS C 315 -15.29 23.04 -13.55
N GLU C 316 -14.49 22.44 -12.67
CA GLU C 316 -14.97 22.13 -11.33
C GLU C 316 -15.33 23.41 -10.58
N ILE C 317 -14.46 24.41 -10.65
CA ILE C 317 -14.77 25.69 -10.02
C ILE C 317 -16.08 26.12 -10.65
N THR C 318 -16.11 26.34 -11.95
CA THR C 318 -17.35 26.73 -12.61
C THR C 318 -18.57 26.08 -11.98
N ALA C 319 -18.53 24.76 -11.85
CA ALA C 319 -19.59 24.07 -11.11
C ALA C 319 -19.74 24.65 -9.70
N LEU C 320 -18.64 25.12 -9.13
CA LEU C 320 -18.64 25.72 -7.81
C LEU C 320 -18.73 27.24 -7.87
N ALA C 321 -17.76 27.88 -8.52
CA ALA C 321 -17.70 29.33 -8.55
C ALA C 321 -18.86 29.90 -9.36
N PRO C 322 -19.37 31.07 -8.97
CA PRO C 322 -20.40 31.72 -9.78
C PRO C 322 -19.87 32.06 -11.16
N SER C 323 -20.72 31.85 -12.17
CA SER C 323 -20.35 32.22 -13.53
C SER C 323 -20.09 33.72 -13.64
N THR C 324 -20.68 34.50 -12.75
CA THR C 324 -20.44 35.94 -12.74
C THR C 324 -18.95 36.24 -12.75
N MET C 325 -18.21 35.53 -11.92
CA MET C 325 -16.76 35.69 -11.88
C MET C 325 -16.10 34.77 -12.89
N LYS C 326 -14.89 35.14 -13.29
CA LYS C 326 -14.15 34.43 -14.33
C LYS C 326 -12.94 33.77 -13.71
N ILE C 327 -12.75 32.48 -14.02
CA ILE C 327 -11.74 31.64 -13.38
C ILE C 327 -10.56 31.52 -14.32
N LYS C 328 -9.36 31.72 -13.79
CA LYS C 328 -8.13 31.55 -14.57
C LYS C 328 -7.09 30.84 -13.71
N ILE C 329 -6.94 29.55 -13.93
CA ILE C 329 -5.93 28.75 -13.26
C ILE C 329 -4.60 28.93 -13.96
N ILE C 330 -3.54 29.00 -13.18
CA ILE C 330 -2.19 29.25 -13.68
C ILE C 330 -1.54 27.88 -13.45
N ALA C 331 -0.52 27.57 -14.22
CA ALA C 331 0.22 26.33 -14.06
C ALA C 331 1.43 26.42 -14.99
N PRO C 332 2.61 26.80 -14.48
CA PRO C 332 3.77 26.86 -15.35
C PRO C 332 4.24 25.46 -15.72
N PRO C 333 4.82 25.28 -16.90
CA PRO C 333 5.52 24.02 -17.16
C PRO C 333 6.65 23.81 -16.16
N GLU C 334 7.24 24.89 -15.70
CA GLU C 334 8.34 24.90 -14.73
C GLU C 334 7.83 25.01 -13.30
N ARG C 335 6.89 24.13 -12.92
CA ARG C 335 6.34 24.18 -11.57
C ARG C 335 7.03 23.48 -10.42
N LYS C 336 7.85 22.47 -10.71
CA LYS C 336 8.35 21.61 -9.65
C LYS C 336 9.68 22.29 -9.37
N TYR C 337 10.38 22.72 -10.40
CA TYR C 337 11.60 23.49 -10.22
C TYR C 337 11.33 24.97 -10.01
N SER C 338 10.07 25.40 -10.12
CA SER C 338 9.76 26.79 -9.81
C SER C 338 10.10 27.13 -8.37
N VAL C 339 9.91 26.17 -7.46
CA VAL C 339 10.28 26.40 -6.07
C VAL C 339 11.77 26.73 -5.97
N TRP C 340 12.59 25.93 -6.64
CA TRP C 340 14.04 26.17 -6.60
C TRP C 340 14.38 27.48 -7.28
N ILE C 341 13.64 27.84 -8.33
CA ILE C 341 13.91 29.11 -9.00
C ILE C 341 13.62 30.27 -8.08
N GLY C 342 12.47 30.23 -7.39
CA GLY C 342 12.16 31.27 -6.43
C GLY C 342 13.18 31.32 -5.31
N GLY C 343 13.65 30.16 -4.86
CA GLY C 343 14.71 30.15 -3.87
C GLY C 343 15.98 30.78 -4.38
N SER C 344 16.35 30.47 -5.62
CA SER C 344 17.54 31.06 -6.21
C SER C 344 17.43 32.56 -6.30
N ILE C 345 16.26 33.06 -6.70
CA ILE C 345 16.08 34.50 -6.80
C ILE C 345 16.15 35.14 -5.41
N LEU C 346 15.43 34.57 -4.44
CA LEU C 346 15.36 35.20 -3.12
C LEU C 346 16.71 35.17 -2.42
N ALA C 347 17.34 34.00 -2.35
CA ALA C 347 18.68 33.93 -1.79
C ALA C 347 19.62 34.83 -2.56
N SER C 348 19.47 34.87 -3.89
CA SER C 348 20.23 35.78 -4.72
C SER C 348 19.90 37.23 -4.42
N LEU C 349 18.87 37.49 -3.59
CA LEU C 349 18.44 38.85 -3.29
C LEU C 349 19.54 39.51 -2.45
N SER C 350 20.59 39.93 -3.16
CA SER C 350 21.72 40.57 -2.49
C SER C 350 21.32 41.86 -1.80
N THR C 351 20.07 42.29 -1.99
CA THR C 351 19.55 43.37 -1.19
C THR C 351 19.00 42.76 0.09
N PHE C 352 19.11 41.44 0.26
CA PHE C 352 18.42 40.75 1.34
C PHE C 352 19.32 39.78 2.10
N GLN C 353 20.60 40.13 2.29
CA GLN C 353 21.42 39.38 3.22
C GLN C 353 20.94 39.56 4.66
N GLN C 354 20.36 40.72 4.95
CA GLN C 354 20.09 41.07 6.34
C GLN C 354 19.26 39.99 7.04
N MET C 355 18.42 39.29 6.30
CA MET C 355 17.63 38.22 6.92
C MET C 355 18.43 36.97 7.16
N TRP C 356 19.75 37.01 7.07
CA TRP C 356 20.55 35.81 6.93
C TRP C 356 20.90 35.24 8.30
N ILE C 357 20.80 33.92 8.42
CA ILE C 357 21.12 33.23 9.68
C ILE C 357 22.63 33.04 9.74
N SER C 358 23.30 33.89 10.52
CA SER C 358 24.75 33.92 10.57
C SER C 358 25.27 33.06 11.71
N LYS C 359 26.59 32.89 11.73
CA LYS C 359 27.25 32.21 12.84
C LYS C 359 26.87 32.83 14.17
N GLN C 360 27.23 34.10 14.36
CA GLN C 360 27.11 34.74 15.66
C GLN C 360 25.67 34.77 16.14
N GLU C 361 24.80 35.48 15.42
CA GLU C 361 23.40 35.55 15.79
C GLU C 361 22.92 34.21 16.33
N TYR C 362 23.19 33.14 15.59
CA TYR C 362 22.82 31.80 16.07
C TYR C 362 23.50 31.50 17.40
N ASP C 363 24.83 31.66 17.45
CA ASP C 363 25.59 31.18 18.59
C ASP C 363 25.16 31.90 19.88
N GLU C 364 25.16 33.23 19.84
CA GLU C 364 24.71 33.97 21.01
C GLU C 364 23.25 33.66 21.33
N ALA C 365 22.41 33.56 20.31
CA ALA C 365 21.00 33.28 20.52
C ALA C 365 20.67 31.80 20.37
N GLY C 366 21.68 30.95 20.25
CA GLY C 366 21.47 29.53 20.15
C GLY C 366 20.60 29.19 18.95
N PRO C 367 19.87 28.08 19.05
CA PRO C 367 19.01 27.67 17.94
C PRO C 367 17.71 28.46 17.89
N SER C 368 17.20 28.85 19.06
CA SER C 368 15.89 29.48 19.13
C SER C 368 15.81 30.75 18.30
N ILE C 369 16.95 31.43 18.11
CA ILE C 369 16.93 32.74 17.47
C ILE C 369 16.27 32.67 16.09
N VAL C 370 16.72 31.72 15.27
CA VAL C 370 16.29 31.61 13.88
C VAL C 370 14.77 31.58 13.77
N HIS C 371 14.11 31.27 14.88
CA HIS C 371 12.67 31.10 14.91
C HIS C 371 11.96 32.39 15.30
N ARG C 372 12.54 33.14 16.24
CA ARG C 372 11.96 34.40 16.66
C ARG C 372 12.34 35.50 15.68
N LYS C 373 11.32 36.21 15.19
CA LYS C 373 11.49 37.36 14.30
C LYS C 373 12.20 37.00 13.01
N CYS C 374 12.40 35.73 12.72
CA CYS C 374 13.14 35.32 11.53
C CYS C 374 12.86 33.85 11.28
N PHE C 375 13.33 33.38 10.12
CA PHE C 375 13.23 31.97 9.74
C PHE C 375 14.41 31.61 8.84
N ASP D 1 -34.97 -34.38 -4.55
CA ASP D 1 -35.88 -35.34 -3.93
C ASP D 1 -36.24 -34.92 -2.50
N ASP D 2 -36.34 -33.61 -2.28
CA ASP D 2 -36.62 -33.07 -0.96
C ASP D 2 -37.22 -31.68 -1.14
N GLU D 3 -37.22 -30.89 -0.07
CA GLU D 3 -37.83 -29.56 -0.09
C GLU D 3 -36.94 -28.56 -0.81
N GLU D 4 -37.23 -27.27 -0.66
CA GLU D 4 -36.76 -26.24 -1.58
C GLU D 4 -35.31 -26.44 -2.00
N THR D 5 -34.37 -26.29 -1.08
CA THR D 5 -32.96 -26.59 -1.37
C THR D 5 -32.14 -26.31 -0.13
N THR D 6 -30.87 -26.70 -0.20
CA THR D 6 -29.85 -26.27 0.74
C THR D 6 -28.61 -25.88 -0.02
N ALA D 7 -28.00 -24.77 0.39
CA ALA D 7 -26.89 -24.19 -0.34
C ALA D 7 -25.74 -25.18 -0.47
N LEU D 8 -24.81 -24.82 -1.35
CA LEU D 8 -23.62 -25.63 -1.61
C LEU D 8 -22.42 -24.81 -1.12
N VAL D 9 -22.12 -24.92 0.17
CA VAL D 9 -21.01 -24.19 0.77
C VAL D 9 -19.73 -24.88 0.33
N CYS D 10 -19.09 -24.34 -0.71
CA CYS D 10 -17.90 -24.92 -1.30
C CYS D 10 -16.74 -23.95 -1.18
N ASP D 11 -15.65 -24.42 -0.61
CA ASP D 11 -14.44 -23.62 -0.45
C ASP D 11 -13.33 -24.15 -1.35
N ASN D 12 -12.70 -23.24 -2.06
CA ASN D 12 -11.47 -23.55 -2.79
C ASN D 12 -10.28 -23.16 -1.93
N GLY D 13 -10.18 -23.85 -0.79
CA GLY D 13 -9.07 -23.63 0.11
C GLY D 13 -7.78 -23.69 -0.66
N SER D 14 -6.87 -22.75 -0.40
CA SER D 14 -5.71 -22.58 -1.27
C SER D 14 -4.97 -23.90 -1.49
N GLY D 15 -4.85 -24.70 -0.44
CA GLY D 15 -4.19 -25.99 -0.57
C GLY D 15 -5.16 -27.11 -0.88
N LEU D 16 -6.27 -27.15 -0.16
CA LEU D 16 -7.30 -28.16 -0.36
C LEU D 16 -8.63 -27.48 -0.66
N VAL D 17 -9.46 -28.13 -1.44
CA VAL D 17 -10.81 -27.65 -1.67
C VAL D 17 -11.74 -28.34 -0.70
N LYS D 18 -12.60 -27.55 -0.07
CA LYS D 18 -13.49 -28.05 0.97
C LYS D 18 -14.88 -27.48 0.75
N ALA D 19 -15.89 -28.27 1.14
CA ALA D 19 -17.25 -27.86 0.88
C ALA D 19 -18.22 -28.78 1.60
N GLY D 20 -19.43 -28.26 1.80
CA GLY D 20 -20.52 -29.02 2.36
C GLY D 20 -21.82 -28.40 1.90
N PHE D 21 -22.93 -28.78 2.50
CA PHE D 21 -24.20 -28.14 2.18
C PHE D 21 -24.39 -26.89 3.03
N ALA D 22 -25.48 -26.19 2.78
CA ALA D 22 -25.82 -25.06 3.64
C ALA D 22 -25.95 -25.53 5.08
N GLY D 23 -25.35 -24.78 5.99
CA GLY D 23 -25.48 -25.09 7.41
C GLY D 23 -24.96 -26.44 7.82
N ASP D 24 -24.05 -27.03 7.06
CA ASP D 24 -23.43 -28.27 7.52
C ASP D 24 -22.42 -27.97 8.62
N ASP D 25 -22.21 -28.96 9.49
CA ASP D 25 -21.27 -28.82 10.59
C ASP D 25 -19.84 -29.10 10.18
N ALA D 26 -19.61 -29.49 8.92
CA ALA D 26 -18.27 -29.73 8.43
C ALA D 26 -18.29 -29.86 6.91
N PRO D 27 -17.36 -29.23 6.20
CA PRO D 27 -17.30 -29.45 4.75
C PRO D 27 -16.94 -30.90 4.45
N ARG D 28 -17.90 -31.63 3.89
CA ARG D 28 -17.75 -33.06 3.74
C ARG D 28 -16.63 -33.44 2.77
N ALA D 29 -16.15 -32.49 1.97
CA ALA D 29 -15.10 -32.76 0.98
C ALA D 29 -13.88 -31.90 1.28
N VAL D 30 -12.72 -32.52 1.34
CA VAL D 30 -11.44 -31.83 1.52
C VAL D 30 -10.35 -32.68 0.92
N PHE D 31 -9.46 -32.07 0.15
CA PHE D 31 -8.38 -32.80 -0.51
C PHE D 31 -7.49 -31.81 -1.23
N PRO D 32 -6.27 -32.22 -1.58
CA PRO D 32 -5.31 -31.28 -2.18
C PRO D 32 -5.75 -30.81 -3.54
N SER D 33 -5.28 -29.60 -3.89
CA SER D 33 -5.57 -29.00 -5.19
C SER D 33 -4.44 -29.32 -6.18
N ILE D 34 -4.19 -30.61 -6.33
CA ILE D 34 -3.07 -31.10 -7.13
C ILE D 34 -3.58 -31.68 -8.43
N VAL D 35 -2.73 -31.58 -9.46
CA VAL D 35 -2.95 -32.24 -10.75
C VAL D 35 -1.80 -33.22 -10.95
N GLY D 36 -2.13 -34.42 -11.42
CA GLY D 36 -1.14 -35.46 -11.49
C GLY D 36 -0.79 -35.94 -12.89
N ARG D 37 0.49 -35.87 -13.24
CA ARG D 37 0.98 -36.38 -14.52
C ARG D 37 1.90 -37.56 -14.27
N PRO D 38 1.46 -38.79 -14.50
CA PRO D 38 2.39 -39.93 -14.36
C PRO D 38 3.63 -39.75 -15.21
N ARG D 39 4.79 -39.74 -14.56
CA ARG D 39 6.03 -39.38 -15.25
C ARG D 39 6.28 -40.29 -16.45
N HIS D 40 6.51 -41.58 -16.21
CA HIS D 40 6.90 -42.47 -17.29
C HIS D 40 5.72 -43.11 -18.01
N GLN D 41 4.56 -43.18 -17.37
CA GLN D 41 3.35 -43.67 -18.02
C GLN D 41 3.58 -45.06 -18.63
N GLY D 42 3.85 -46.02 -17.76
CA GLY D 42 4.13 -47.36 -18.22
C GLY D 42 2.91 -48.00 -18.87
N VAL D 43 3.17 -48.80 -19.90
CA VAL D 43 2.12 -49.50 -20.62
C VAL D 43 1.93 -50.87 -19.98
N MET D 44 0.69 -51.17 -19.60
CA MET D 44 0.36 -52.46 -19.00
C MET D 44 -0.88 -53.03 -19.66
N VAL D 45 -1.18 -54.27 -19.29
CA VAL D 45 -2.46 -54.87 -19.66
C VAL D 45 -3.57 -53.95 -19.19
N GLY D 46 -4.37 -53.46 -20.14
CA GLY D 46 -5.46 -52.58 -19.80
C GLY D 46 -5.00 -51.25 -19.25
N MET D 47 -5.87 -50.60 -18.49
CA MET D 47 -5.64 -49.27 -17.94
C MET D 47 -6.20 -49.29 -16.52
N GLY D 48 -6.49 -48.12 -15.97
CA GLY D 48 -7.03 -48.02 -14.64
C GLY D 48 -6.52 -46.78 -13.96
N GLN D 49 -5.65 -46.06 -14.65
CA GLN D 49 -5.06 -44.82 -14.17
C GLN D 49 -5.66 -43.66 -14.95
N LYS D 50 -6.42 -42.81 -14.28
CA LYS D 50 -6.78 -41.54 -14.89
C LYS D 50 -5.65 -40.55 -14.69
N ASP D 51 -5.49 -39.66 -15.65
CA ASP D 51 -4.43 -38.67 -15.58
C ASP D 51 -4.45 -37.91 -14.26
N SER D 52 -5.52 -37.18 -13.98
CA SER D 52 -5.53 -36.20 -12.89
C SER D 52 -6.81 -36.29 -12.07
N TYR D 53 -7.17 -37.49 -11.60
CA TYR D 53 -8.16 -37.64 -10.54
C TYR D 53 -7.56 -37.45 -9.16
N VAL D 54 -6.53 -36.62 -9.04
CA VAL D 54 -5.71 -36.54 -7.84
C VAL D 54 -6.57 -36.56 -6.60
N GLY D 55 -7.48 -35.61 -6.48
CA GLY D 55 -8.33 -35.53 -5.31
C GLY D 55 -7.55 -35.85 -4.06
N ASP D 56 -7.94 -36.92 -3.39
CA ASP D 56 -7.11 -37.53 -2.36
C ASP D 56 -6.43 -38.81 -2.83
N GLU D 57 -6.82 -39.34 -3.99
CA GLU D 57 -6.23 -40.59 -4.46
C GLU D 57 -4.78 -40.40 -4.85
N ALA D 58 -4.47 -39.32 -5.58
CA ALA D 58 -3.19 -39.22 -6.25
C ALA D 58 -2.02 -39.32 -5.27
N GLN D 59 -2.08 -38.53 -4.20
CA GLN D 59 -0.91 -38.44 -3.33
C GLN D 59 -0.55 -39.80 -2.74
N SER D 60 -1.55 -40.57 -2.32
CA SER D 60 -1.27 -41.93 -1.87
C SER D 60 -0.55 -42.71 -2.94
N LYS D 61 -1.10 -42.68 -4.16
CA LYS D 61 -0.52 -43.32 -5.35
C LYS D 61 0.27 -42.31 -6.19
N ARG D 62 0.99 -41.46 -5.48
CA ARG D 62 1.79 -40.36 -6.01
C ARG D 62 3.04 -40.89 -6.70
N GLY D 63 3.96 -39.96 -7.01
CA GLY D 63 5.27 -40.27 -7.56
C GLY D 63 5.33 -40.18 -9.06
N ILE D 64 4.66 -41.10 -9.74
CA ILE D 64 4.62 -41.03 -11.20
C ILE D 64 4.02 -39.69 -11.58
N LEU D 65 2.81 -39.42 -11.09
CA LEU D 65 2.18 -38.13 -11.31
C LEU D 65 2.88 -37.00 -10.58
N THR D 66 3.00 -35.86 -11.25
CA THR D 66 3.52 -34.65 -10.61
C THR D 66 2.36 -33.90 -9.95
N LEU D 67 2.64 -32.74 -9.38
CA LEU D 67 1.66 -31.96 -8.64
C LEU D 67 1.37 -30.66 -9.37
N LYS D 68 0.09 -30.26 -9.37
CA LYS D 68 -0.28 -28.99 -9.99
C LYS D 68 -1.45 -28.38 -9.24
N TYR D 69 -1.30 -27.09 -8.90
CA TYR D 69 -2.39 -26.28 -8.40
C TYR D 69 -2.89 -25.39 -9.52
N PRO D 70 -4.16 -25.46 -9.91
CA PRO D 70 -4.68 -24.41 -10.81
C PRO D 70 -4.55 -23.03 -10.23
N ILE D 71 -4.63 -22.91 -8.90
CA ILE D 71 -4.73 -21.66 -8.16
C ILE D 71 -3.38 -21.35 -7.54
N GLU D 72 -2.32 -21.74 -8.25
CA GLU D 72 -1.00 -21.95 -7.67
C GLU D 72 -0.68 -21.02 -6.51
N HIS D 73 -0.86 -19.72 -6.72
CA HIS D 73 -0.44 -18.73 -5.74
C HIS D 73 -1.64 -18.01 -5.16
N GLY D 74 -2.68 -18.78 -4.83
CA GLY D 74 -3.96 -18.21 -4.53
C GLY D 74 -4.67 -17.66 -5.74
N ILE D 75 -4.06 -17.77 -6.91
CA ILE D 75 -4.62 -17.31 -8.17
C ILE D 75 -4.45 -18.41 -9.20
N ILE D 76 -5.51 -18.69 -9.95
CA ILE D 76 -5.60 -19.86 -10.80
C ILE D 76 -5.08 -19.53 -12.19
N THR D 77 -4.17 -20.36 -12.69
CA THR D 77 -3.60 -20.19 -14.03
C THR D 77 -4.25 -21.11 -15.05
N ASN D 78 -4.70 -22.28 -14.63
CA ASN D 78 -5.42 -23.20 -15.49
C ASN D 78 -6.75 -23.58 -14.85
N TRP D 79 -7.72 -23.89 -15.70
CA TRP D 79 -9.09 -24.10 -15.25
C TRP D 79 -9.69 -25.42 -15.70
N ASP D 80 -9.41 -25.82 -16.95
CA ASP D 80 -9.90 -27.10 -17.46
C ASP D 80 -9.62 -28.17 -16.42
N ASP D 81 -8.35 -28.31 -16.07
CA ASP D 81 -7.97 -29.06 -14.88
C ASP D 81 -8.90 -28.73 -13.73
N MET D 82 -9.13 -27.44 -13.50
CA MET D 82 -9.81 -27.02 -12.29
C MET D 82 -11.31 -27.31 -12.35
N GLU D 83 -11.97 -27.09 -13.49
CA GLU D 83 -13.40 -27.42 -13.53
C GLU D 83 -13.58 -28.93 -13.46
N LYS D 84 -12.69 -29.69 -14.10
CA LYS D 84 -12.75 -31.13 -13.87
C LYS D 84 -12.53 -31.46 -12.41
N ILE D 85 -11.74 -30.64 -11.71
CA ILE D 85 -11.58 -30.80 -10.27
C ILE D 85 -12.92 -30.64 -9.57
N TRP D 86 -13.64 -29.56 -9.89
CA TRP D 86 -14.94 -29.42 -9.24
C TRP D 86 -15.89 -30.53 -9.66
N HIS D 87 -15.77 -31.04 -10.87
CA HIS D 87 -16.59 -32.18 -11.25
C HIS D 87 -16.32 -33.37 -10.36
N HIS D 88 -15.04 -33.67 -10.16
CA HIS D 88 -14.68 -34.68 -9.17
C HIS D 88 -15.36 -34.36 -7.86
N THR D 89 -15.33 -33.10 -7.46
CA THR D 89 -15.95 -32.68 -6.21
C THR D 89 -17.42 -33.06 -6.18
N PHE D 90 -18.19 -32.51 -7.10
CA PHE D 90 -19.64 -32.57 -7.13
C PHE D 90 -20.19 -33.92 -7.55
N TYR D 91 -19.34 -34.86 -7.92
CA TYR D 91 -19.84 -36.11 -8.47
C TYR D 91 -19.06 -37.30 -7.93
N ASN D 92 -18.12 -37.09 -7.05
CA ASN D 92 -17.31 -38.15 -6.47
C ASN D 92 -17.31 -38.10 -4.95
N GLU D 93 -17.26 -36.93 -4.37
CA GLU D 93 -17.51 -36.71 -2.95
C GLU D 93 -18.61 -35.71 -2.68
N LEU D 94 -19.05 -34.97 -3.70
CA LEU D 94 -20.30 -34.24 -3.55
C LEU D 94 -21.30 -35.11 -4.30
N ARG D 95 -20.84 -35.81 -5.33
CA ARG D 95 -21.65 -36.77 -6.07
C ARG D 95 -23.06 -36.26 -6.25
N VAL D 96 -23.21 -34.98 -6.57
CA VAL D 96 -24.50 -34.31 -6.57
C VAL D 96 -24.65 -33.54 -7.87
N ALA D 97 -25.90 -33.28 -8.23
CA ALA D 97 -26.20 -32.46 -9.39
C ALA D 97 -26.11 -30.99 -9.00
N PRO D 98 -25.15 -30.26 -9.56
CA PRO D 98 -25.02 -28.84 -9.20
C PRO D 98 -26.28 -28.05 -9.50
N GLU D 99 -26.98 -28.40 -10.58
CA GLU D 99 -28.24 -27.75 -10.91
C GLU D 99 -29.20 -27.84 -9.73
N GLU D 100 -29.07 -28.90 -8.93
CA GLU D 100 -30.01 -29.14 -7.84
C GLU D 100 -29.89 -28.07 -6.77
N HIS D 101 -28.68 -27.69 -6.39
CA HIS D 101 -28.47 -26.97 -5.15
C HIS D 101 -27.71 -25.67 -5.40
N PRO D 102 -28.11 -24.57 -4.74
CA PRO D 102 -27.33 -23.34 -4.83
C PRO D 102 -25.97 -23.52 -4.16
N THR D 103 -24.97 -22.82 -4.68
CA THR D 103 -23.61 -22.91 -4.16
C THR D 103 -23.02 -21.52 -3.99
N LEU D 104 -22.44 -21.28 -2.82
CA LEU D 104 -21.64 -20.08 -2.56
C LEU D 104 -20.19 -20.41 -2.80
N LEU D 105 -19.47 -19.48 -3.42
CA LEU D 105 -18.09 -19.71 -3.81
C LEU D 105 -17.15 -18.77 -3.07
N THR D 106 -15.93 -19.24 -2.86
CA THR D 106 -14.90 -18.52 -2.13
C THR D 106 -13.97 -17.84 -3.13
N GLU D 107 -13.85 -16.52 -3.02
CA GLU D 107 -12.93 -15.76 -3.85
C GLU D 107 -12.08 -14.86 -2.96
N ALA D 108 -10.78 -14.85 -3.22
CA ALA D 108 -9.86 -14.09 -2.39
C ALA D 108 -9.72 -12.66 -2.87
N PRO D 109 -9.40 -11.74 -1.98
CA PRO D 109 -9.23 -10.33 -2.38
C PRO D 109 -8.07 -10.18 -3.37
N LEU D 110 -8.16 -9.12 -4.16
CA LEU D 110 -7.15 -8.73 -5.14
C LEU D 110 -7.27 -9.53 -6.43
N ASN D 111 -8.26 -10.40 -6.54
CA ASN D 111 -8.45 -11.15 -7.76
C ASN D 111 -8.81 -10.22 -8.91
N PRO D 112 -8.19 -10.40 -10.08
CA PRO D 112 -8.74 -9.76 -11.28
C PRO D 112 -10.18 -10.22 -11.51
N LYS D 113 -11.01 -9.28 -11.96
CA LYS D 113 -12.43 -9.54 -12.06
C LYS D 113 -12.71 -10.75 -12.96
N ALA D 114 -11.96 -10.86 -14.05
CA ALA D 114 -12.22 -11.91 -15.03
C ALA D 114 -12.17 -13.30 -14.40
N ASN D 115 -11.37 -13.46 -13.34
CA ASN D 115 -11.30 -14.76 -12.69
C ASN D 115 -12.67 -15.21 -12.20
N ARG D 116 -13.31 -14.36 -11.40
CA ARG D 116 -14.64 -14.72 -10.94
C ARG D 116 -15.64 -14.68 -12.08
N GLU D 117 -15.45 -13.79 -13.05
CA GLU D 117 -16.29 -13.82 -14.24
C GLU D 117 -16.40 -15.25 -14.76
N LYS D 118 -15.25 -15.79 -15.19
CA LYS D 118 -15.27 -17.11 -15.80
C LYS D 118 -15.74 -18.15 -14.80
N MET D 119 -15.07 -18.28 -13.66
CA MET D 119 -15.54 -19.25 -12.68
C MET D 119 -17.07 -19.28 -12.64
N THR D 120 -17.69 -18.10 -12.63
CA THR D 120 -19.15 -18.05 -12.68
C THR D 120 -19.67 -18.75 -13.92
N GLN D 121 -19.40 -18.21 -15.12
CA GLN D 121 -20.16 -18.72 -16.26
C GLN D 121 -19.89 -20.20 -16.46
N ILE D 122 -18.66 -20.64 -16.19
CA ILE D 122 -18.35 -22.06 -16.31
C ILE D 122 -19.19 -22.87 -15.32
N MET D 123 -19.30 -22.41 -14.08
CA MET D 123 -20.12 -23.16 -13.14
C MET D 123 -21.58 -23.19 -13.59
N PHE D 124 -22.09 -22.04 -14.06
CA PHE D 124 -23.42 -22.02 -14.65
C PHE D 124 -23.56 -23.07 -15.74
N GLU D 125 -22.67 -23.04 -16.71
CA GLU D 125 -22.86 -23.86 -17.92
C GLU D 125 -22.61 -25.33 -17.62
N THR D 126 -21.39 -25.66 -17.20
CA THR D 126 -21.07 -27.04 -16.87
C THR D 126 -21.93 -27.56 -15.73
N PHE D 127 -22.12 -26.74 -14.70
CA PHE D 127 -22.80 -27.20 -13.49
C PHE D 127 -24.26 -26.77 -13.41
N ASN D 128 -24.65 -25.74 -14.15
CA ASN D 128 -26.07 -25.38 -14.25
C ASN D 128 -26.76 -25.40 -12.89
N VAL D 129 -26.00 -25.12 -11.83
CA VAL D 129 -26.56 -25.06 -10.49
C VAL D 129 -27.79 -24.16 -10.56
N PRO D 130 -28.71 -24.22 -9.61
CA PRO D 130 -29.88 -23.34 -9.68
C PRO D 130 -29.42 -21.92 -9.96
N ALA D 131 -28.36 -21.54 -9.25
CA ALA D 131 -27.62 -20.31 -9.49
C ALA D 131 -26.48 -20.34 -8.47
N MET D 132 -25.64 -19.31 -8.41
CA MET D 132 -24.58 -19.34 -7.40
C MET D 132 -24.44 -17.98 -6.71
N TYR D 133 -23.46 -17.95 -5.82
CA TYR D 133 -22.98 -16.74 -5.17
C TYR D 133 -21.56 -16.99 -4.69
N VAL D 134 -20.79 -15.93 -4.52
CA VAL D 134 -19.39 -16.03 -4.14
C VAL D 134 -19.10 -15.04 -3.03
N ALA D 135 -18.04 -15.33 -2.27
CA ALA D 135 -17.64 -14.42 -1.21
C ALA D 135 -16.16 -14.63 -0.89
N ILE D 136 -15.57 -13.60 -0.27
CA ILE D 136 -14.15 -13.64 0.08
C ILE D 136 -13.95 -14.65 1.20
N GLN D 137 -13.04 -15.61 0.97
CA GLN D 137 -12.72 -16.55 2.03
C GLN D 137 -12.35 -15.81 3.30
N ALA D 138 -11.56 -14.74 3.19
CA ALA D 138 -11.26 -13.92 4.35
C ALA D 138 -12.54 -13.43 5.00
N VAL D 139 -13.46 -12.91 4.20
CA VAL D 139 -14.71 -12.36 4.73
C VAL D 139 -15.56 -13.47 5.33
N LEU D 140 -15.57 -14.63 4.71
CA LEU D 140 -16.36 -15.75 5.22
C LEU D 140 -15.83 -16.22 6.56
N SER D 141 -14.52 -16.36 6.68
CA SER D 141 -13.92 -16.63 7.98
C SER D 141 -14.26 -15.54 8.97
N LEU D 142 -14.31 -14.30 8.50
CA LEU D 142 -14.67 -13.18 9.37
C LEU D 142 -16.09 -13.21 9.91
N TYR D 143 -16.99 -13.86 9.18
CA TYR D 143 -18.35 -13.99 9.68
C TYR D 143 -18.29 -15.21 10.58
N ALA D 144 -17.45 -16.18 10.22
CA ALA D 144 -17.21 -17.32 11.10
C ALA D 144 -16.74 -16.85 12.46
N SER D 145 -16.07 -15.70 12.52
CA SER D 145 -15.67 -15.16 13.81
C SER D 145 -16.88 -14.66 14.58
N GLY D 146 -17.84 -14.06 13.89
CA GLY D 146 -18.88 -13.30 14.53
C GLY D 146 -18.37 -12.07 15.24
N ARG D 147 -17.05 -11.88 15.34
CA ARG D 147 -16.48 -10.73 16.00
C ARG D 147 -16.59 -9.55 15.04
N THR D 148 -17.64 -8.76 15.22
CA THR D 148 -17.92 -7.69 14.27
C THR D 148 -16.69 -6.80 14.14
N THR D 149 -16.04 -6.50 15.25
CA THR D 149 -14.91 -5.60 15.24
C THR D 149 -13.56 -6.30 15.42
N GLY D 150 -12.51 -5.67 14.90
CA GLY D 150 -11.17 -6.18 15.03
C GLY D 150 -10.56 -6.67 13.74
N ILE D 151 -9.26 -6.83 13.74
CA ILE D 151 -8.54 -7.36 12.58
C ILE D 151 -8.35 -8.85 12.75
N VAL D 152 -8.29 -9.56 11.62
CA VAL D 152 -8.02 -10.99 11.63
C VAL D 152 -6.77 -11.24 10.81
N LEU D 153 -5.84 -12.00 11.38
CA LEU D 153 -4.65 -12.45 10.65
C LEU D 153 -5.04 -13.71 9.89
N ASP D 154 -5.52 -13.53 8.66
CA ASP D 154 -6.02 -14.65 7.86
C ASP D 154 -4.82 -15.34 7.21
N SER D 155 -4.01 -16.00 8.03
CA SER D 155 -2.92 -16.85 7.56
C SER D 155 -3.42 -18.27 7.67
N GLY D 156 -4.15 -18.71 6.66
CA GLY D 156 -4.82 -19.99 6.72
C GLY D 156 -4.28 -21.02 5.74
N ASP D 157 -5.02 -21.24 4.66
CA ASP D 157 -4.70 -22.33 3.76
C ASP D 157 -3.35 -22.11 3.10
N GLY D 158 -3.23 -21.07 2.28
CA GLY D 158 -1.99 -20.79 1.59
C GLY D 158 -1.74 -19.31 1.39
N VAL D 159 -2.39 -18.46 2.18
CA VAL D 159 -2.30 -17.01 2.02
C VAL D 159 -2.23 -16.37 3.39
N THR D 160 -1.84 -15.10 3.42
CA THR D 160 -1.79 -14.34 4.65
C THR D 160 -2.18 -12.89 4.38
N HIS D 161 -3.04 -12.36 5.22
CA HIS D 161 -3.48 -10.98 5.14
C HIS D 161 -3.87 -10.53 6.54
N ASN D 162 -4.24 -9.25 6.65
CA ASN D 162 -4.83 -8.71 7.86
C ASN D 162 -6.21 -8.16 7.51
N VAL D 163 -7.19 -8.40 8.38
CA VAL D 163 -8.55 -7.98 8.09
C VAL D 163 -9.06 -7.11 9.22
N PRO D 164 -8.62 -5.86 9.30
CA PRO D 164 -9.13 -4.96 10.33
C PRO D 164 -10.63 -4.77 10.17
N ILE D 165 -11.34 -4.75 11.28
CA ILE D 165 -12.80 -4.70 11.24
C ILE D 165 -13.29 -3.88 12.42
N TYR D 166 -14.56 -3.50 12.35
CA TYR D 166 -15.31 -2.94 13.45
C TYR D 166 -16.79 -3.14 13.17
N GLU D 167 -17.45 -3.95 13.99
CA GLU D 167 -18.88 -4.19 13.81
C GLU D 167 -19.08 -4.70 12.39
N GLY D 168 -18.17 -5.54 11.93
CA GLY D 168 -18.15 -5.99 10.56
C GLY D 168 -17.57 -5.01 9.57
N TYR D 169 -16.94 -3.94 10.04
CA TYR D 169 -16.55 -2.82 9.19
C TYR D 169 -15.04 -2.91 8.99
N ALA D 170 -14.63 -3.23 7.77
CA ALA D 170 -13.23 -3.44 7.44
C ALA D 170 -12.79 -2.45 6.36
N LEU D 171 -11.55 -1.99 6.47
CA LEU D 171 -11.02 -1.04 5.50
C LEU D 171 -10.20 -1.76 4.43
N PRO D 172 -10.60 -1.69 3.17
CA PRO D 172 -9.71 -2.20 2.11
C PRO D 172 -8.37 -1.51 2.12
N HIS D 173 -8.35 -0.19 2.38
CA HIS D 173 -7.07 0.47 2.62
C HIS D 173 -6.32 -0.18 3.76
N ALA D 174 -7.03 -0.70 4.75
CA ALA D 174 -6.41 -1.28 5.93
C ALA D 174 -6.10 -2.77 5.76
N ILE D 175 -6.43 -3.35 4.62
CA ILE D 175 -6.14 -4.75 4.35
C ILE D 175 -5.00 -4.84 3.35
N MET D 176 -4.00 -5.67 3.67
CA MET D 176 -2.80 -5.84 2.86
C MET D 176 -2.69 -7.29 2.40
N ARG D 177 -1.57 -7.63 1.77
CA ARG D 177 -1.35 -8.95 1.22
C ARG D 177 -0.06 -9.54 1.77
N LEU D 178 -0.04 -10.86 1.92
CA LEU D 178 1.17 -11.60 2.26
C LEU D 178 1.27 -12.82 1.34
N ASP D 179 2.24 -12.79 0.43
CA ASP D 179 2.44 -13.93 -0.46
C ASP D 179 2.84 -15.18 0.30
N LEU D 180 3.28 -15.02 1.55
CA LEU D 180 3.71 -16.17 2.34
C LEU D 180 2.61 -17.21 2.39
N ALA D 181 3.00 -18.47 2.30
CA ALA D 181 2.05 -19.57 2.25
C ALA D 181 2.71 -20.82 2.80
N GLY D 182 1.88 -21.81 3.12
CA GLY D 182 2.42 -23.11 3.46
C GLY D 182 3.39 -23.60 2.43
N ARG D 183 3.16 -23.25 1.16
CA ARG D 183 4.12 -23.57 0.11
C ARG D 183 5.46 -22.90 0.39
N ASP D 184 5.43 -21.66 0.87
CA ASP D 184 6.66 -20.92 1.09
C ASP D 184 7.48 -21.55 2.22
N LEU D 185 6.85 -21.78 3.36
CA LEU D 185 7.51 -22.51 4.43
C LEU D 185 7.97 -23.86 3.93
N THR D 186 7.20 -24.44 3.00
CA THR D 186 7.57 -25.72 2.42
C THR D 186 8.91 -25.62 1.75
N ASP D 187 9.04 -24.65 0.86
CA ASP D 187 10.28 -24.47 0.12
C ASP D 187 11.43 -24.22 1.09
N TYR D 188 11.19 -23.38 2.10
CA TYR D 188 12.24 -23.05 3.04
C TYR D 188 12.72 -24.27 3.80
N LEU D 189 11.79 -25.02 4.38
CA LEU D 189 12.17 -26.17 5.19
C LEU D 189 12.76 -27.27 4.32
N MET D 190 12.27 -27.42 3.09
CA MET D 190 12.88 -28.38 2.18
C MET D 190 14.31 -27.98 1.89
N LYS D 191 14.54 -26.70 1.64
CA LYS D 191 15.87 -26.16 1.47
C LYS D 191 16.76 -26.52 2.64
N ILE D 192 16.27 -26.28 3.86
CA ILE D 192 17.10 -26.50 5.04
C ILE D 192 17.39 -27.99 5.21
N LEU D 193 16.37 -28.83 5.05
CA LEU D 193 16.58 -30.26 5.16
C LEU D 193 17.62 -30.74 4.17
N THR D 194 17.54 -30.24 2.93
CA THR D 194 18.52 -30.62 1.92
C THR D 194 19.92 -30.17 2.34
N GLU D 195 20.06 -28.90 2.72
CA GLU D 195 21.38 -28.37 3.03
C GLU D 195 22.02 -29.07 4.22
N ARG D 196 21.20 -29.64 5.10
CA ARG D 196 21.71 -30.35 6.26
C ARG D 196 22.09 -31.80 5.93
N GLY D 197 22.34 -32.09 4.67
CA GLY D 197 22.73 -33.42 4.26
C GLY D 197 21.55 -34.29 3.89
N TYR D 198 20.70 -33.80 2.98
CA TYR D 198 19.49 -34.51 2.60
C TYR D 198 19.09 -34.10 1.19
N SER D 199 18.40 -35.01 0.50
CA SER D 199 17.99 -34.82 -0.88
C SER D 199 16.47 -34.70 -0.92
N PHE D 200 15.99 -33.48 -0.72
CA PHE D 200 14.56 -33.21 -0.57
C PHE D 200 14.11 -32.35 -1.75
N VAL D 201 13.80 -32.99 -2.87
CA VAL D 201 13.42 -32.27 -4.06
C VAL D 201 12.09 -32.78 -4.61
N THR D 202 11.74 -34.01 -4.26
CA THR D 202 10.67 -34.74 -4.92
C THR D 202 9.31 -34.32 -4.38
N THR D 203 8.29 -34.47 -5.24
CA THR D 203 6.96 -34.02 -4.91
C THR D 203 6.45 -34.69 -3.64
N ALA D 204 6.32 -36.02 -3.68
CA ALA D 204 5.91 -36.76 -2.50
C ALA D 204 6.77 -36.36 -1.31
N GLU D 205 8.04 -36.08 -1.56
CA GLU D 205 8.87 -35.46 -0.53
C GLU D 205 8.26 -34.14 -0.07
N ARG D 206 7.68 -33.38 -1.00
CA ARG D 206 7.05 -32.12 -0.64
C ARG D 206 5.87 -32.33 0.29
N GLU D 207 4.98 -33.26 -0.04
CA GLU D 207 3.88 -33.57 0.87
C GLU D 207 4.39 -34.08 2.21
N ILE D 208 5.39 -34.96 2.18
CA ILE D 208 5.94 -35.50 3.40
C ILE D 208 6.45 -34.38 4.29
N VAL D 209 7.17 -33.43 3.70
CA VAL D 209 7.76 -32.36 4.48
C VAL D 209 6.68 -31.46 5.06
N ARG D 210 5.64 -31.17 4.29
CA ARG D 210 4.56 -30.36 4.87
C ARG D 210 3.96 -31.08 6.06
N ASP D 211 3.78 -32.39 5.95
CA ASP D 211 3.26 -33.16 7.06
C ASP D 211 4.22 -33.12 8.25
N ILE D 212 5.51 -33.23 7.95
CA ILE D 212 6.55 -33.12 8.97
C ILE D 212 6.36 -31.84 9.75
N LYS D 213 6.11 -30.76 9.02
CA LYS D 213 5.73 -29.51 9.65
C LYS D 213 4.53 -29.73 10.55
N GLU D 214 3.40 -30.07 9.94
CA GLU D 214 2.11 -29.89 10.56
C GLU D 214 2.03 -30.70 11.84
N LYS D 215 2.78 -31.80 11.92
CA LYS D 215 2.82 -32.62 13.11
C LYS D 215 4.04 -32.38 13.99
N LEU D 216 5.07 -31.72 13.49
CA LEU D 216 6.28 -31.46 14.25
C LEU D 216 6.59 -29.98 14.43
N CYS D 217 6.64 -29.23 13.33
CA CYS D 217 7.14 -27.87 13.42
C CYS D 217 6.30 -27.04 14.38
N TYR D 218 6.97 -26.29 15.23
CA TYR D 218 6.35 -25.32 16.13
C TYR D 218 7.07 -24.00 15.96
N VAL D 219 6.83 -23.06 16.86
CA VAL D 219 7.55 -21.79 16.85
C VAL D 219 7.89 -21.43 18.28
N ALA D 220 9.09 -20.91 18.49
CA ALA D 220 9.52 -20.50 19.83
C ALA D 220 9.20 -19.03 20.06
N LEU D 221 8.64 -18.73 21.23
CA LEU D 221 8.34 -17.34 21.57
C LEU D 221 9.57 -16.46 21.38
N ASP D 222 10.71 -16.88 21.91
CA ASP D 222 11.97 -16.19 21.78
C ASP D 222 12.79 -16.82 20.68
N PHE D 223 13.62 -16.01 20.03
CA PHE D 223 14.36 -16.52 18.89
C PHE D 223 15.80 -16.84 19.25
N GLU D 224 16.57 -15.85 19.66
CA GLU D 224 17.99 -16.11 19.93
C GLU D 224 18.18 -17.01 21.14
N ASN D 225 17.39 -16.82 22.19
CA ASN D 225 17.56 -17.65 23.37
C ASN D 225 17.27 -19.10 23.03
N GLU D 226 16.21 -19.33 22.25
CA GLU D 226 15.92 -20.68 21.82
C GLU D 226 16.88 -21.23 20.79
N MET D 227 17.68 -20.36 20.18
CA MET D 227 18.61 -20.83 19.17
C MET D 227 19.88 -21.19 19.94
N ALA D 228 20.22 -20.38 20.94
CA ALA D 228 21.32 -20.74 21.83
C ALA D 228 21.05 -22.08 22.50
N THR D 229 19.83 -22.29 22.98
CA THR D 229 19.46 -23.61 23.49
C THR D 229 19.81 -24.65 22.42
N ALA D 230 19.25 -24.49 21.22
CA ALA D 230 19.50 -25.46 20.16
C ALA D 230 20.98 -25.75 19.96
N ALA D 231 21.85 -24.80 20.31
CA ALA D 231 23.27 -25.10 20.33
C ALA D 231 23.53 -26.36 21.15
N SER D 232 22.78 -26.55 22.23
CA SER D 232 22.89 -27.77 23.01
C SER D 232 21.56 -28.27 23.55
N SER D 233 20.43 -27.78 23.02
CA SER D 233 19.13 -28.17 23.56
C SER D 233 18.86 -29.62 23.18
N SER D 234 19.24 -30.55 24.04
CA SER D 234 19.07 -31.97 23.78
C SER D 234 17.61 -32.40 23.76
N SER D 235 16.69 -31.48 24.01
CA SER D 235 15.27 -31.83 23.93
C SER D 235 14.94 -31.94 22.45
N LEU D 236 15.30 -30.93 21.66
CA LEU D 236 14.75 -30.73 20.33
C LEU D 236 15.23 -31.63 19.20
N GLU D 237 16.06 -32.64 19.49
CA GLU D 237 16.60 -33.48 18.43
C GLU D 237 15.67 -34.62 18.04
N LYS D 238 14.38 -34.51 18.35
CA LYS D 238 13.45 -35.58 17.97
C LYS D 238 13.57 -35.86 16.47
N SER D 239 14.00 -37.08 16.16
CA SER D 239 14.09 -37.55 14.79
C SER D 239 12.85 -38.35 14.44
N TYR D 240 12.25 -38.06 13.29
CA TYR D 240 11.04 -38.74 12.87
C TYR D 240 11.19 -39.71 11.71
N GLU D 241 10.73 -40.93 11.91
CA GLU D 241 10.74 -41.91 10.85
C GLU D 241 10.38 -41.28 9.52
N LEU D 242 11.34 -41.21 8.62
CA LEU D 242 11.01 -40.74 7.28
C LEU D 242 9.96 -41.72 6.77
N PRO D 243 8.87 -41.23 6.19
CA PRO D 243 7.72 -42.12 5.93
C PRO D 243 8.11 -43.27 5.04
N ASP D 244 9.14 -43.09 4.21
CA ASP D 244 9.74 -44.23 3.54
C ASP D 244 10.20 -45.26 4.57
N GLY D 245 10.61 -44.79 5.76
CA GLY D 245 10.90 -45.72 6.83
C GLY D 245 12.06 -45.39 7.74
N GLN D 246 13.10 -44.73 7.23
CA GLN D 246 14.24 -44.38 8.07
C GLN D 246 13.93 -43.10 8.82
N VAL D 247 14.06 -43.16 10.15
CA VAL D 247 13.76 -41.99 10.97
C VAL D 247 14.58 -40.81 10.49
N ILE D 248 13.91 -39.71 10.17
CA ILE D 248 14.56 -38.48 9.80
C ILE D 248 14.77 -37.66 11.06
N THR D 249 16.01 -37.22 11.29
CA THR D 249 16.32 -36.45 12.49
C THR D 249 15.82 -35.03 12.35
N ILE D 250 15.48 -34.42 13.49
CA ILE D 250 14.98 -33.06 13.52
C ILE D 250 15.63 -32.33 14.69
N GLY D 251 15.92 -31.06 14.49
CA GLY D 251 16.42 -30.21 15.54
C GLY D 251 15.65 -28.91 15.68
N ASN D 252 16.37 -27.79 15.69
CA ASN D 252 15.75 -26.48 15.88
C ASN D 252 14.82 -26.09 14.75
N GLU D 253 14.94 -26.72 13.59
CA GLU D 253 14.06 -26.38 12.49
C GLU D 253 12.61 -26.60 12.88
N ARG D 254 12.37 -27.54 13.79
CA ARG D 254 11.04 -27.83 14.30
C ARG D 254 10.36 -26.55 14.75
N PHE D 255 11.15 -25.50 14.97
CA PHE D 255 10.57 -24.19 15.19
C PHE D 255 11.05 -23.13 14.23
N ARG D 256 12.33 -23.12 13.83
CA ARG D 256 12.75 -21.89 13.18
C ARG D 256 12.35 -21.87 11.72
N CYS D 257 11.41 -22.71 11.32
CA CYS D 257 10.91 -22.67 9.95
C CYS D 257 9.96 -21.49 9.75
N PRO D 258 8.86 -21.42 10.51
CA PRO D 258 7.81 -20.45 10.19
C PRO D 258 8.04 -19.06 10.74
N GLU D 259 8.85 -18.90 11.78
CA GLU D 259 9.05 -17.58 12.35
C GLU D 259 9.33 -16.54 11.27
N THR D 260 9.96 -16.97 10.19
CA THR D 260 10.22 -16.08 9.07
C THR D 260 8.96 -15.38 8.60
N LEU D 261 7.78 -15.88 8.97
CA LEU D 261 6.58 -15.11 8.76
C LEU D 261 6.65 -13.79 9.52
N PHE D 262 7.51 -13.72 10.53
CA PHE D 262 7.89 -12.43 11.12
C PHE D 262 9.15 -11.86 10.49
N GLN D 263 10.11 -12.72 10.11
CA GLN D 263 11.34 -12.25 9.46
C GLN D 263 11.44 -12.92 8.10
N PRO D 264 11.07 -12.21 7.02
CA PRO D 264 11.19 -12.76 5.67
C PRO D 264 12.58 -12.57 5.09
N SER D 265 13.56 -12.19 5.89
CA SER D 265 14.91 -12.01 5.39
C SER D 265 15.44 -13.37 4.95
N PHE D 266 15.33 -14.36 5.84
CA PHE D 266 15.81 -15.70 5.48
C PHE D 266 15.01 -16.35 4.36
N ILE D 267 13.75 -15.99 4.22
CA ILE D 267 12.92 -16.47 3.13
C ILE D 267 13.09 -15.44 2.03
N GLY D 268 13.65 -14.27 2.38
CA GLY D 268 14.04 -13.30 1.38
C GLY D 268 12.97 -12.34 0.91
N MET D 269 11.92 -12.11 1.70
CA MET D 269 10.96 -11.07 1.40
C MET D 269 11.18 -9.75 2.12
N GLU D 270 11.47 -8.70 1.36
CA GLU D 270 11.53 -7.37 1.94
C GLU D 270 10.34 -7.08 2.83
N SER D 271 9.21 -7.71 2.55
CA SER D 271 8.01 -7.55 3.35
C SER D 271 8.32 -7.71 4.82
N ALA D 272 7.49 -7.08 5.65
CA ALA D 272 7.63 -7.19 7.10
C ALA D 272 6.78 -8.33 7.63
N GLY D 273 7.24 -8.92 8.73
CA GLY D 273 6.55 -10.02 9.37
C GLY D 273 5.07 -9.77 9.62
N ILE D 274 4.34 -10.84 9.90
CA ILE D 274 2.91 -10.72 10.13
C ILE D 274 2.61 -9.70 11.21
N HIS D 275 3.36 -9.76 12.32
CA HIS D 275 3.05 -8.95 13.48
C HIS D 275 3.07 -7.47 13.15
N GLU D 276 4.15 -6.98 12.53
CA GLU D 276 4.24 -5.55 12.26
C GLU D 276 3.32 -5.13 11.12
N THR D 277 3.00 -6.03 10.20
CA THR D 277 1.94 -5.73 9.24
C THR D 277 0.63 -5.45 9.98
N THR D 278 0.27 -6.33 10.91
CA THR D 278 -0.89 -6.07 11.73
C THR D 278 -0.76 -4.73 12.43
N TYR D 279 0.42 -4.46 12.99
CA TYR D 279 0.60 -3.26 13.79
C TYR D 279 0.44 -1.99 12.95
N ASN D 280 1.05 -1.97 11.77
CA ASN D 280 0.97 -0.77 10.96
C ASN D 280 -0.42 -0.58 10.39
N SER D 281 -1.08 -1.68 10.02
CA SER D 281 -2.51 -1.60 9.76
C SER D 281 -3.23 -0.96 10.95
N ILE D 282 -2.81 -1.32 12.15
CA ILE D 282 -3.40 -0.75 13.36
C ILE D 282 -3.21 0.76 13.36
N MET D 283 -1.98 1.21 13.12
CA MET D 283 -1.70 2.64 13.13
C MET D 283 -2.56 3.36 12.11
N LYS D 284 -2.66 2.82 10.90
CA LYS D 284 -3.52 3.44 9.91
C LYS D 284 -4.98 3.45 10.37
N CYS D 285 -5.34 2.56 11.28
CA CYS D 285 -6.67 2.57 11.86
C CYS D 285 -6.93 3.90 12.56
N ASP D 286 -8.17 4.12 12.94
CA ASP D 286 -8.55 5.34 13.63
C ASP D 286 -7.99 5.28 15.05
N ILE D 287 -8.35 6.28 15.85
CA ILE D 287 -7.74 6.43 17.17
C ILE D 287 -8.03 5.23 18.06
N ASP D 288 -9.29 5.00 18.37
CA ASP D 288 -9.64 4.08 19.45
C ASP D 288 -10.13 2.72 18.97
N ILE D 289 -10.23 2.50 17.68
CA ILE D 289 -10.53 1.18 17.16
C ILE D 289 -9.47 0.21 17.67
N ARG D 290 -8.32 0.76 18.04
CA ARG D 290 -7.14 -0.07 18.27
C ARG D 290 -7.27 -0.89 19.55
N LYS D 291 -7.96 -0.37 20.58
CA LYS D 291 -8.09 -1.20 21.76
C LYS D 291 -8.87 -2.45 21.42
N ASP D 292 -9.97 -2.28 20.70
CA ASP D 292 -10.76 -3.40 20.23
C ASP D 292 -9.90 -4.34 19.40
N LEU D 293 -9.13 -3.78 18.47
CA LEU D 293 -8.21 -4.60 17.69
C LEU D 293 -7.36 -5.45 18.60
N TYR D 294 -6.78 -4.84 19.64
CA TYR D 294 -6.05 -5.59 20.65
C TYR D 294 -6.90 -6.72 21.20
N ALA D 295 -8.13 -6.40 21.59
CA ALA D 295 -9.04 -7.41 22.10
C ALA D 295 -9.59 -8.30 20.98
N ASN D 296 -9.72 -7.74 19.77
CA ASN D 296 -10.19 -8.49 18.61
C ASN D 296 -9.05 -9.01 17.76
N ASN D 297 -7.92 -9.33 18.39
CA ASN D 297 -6.78 -9.84 17.65
C ASN D 297 -7.04 -11.25 17.14
N VAL D 298 -8.03 -11.40 16.27
CA VAL D 298 -8.49 -12.71 15.84
C VAL D 298 -7.51 -13.29 14.83
N LEU D 299 -6.83 -14.36 15.23
CA LEU D 299 -6.01 -15.13 14.31
C LEU D 299 -6.86 -16.11 13.52
N SER D 300 -6.32 -16.57 12.40
CA SER D 300 -7.02 -17.51 11.54
C SER D 300 -6.00 -18.29 10.73
N GLY D 301 -6.27 -19.59 10.56
CA GLY D 301 -5.45 -20.42 9.70
C GLY D 301 -5.03 -21.64 10.49
N GLY D 302 -4.98 -22.79 9.80
CA GLY D 302 -4.48 -23.99 10.44
C GLY D 302 -2.99 -24.00 10.16
N THR D 303 -2.59 -23.35 9.07
CA THR D 303 -1.16 -23.13 8.85
C THR D 303 -0.53 -22.46 10.06
N THR D 304 -1.28 -21.58 10.73
CA THR D 304 -0.84 -20.93 11.96
C THR D 304 -1.01 -21.82 13.18
N MET D 305 -1.11 -23.13 12.97
CA MET D 305 -1.37 -24.08 14.04
C MET D 305 -0.23 -24.17 15.04
N TYR D 306 0.78 -23.35 14.87
CA TYR D 306 1.99 -23.57 15.63
C TYR D 306 1.82 -23.17 17.10
N PRO D 307 2.57 -23.82 17.99
CA PRO D 307 2.44 -23.51 19.42
C PRO D 307 3.12 -22.24 19.88
N GLY D 308 2.35 -21.44 20.63
CA GLY D 308 2.83 -20.16 21.11
C GLY D 308 2.70 -19.06 20.08
N ILE D 309 2.04 -19.36 18.96
CA ILE D 309 1.86 -18.36 17.93
C ILE D 309 1.12 -17.15 18.49
N ALA D 310 -0.01 -17.40 19.16
CA ALA D 310 -0.76 -16.30 19.75
C ALA D 310 0.07 -15.60 20.81
N ASP D 311 0.75 -16.36 21.67
CA ASP D 311 1.57 -15.76 22.72
C ASP D 311 2.67 -14.91 22.12
N ARG D 312 3.32 -15.42 21.08
CA ARG D 312 4.29 -14.61 20.36
C ARG D 312 3.62 -13.35 19.84
N MET D 313 2.35 -13.46 19.45
CA MET D 313 1.62 -12.27 19.06
C MET D 313 1.67 -11.30 20.23
N GLN D 314 1.02 -11.65 21.33
CA GLN D 314 0.86 -10.68 22.41
C GLN D 314 2.21 -10.07 22.78
N LYS D 315 3.26 -10.89 22.84
CA LYS D 315 4.55 -10.35 23.27
C LYS D 315 5.11 -9.38 22.25
N GLU D 316 5.06 -9.73 20.97
CA GLU D 316 5.58 -8.86 19.93
C GLU D 316 4.83 -7.54 19.91
N ILE D 317 3.50 -7.60 19.96
CA ILE D 317 2.70 -6.38 20.02
C ILE D 317 3.23 -5.65 21.23
N THR D 318 3.10 -6.22 22.41
CA THR D 318 3.60 -5.57 23.61
C THR D 318 4.87 -4.78 23.37
N ALA D 319 5.86 -5.43 22.77
CA ALA D 319 7.06 -4.72 22.33
C ALA D 319 6.70 -3.55 21.43
N LEU D 320 5.62 -3.69 20.66
CA LEU D 320 5.15 -2.65 19.76
C LEU D 320 4.05 -1.81 20.39
N ALA D 321 2.94 -2.45 20.76
CA ALA D 321 1.79 -1.74 21.28
C ALA D 321 2.10 -1.13 22.64
N PRO D 322 1.52 0.03 22.94
CA PRO D 322 1.69 0.61 24.28
C PRO D 322 1.11 -0.31 25.33
N SER D 323 1.81 -0.41 26.45
CA SER D 323 1.31 -1.19 27.57
C SER D 323 0.00 -0.63 28.09
N THR D 324 -0.24 0.67 27.86
CA THR D 324 -1.49 1.29 28.27
C THR D 324 -2.67 0.48 27.77
N MET D 325 -2.62 0.05 26.51
CA MET D 325 -3.67 -0.76 25.94
C MET D 325 -3.38 -2.24 26.17
N LYS D 326 -4.43 -3.04 26.16
CA LYS D 326 -4.35 -4.45 26.48
C LYS D 326 -4.62 -5.27 25.22
N ILE D 327 -3.75 -6.24 24.95
CA ILE D 327 -3.76 -6.99 23.70
C ILE D 327 -4.42 -8.34 23.95
N LYS D 328 -5.35 -8.73 23.08
CA LYS D 328 -6.01 -10.02 23.16
C LYS D 328 -6.13 -10.61 21.77
N ILE D 329 -5.22 -11.52 21.43
CA ILE D 329 -5.27 -12.22 20.15
C ILE D 329 -6.25 -13.38 20.27
N ILE D 330 -7.00 -13.60 19.20
CA ILE D 330 -8.05 -14.61 19.14
C ILE D 330 -7.42 -15.64 18.21
N ALA D 331 -7.82 -16.89 18.32
CA ALA D 331 -7.34 -17.95 17.44
C ALA D 331 -8.17 -19.18 17.75
N PRO D 332 -9.23 -19.46 16.97
CA PRO D 332 -10.01 -20.66 17.24
C PRO D 332 -9.24 -21.90 16.86
N PRO D 333 -9.46 -23.02 17.56
CA PRO D 333 -8.94 -24.29 17.03
C PRO D 333 -9.51 -24.59 15.65
N GLU D 334 -10.73 -24.14 15.40
CA GLU D 334 -11.44 -24.32 14.13
C GLU D 334 -11.21 -23.15 13.18
N ARG D 335 -9.94 -22.81 12.95
CA ARG D 335 -9.64 -21.69 12.06
C ARG D 335 -9.55 -21.89 10.56
N LYS D 336 -9.29 -23.11 10.11
CA LYS D 336 -8.97 -23.33 8.70
C LYS D 336 -10.34 -23.66 8.16
N TYR D 337 -11.11 -24.45 8.90
CA TYR D 337 -12.49 -24.73 8.51
C TYR D 337 -13.45 -23.65 8.97
N SER D 338 -12.98 -22.66 9.74
CA SER D 338 -13.84 -21.55 10.10
C SER D 338 -14.33 -20.80 8.87
N VAL D 339 -13.48 -20.70 7.84
CA VAL D 339 -13.91 -20.07 6.61
C VAL D 339 -15.12 -20.80 6.03
N TRP D 340 -15.03 -22.13 5.96
CA TRP D 340 -16.14 -22.90 5.42
C TRP D 340 -17.37 -22.80 6.31
N ILE D 341 -17.16 -22.71 7.62
CA ILE D 341 -18.29 -22.57 8.53
C ILE D 341 -19.01 -21.25 8.29
N GLY D 342 -18.26 -20.16 8.17
CA GLY D 342 -18.86 -18.88 7.86
C GLY D 342 -19.57 -18.90 6.52
N GLY D 343 -18.97 -19.57 5.54
CA GLY D 343 -19.65 -19.73 4.26
C GLY D 343 -20.95 -20.49 4.39
N SER D 344 -20.93 -21.57 5.17
CA SER D 344 -22.14 -22.36 5.37
C SER D 344 -23.23 -21.52 6.03
N ILE D 345 -22.86 -20.72 7.03
CA ILE D 345 -23.84 -19.88 7.70
C ILE D 345 -24.39 -18.83 6.73
N LEU D 346 -23.51 -18.15 6.01
CA LEU D 346 -23.96 -17.05 5.17
C LEU D 346 -24.81 -17.56 4.01
N ALA D 347 -24.31 -18.55 3.26
CA ALA D 347 -25.12 -19.16 2.22
C ALA D 347 -26.41 -19.70 2.80
N SER D 348 -26.33 -20.30 3.98
CA SER D 348 -27.51 -20.75 4.70
C SER D 348 -28.41 -19.61 5.09
N LEU D 349 -27.96 -18.37 4.91
CA LEU D 349 -28.73 -17.19 5.31
C LEU D 349 -29.95 -17.09 4.40
N SER D 350 -30.94 -17.93 4.71
CA SER D 350 -32.15 -17.95 3.91
C SER D 350 -32.89 -16.63 3.95
N THR D 351 -32.42 -15.70 4.79
CA THR D 351 -32.93 -14.34 4.71
C THR D 351 -32.12 -13.62 3.64
N PHE D 352 -31.17 -14.31 2.98
CA PHE D 352 -30.22 -13.64 2.11
C PHE D 352 -30.06 -14.33 0.77
N GLN D 353 -31.14 -14.86 0.21
CA GLN D 353 -31.10 -15.30 -1.19
C GLN D 353 -30.95 -14.11 -2.13
N GLN D 354 -31.47 -12.95 -1.72
CA GLN D 354 -31.58 -11.82 -2.64
C GLN D 354 -30.23 -11.48 -3.27
N MET D 355 -29.13 -11.72 -2.56
CA MET D 355 -27.82 -11.44 -3.13
C MET D 355 -27.37 -12.50 -4.09
N TRP D 356 -28.25 -13.37 -4.56
CA TRP D 356 -27.83 -14.61 -5.20
C TRP D 356 -27.64 -14.41 -6.70
N ILE D 357 -26.56 -14.97 -7.23
CA ILE D 357 -26.26 -14.86 -8.65
C ILE D 357 -27.07 -15.90 -9.40
N SER D 358 -28.16 -15.47 -10.02
CA SER D 358 -29.11 -16.36 -10.66
C SER D 358 -28.80 -16.54 -12.14
N LYS D 359 -29.52 -17.47 -12.76
CA LYS D 359 -29.43 -17.65 -14.20
C LYS D 359 -29.67 -16.35 -14.93
N GLN D 360 -30.88 -15.80 -14.79
CA GLN D 360 -31.31 -14.68 -15.60
C GLN D 360 -30.41 -13.48 -15.40
N GLU D 361 -30.40 -12.93 -14.19
CA GLU D 361 -29.55 -11.78 -13.91
C GLU D 361 -28.22 -11.88 -14.62
N TYR D 362 -27.56 -13.03 -14.51
CA TYR D 362 -26.31 -13.24 -15.23
C TYR D 362 -26.53 -13.12 -16.73
N ASP D 363 -27.50 -13.86 -17.26
CA ASP D 363 -27.64 -14.00 -18.71
C ASP D 363 -27.91 -12.64 -19.35
N GLU D 364 -28.93 -11.95 -18.85
CA GLU D 364 -29.23 -10.62 -19.38
C GLU D 364 -28.07 -9.67 -19.16
N ALA D 365 -27.43 -9.74 -17.99
CA ALA D 365 -26.31 -8.86 -17.69
C ALA D 365 -24.97 -9.52 -17.94
N GLY D 366 -24.97 -10.69 -18.57
CA GLY D 366 -23.73 -11.37 -18.90
C GLY D 366 -22.91 -11.63 -17.66
N PRO D 367 -21.59 -11.71 -17.83
CA PRO D 367 -20.70 -11.97 -16.68
C PRO D 367 -20.48 -10.73 -15.83
N SER D 368 -20.47 -9.56 -16.46
CA SER D 368 -20.11 -8.34 -15.75
C SER D 368 -21.03 -8.05 -14.58
N ILE D 369 -22.27 -8.54 -14.64
CA ILE D 369 -23.26 -8.18 -13.63
C ILE D 369 -22.77 -8.53 -12.24
N VAL D 370 -22.32 -9.77 -12.06
CA VAL D 370 -21.96 -10.31 -10.76
C VAL D 370 -20.96 -9.40 -10.06
N HIS D 371 -20.31 -8.54 -10.82
CA HIS D 371 -19.26 -7.68 -10.31
C HIS D 371 -19.80 -6.32 -9.89
N ARG D 372 -20.75 -5.79 -10.65
CA ARG D 372 -21.34 -4.51 -10.32
C ARG D 372 -22.43 -4.69 -9.26
N LYS D 373 -22.31 -3.93 -8.18
CA LYS D 373 -23.29 -3.91 -7.09
C LYS D 373 -23.47 -5.26 -6.42
N CYS D 374 -22.60 -6.23 -6.72
CA CYS D 374 -22.76 -7.57 -6.17
C CYS D 374 -21.45 -8.33 -6.37
N PHE D 375 -21.37 -9.50 -5.75
CA PHE D 375 -20.23 -10.40 -5.89
C PHE D 375 -20.71 -11.84 -5.75
N ASP E 1 61.72 -22.38 2.44
CA ASP E 1 63.04 -21.97 1.97
C ASP E 1 62.93 -20.74 1.07
N ASP E 2 61.99 -19.86 1.39
CA ASP E 2 61.74 -18.67 0.59
C ASP E 2 61.05 -17.64 1.48
N GLU E 3 60.44 -16.63 0.85
CA GLU E 3 59.81 -15.54 1.59
C GLU E 3 58.49 -15.98 2.19
N GLU E 4 57.68 -15.02 2.65
CA GLU E 4 56.59 -15.27 3.59
C GLU E 4 55.82 -16.55 3.27
N THR E 5 55.09 -16.58 2.16
CA THR E 5 54.42 -17.79 1.72
C THR E 5 53.67 -17.51 0.43
N THR E 6 53.15 -18.57 -0.16
CA THR E 6 52.17 -18.49 -1.22
C THR E 6 51.07 -19.51 -0.95
N ALA E 7 49.83 -19.09 -1.17
CA ALA E 7 48.69 -19.88 -0.80
C ALA E 7 48.70 -21.23 -1.51
N LEU E 8 47.84 -22.12 -1.05
CA LEU E 8 47.69 -23.46 -1.61
C LEU E 8 46.31 -23.54 -2.21
N VAL E 9 46.19 -23.09 -3.45
CA VAL E 9 44.90 -23.09 -4.16
C VAL E 9 44.62 -24.54 -4.57
N CYS E 10 43.80 -25.21 -3.78
CA CYS E 10 43.50 -26.63 -3.96
C CYS E 10 42.01 -26.79 -4.20
N ASP E 11 41.66 -27.43 -5.30
CA ASP E 11 40.28 -27.70 -5.65
C ASP E 11 39.97 -29.18 -5.54
N ASN E 12 38.87 -29.50 -4.88
CA ASN E 12 38.34 -30.86 -4.88
C ASN E 12 37.26 -30.95 -5.97
N GLY E 13 37.72 -30.75 -7.20
CA GLY E 13 36.83 -30.87 -8.34
C GLY E 13 36.05 -32.17 -8.25
N SER E 14 34.74 -32.11 -8.50
CA SER E 14 33.88 -33.25 -8.19
C SER E 14 34.43 -34.54 -8.78
N GLY E 15 34.96 -34.49 -10.00
CA GLY E 15 35.52 -35.67 -10.62
C GLY E 15 37.01 -35.81 -10.36
N LEU E 16 37.74 -34.71 -10.51
CA LEU E 16 39.17 -34.69 -10.27
C LEU E 16 39.50 -33.64 -9.24
N VAL E 17 40.55 -33.87 -8.49
CA VAL E 17 41.05 -32.88 -7.55
C VAL E 17 42.16 -32.10 -8.23
N LYS E 18 42.11 -30.78 -8.11
CA LYS E 18 43.05 -29.90 -8.80
C LYS E 18 43.51 -28.83 -7.84
N ALA E 19 44.75 -28.38 -8.03
CA ALA E 19 45.31 -27.43 -7.10
C ALA E 19 46.62 -26.89 -7.64
N GLY E 20 47.01 -25.73 -7.12
CA GLY E 20 48.29 -25.11 -7.41
C GLY E 20 48.63 -24.19 -6.27
N PHE E 21 49.64 -23.34 -6.45
CA PHE E 21 49.97 -22.38 -5.42
C PHE E 21 49.12 -21.13 -5.62
N ALA E 22 49.28 -20.16 -4.71
CA ALA E 22 48.63 -18.88 -4.89
C ALA E 22 49.06 -18.26 -6.21
N GLY E 23 48.09 -17.76 -6.96
CA GLY E 23 48.39 -17.07 -8.20
C GLY E 23 49.10 -17.90 -9.24
N ASP E 24 48.98 -19.22 -9.19
CA ASP E 24 49.53 -20.03 -10.27
C ASP E 24 48.64 -19.93 -11.50
N ASP E 25 49.26 -20.11 -12.67
CA ASP E 25 48.54 -20.05 -13.93
C ASP E 25 47.83 -21.35 -14.27
N ALA E 26 48.00 -22.39 -13.46
CA ALA E 26 47.33 -23.65 -13.69
C ALA E 26 47.46 -24.53 -12.45
N PRO E 27 46.39 -25.19 -12.01
CA PRO E 27 46.52 -26.14 -10.90
C PRO E 27 47.41 -27.29 -11.30
N ARG E 28 48.60 -27.37 -10.71
CA ARG E 28 49.60 -28.32 -11.14
C ARG E 28 49.17 -29.77 -10.92
N ALA E 29 48.14 -30.03 -10.12
CA ALA E 29 47.70 -31.38 -9.82
C ALA E 29 46.24 -31.54 -10.26
N VAL E 30 45.98 -32.61 -11.01
CA VAL E 30 44.63 -32.95 -11.45
C VAL E 30 44.59 -34.45 -11.70
N PHE E 31 43.55 -35.11 -11.19
CA PHE E 31 43.43 -36.55 -11.36
C PHE E 31 42.11 -36.99 -10.77
N PRO E 32 41.65 -38.19 -11.12
CA PRO E 32 40.32 -38.64 -10.69
C PRO E 32 40.24 -38.84 -9.19
N SER E 33 39.03 -38.69 -8.66
CA SER E 33 38.76 -38.90 -7.24
C SER E 33 38.29 -40.34 -6.99
N ILE E 34 39.12 -41.27 -7.42
CA ILE E 34 38.78 -42.68 -7.39
C ILE E 34 39.57 -43.38 -6.29
N VAL E 35 38.97 -44.43 -5.75
CA VAL E 35 39.61 -45.34 -4.81
C VAL E 35 39.64 -46.72 -5.45
N GLY E 36 40.77 -47.40 -5.36
CA GLY E 36 40.93 -48.65 -6.08
C GLY E 36 41.09 -49.88 -5.22
N ARG E 37 40.22 -50.87 -5.42
CA ARG E 37 40.32 -52.15 -4.73
C ARG E 37 40.62 -53.24 -5.75
N PRO E 38 41.86 -53.75 -5.81
CA PRO E 38 42.14 -54.87 -6.71
C PRO E 38 41.21 -56.04 -6.45
N ARG E 39 40.45 -56.43 -7.47
CA ARG E 39 39.38 -57.42 -7.28
C ARG E 39 39.93 -58.72 -6.69
N HIS E 40 40.78 -59.42 -7.44
CA HIS E 40 41.22 -60.74 -7.02
C HIS E 40 42.46 -60.71 -6.15
N GLN E 41 43.27 -59.65 -6.23
CA GLN E 41 44.42 -59.48 -5.36
C GLN E 41 45.34 -60.71 -5.44
N GLY E 42 45.90 -60.91 -6.63
CA GLY E 42 46.76 -62.06 -6.83
C GLY E 42 48.04 -61.97 -6.02
N VAL E 43 48.49 -63.13 -5.54
CA VAL E 43 49.71 -63.21 -4.75
C VAL E 43 50.88 -63.46 -5.69
N MET E 44 51.90 -62.62 -5.60
CA MET E 44 53.09 -62.78 -6.42
C MET E 44 54.33 -62.63 -5.56
N VAL E 45 55.48 -62.90 -6.18
CA VAL E 45 56.76 -62.60 -5.56
C VAL E 45 56.76 -61.12 -5.17
N GLY E 46 56.90 -60.86 -3.87
CA GLY E 46 56.92 -59.50 -3.39
C GLY E 46 55.60 -58.79 -3.58
N MET E 47 55.67 -57.46 -3.63
CA MET E 47 54.48 -56.61 -3.71
C MET E 47 54.84 -55.49 -4.68
N GLY E 48 54.13 -54.37 -4.59
CA GLY E 48 54.39 -53.24 -5.45
C GLY E 48 53.09 -52.54 -5.80
N GLN E 49 51.99 -53.10 -5.32
CA GLN E 49 50.66 -52.55 -5.53
C GLN E 49 50.17 -51.97 -4.22
N LYS E 50 49.98 -50.67 -4.17
CA LYS E 50 49.26 -50.08 -3.05
C LYS E 50 47.77 -50.17 -3.34
N ASP E 51 46.99 -50.34 -2.28
CA ASP E 51 45.54 -50.45 -2.42
C ASP E 51 44.96 -49.31 -3.26
N SER E 52 45.08 -48.08 -2.79
CA SER E 52 44.34 -46.95 -3.34
C SER E 52 45.21 -45.72 -3.55
N TYR E 53 46.36 -45.89 -4.22
CA TYR E 53 47.10 -44.74 -4.75
C TYR E 53 46.56 -44.28 -6.08
N VAL E 54 45.26 -44.44 -6.31
CA VAL E 54 44.65 -44.28 -7.63
C VAL E 54 45.22 -43.06 -8.33
N GLY E 55 45.06 -41.88 -7.71
CA GLY E 55 45.54 -40.65 -8.31
C GLY E 55 45.27 -40.66 -9.80
N ASP E 56 46.35 -40.62 -10.59
CA ASP E 56 46.28 -40.91 -12.01
C ASP E 56 46.82 -42.29 -12.35
N GLU E 57 47.49 -42.95 -11.41
CA GLU E 57 48.07 -44.25 -11.70
C GLU E 57 46.99 -45.31 -11.90
N ALA E 58 45.97 -45.32 -11.03
CA ALA E 58 45.09 -46.47 -10.96
C ALA E 58 44.40 -46.74 -12.29
N GLN E 59 43.82 -45.71 -12.90
CA GLN E 59 43.01 -45.94 -14.07
C GLN E 59 43.80 -46.57 -15.20
N SER E 60 45.03 -46.11 -15.41
CA SER E 60 45.90 -46.76 -16.39
C SER E 60 46.05 -48.23 -16.06
N LYS E 61 46.39 -48.54 -14.81
CA LYS E 61 46.51 -49.89 -14.27
C LYS E 61 45.25 -50.31 -13.53
N ARG E 62 44.12 -49.94 -14.13
CA ARG E 62 42.77 -50.16 -13.62
C ARG E 62 42.37 -51.64 -13.75
N GLY E 63 41.08 -51.90 -13.53
CA GLY E 63 40.49 -53.21 -13.73
C GLY E 63 40.39 -54.03 -12.46
N ILE E 64 41.53 -54.45 -11.93
CA ILE E 64 41.52 -55.18 -10.68
C ILE E 64 40.88 -54.28 -9.64
N LEU E 65 41.45 -53.09 -9.44
CA LEU E 65 40.86 -52.11 -8.54
C LEU E 65 39.53 -51.57 -9.04
N THR E 66 38.58 -51.41 -8.13
CA THR E 66 37.32 -50.74 -8.46
C THR E 66 37.48 -49.24 -8.26
N LEU E 67 36.40 -48.49 -8.44
CA LEU E 67 36.42 -47.04 -8.37
C LEU E 67 35.62 -46.54 -7.19
N LYS E 68 36.13 -45.51 -6.52
CA LYS E 68 35.41 -44.92 -5.40
C LYS E 68 35.67 -43.43 -5.33
N TYR E 69 34.59 -42.66 -5.21
CA TYR E 69 34.66 -41.24 -4.90
C TYR E 69 34.31 -41.06 -3.44
N PRO E 70 35.18 -40.48 -2.61
CA PRO E 70 34.72 -40.09 -1.26
C PRO E 70 33.57 -39.11 -1.32
N ILE E 71 33.52 -38.28 -2.36
CA ILE E 71 32.62 -37.13 -2.49
C ILE E 71 31.50 -37.51 -3.46
N GLU E 72 31.13 -38.78 -3.44
CA GLU E 72 30.44 -39.44 -4.55
C GLU E 72 29.51 -38.51 -5.32
N HIS E 73 28.63 -37.82 -4.61
CA HIS E 73 27.58 -37.03 -5.26
C HIS E 73 27.81 -35.56 -4.98
N GLY E 74 29.06 -35.12 -5.12
CA GLY E 74 29.43 -33.81 -4.63
C GLY E 74 29.48 -33.73 -3.12
N ILE E 75 29.18 -34.82 -2.44
CA ILE E 75 29.20 -34.89 -0.99
C ILE E 75 29.95 -36.15 -0.58
N ILE E 76 30.84 -36.02 0.38
CA ILE E 76 31.81 -37.05 0.72
C ILE E 76 31.23 -37.96 1.79
N THR E 77 31.30 -39.28 1.54
CA THR E 77 30.82 -40.28 2.48
C THR E 77 31.94 -40.91 3.29
N ASN E 78 33.13 -41.00 2.70
CA ASN E 78 34.31 -41.50 3.40
C ASN E 78 35.45 -40.50 3.27
N TRP E 79 36.31 -40.50 4.27
CA TRP E 79 37.34 -39.47 4.39
C TRP E 79 38.74 -40.04 4.55
N ASP E 80 38.89 -41.11 5.34
CA ASP E 80 40.18 -41.76 5.52
C ASP E 80 40.82 -41.94 4.14
N ASP E 81 40.11 -42.65 3.28
CA ASP E 81 40.43 -42.65 1.85
C ASP E 81 40.77 -41.24 1.40
N MET E 82 39.92 -40.28 1.76
CA MET E 82 40.03 -38.95 1.16
C MET E 82 41.21 -38.17 1.74
N GLU E 83 41.47 -38.24 3.04
CA GLU E 83 42.63 -37.53 3.54
C GLU E 83 43.91 -38.17 3.03
N LYS E 84 43.94 -39.50 2.92
CA LYS E 84 45.08 -40.10 2.25
C LYS E 84 45.17 -39.63 0.81
N ILE E 85 44.04 -39.32 0.19
CA ILE E 85 44.04 -38.73 -1.14
C ILE E 85 44.77 -37.40 -1.12
N TRP E 86 44.41 -36.53 -0.17
CA TRP E 86 45.12 -35.26 -0.13
C TRP E 86 46.59 -35.45 0.21
N HIS E 87 46.91 -36.48 1.01
CA HIS E 87 48.31 -36.76 1.28
C HIS E 87 49.05 -37.09 -0.02
N HIS E 88 48.46 -37.97 -0.82
CA HIS E 88 48.99 -38.20 -2.15
C HIS E 88 49.18 -36.87 -2.87
N THR E 89 48.18 -36.00 -2.76
CA THR E 89 48.24 -34.69 -3.41
C THR E 89 49.49 -33.93 -2.96
N PHE E 90 49.56 -33.64 -1.67
CA PHE E 90 50.53 -32.75 -1.07
C PHE E 90 51.93 -33.34 -0.96
N TYR E 91 52.12 -34.60 -1.35
CA TYR E 91 53.40 -35.24 -1.13
C TYR E 91 53.80 -36.10 -2.32
N ASN E 92 53.02 -36.10 -3.38
CA ASN E 92 53.32 -36.87 -4.57
C ASN E 92 53.27 -36.03 -5.83
N GLU E 93 52.33 -35.11 -5.91
CA GLU E 93 52.31 -34.06 -6.92
C GLU E 93 52.24 -32.66 -6.35
N LEU E 94 51.96 -32.54 -5.05
CA LEU E 94 52.20 -31.26 -4.39
C LEU E 94 53.51 -31.49 -3.67
N ARG E 95 53.77 -32.73 -3.24
CA ARG E 95 55.04 -33.12 -2.62
C ARG E 95 55.55 -32.02 -1.71
N VAL E 96 54.66 -31.42 -0.93
CA VAL E 96 54.98 -30.24 -0.15
C VAL E 96 54.49 -30.42 1.28
N ALA E 97 55.11 -29.67 2.19
CA ALA E 97 54.67 -29.67 3.58
C ALA E 97 53.48 -28.74 3.72
N PRO E 98 52.30 -29.27 4.06
CA PRO E 98 51.14 -28.40 4.22
C PRO E 98 51.35 -27.33 5.26
N GLU E 99 52.06 -27.66 6.34
CA GLU E 99 52.37 -26.66 7.36
C GLU E 99 53.06 -25.46 6.74
N GLU E 100 53.77 -25.66 5.64
CA GLU E 100 54.54 -24.59 5.03
C GLU E 100 53.64 -23.51 4.45
N HIS E 101 52.58 -23.90 3.78
CA HIS E 101 51.87 -22.96 2.91
C HIS E 101 50.39 -22.89 3.25
N PRO E 102 49.80 -21.71 3.26
CA PRO E 102 48.35 -21.59 3.45
C PRO E 102 47.62 -22.21 2.26
N THR E 103 46.44 -22.76 2.54
CA THR E 103 45.63 -23.40 1.50
C THR E 103 44.19 -22.95 1.60
N LEU E 104 43.62 -22.56 0.47
CA LEU E 104 42.19 -22.29 0.36
C LEU E 104 41.50 -23.55 -0.17
N LEU E 105 40.34 -23.86 0.39
CA LEU E 105 39.64 -25.08 0.07
C LEU E 105 38.31 -24.78 -0.61
N THR E 106 37.89 -25.71 -1.45
CA THR E 106 36.67 -25.59 -2.23
C THR E 106 35.56 -26.37 -1.55
N GLU E 107 34.47 -25.70 -1.22
CA GLU E 107 33.29 -26.34 -0.63
C GLU E 107 32.05 -25.92 -1.41
N ALA E 108 31.21 -26.90 -1.73
CA ALA E 108 30.04 -26.63 -2.54
C ALA E 108 28.85 -26.22 -1.67
N PRO E 109 27.92 -25.45 -2.23
CA PRO E 109 26.75 -25.03 -1.46
C PRO E 109 25.90 -26.24 -1.06
N LEU E 110 25.14 -26.05 0.03
CA LEU E 110 24.21 -27.03 0.57
C LEU E 110 24.91 -28.08 1.41
N ASN E 111 26.22 -27.96 1.60
CA ASN E 111 26.93 -28.90 2.43
C ASN E 111 26.45 -28.80 3.88
N PRO E 112 26.21 -29.93 4.54
CA PRO E 112 26.08 -29.89 6.00
C PRO E 112 27.35 -29.33 6.62
N LYS E 113 27.16 -28.53 7.67
CA LYS E 113 28.29 -27.80 8.25
C LYS E 113 29.40 -28.76 8.70
N ALA E 114 29.01 -29.90 9.28
CA ALA E 114 30.00 -30.83 9.83
C ALA E 114 31.02 -31.26 8.77
N ASN E 115 30.62 -31.28 7.51
CA ASN E 115 31.56 -31.67 6.47
C ASN E 115 32.78 -30.76 6.46
N ARG E 116 32.54 -29.45 6.36
CA ARG E 116 33.67 -28.53 6.39
C ARG E 116 34.28 -28.49 7.77
N GLU E 117 33.49 -28.66 8.82
CA GLU E 117 34.06 -28.79 10.16
C GLU E 117 35.23 -29.76 10.14
N LYS E 118 34.92 -31.02 9.84
CA LYS E 118 35.95 -32.04 9.89
C LYS E 118 37.04 -31.75 8.87
N MET E 119 36.70 -31.62 7.59
CA MET E 119 37.74 -31.32 6.61
C MET E 119 38.73 -30.32 7.20
N THR E 120 38.23 -29.28 7.86
CA THR E 120 39.12 -28.34 8.54
C THR E 120 40.00 -29.05 9.54
N GLN E 121 39.42 -29.59 10.62
CA GLN E 121 40.31 -29.99 11.72
C GLN E 121 41.28 -31.06 11.24
N ILE E 122 40.83 -31.95 10.36
CA ILE E 122 41.73 -32.97 9.82
C ILE E 122 42.87 -32.33 9.06
N MET E 123 42.58 -31.33 8.23
CA MET E 123 43.67 -30.69 7.50
C MET E 123 44.63 -30.01 8.48
N PHE E 124 44.08 -29.32 9.48
CA PHE E 124 44.93 -28.76 10.53
C PHE E 124 45.84 -29.82 11.14
N GLU E 125 45.26 -30.92 11.60
CA GLU E 125 46.00 -31.89 12.40
C GLU E 125 46.98 -32.67 11.52
N THR E 126 46.45 -33.41 10.55
CA THR E 126 47.29 -34.17 9.65
C THR E 126 48.22 -33.27 8.86
N PHE E 127 47.72 -32.15 8.37
CA PHE E 127 48.51 -31.31 7.48
C PHE E 127 49.10 -30.08 8.16
N ASN E 128 48.57 -29.67 9.31
CA ASN E 128 49.19 -28.62 10.11
C ASN E 128 49.64 -27.46 9.24
N VAL E 129 48.93 -27.21 8.15
CA VAL E 129 49.23 -26.08 7.26
C VAL E 129 49.33 -24.85 8.15
N PRO E 130 49.96 -23.78 7.71
CA PRO E 130 50.04 -22.59 8.57
C PRO E 130 48.66 -22.27 9.11
N ALA E 131 47.67 -22.37 8.23
CA ALA E 131 46.26 -22.33 8.55
C ALA E 131 45.55 -22.52 7.22
N MET E 132 44.22 -22.48 7.18
CA MET E 132 43.54 -22.64 5.90
C MET E 132 42.41 -21.63 5.74
N TYR E 133 41.74 -21.76 4.59
CA TYR E 133 40.50 -21.07 4.29
C TYR E 133 39.78 -21.86 3.21
N VAL E 134 38.47 -21.70 3.13
CA VAL E 134 37.66 -22.45 2.19
C VAL E 134 36.70 -21.51 1.49
N ALA E 135 36.22 -21.94 0.31
CA ALA E 135 35.26 -21.14 -0.42
C ALA E 135 34.47 -22.03 -1.37
N ILE E 136 33.30 -21.53 -1.77
CA ILE E 136 32.42 -22.27 -2.67
C ILE E 136 33.05 -22.34 -4.05
N GLN E 137 33.22 -23.55 -4.57
CA GLN E 137 33.71 -23.70 -5.93
C GLN E 137 32.89 -22.85 -6.90
N ALA E 138 31.58 -22.85 -6.73
CA ALA E 138 30.74 -21.97 -7.55
C ALA E 138 31.19 -20.53 -7.39
N VAL E 139 31.37 -20.09 -6.14
CA VAL E 139 31.74 -18.70 -5.89
C VAL E 139 33.13 -18.41 -6.44
N LEU E 140 34.04 -19.37 -6.31
CA LEU E 140 35.40 -19.16 -6.82
C LEU E 140 35.41 -19.04 -8.34
N SER E 141 34.68 -19.90 -9.02
CA SER E 141 34.49 -19.73 -10.46
C SER E 141 33.86 -18.38 -10.76
N LEU E 142 32.93 -17.94 -9.90
CA LEU E 142 32.31 -16.64 -10.09
C LEU E 142 33.23 -15.44 -9.96
N TYR E 143 34.32 -15.59 -9.21
CA TYR E 143 35.29 -14.52 -9.11
C TYR E 143 36.18 -14.72 -10.33
N ALA E 144 36.40 -15.98 -10.71
CA ALA E 144 37.10 -16.26 -11.95
C ALA E 144 36.43 -15.57 -13.13
N SER E 145 35.12 -15.36 -13.05
CA SER E 145 34.43 -14.62 -14.10
C SER E 145 34.82 -13.16 -14.07
N GLY E 146 34.98 -12.60 -12.87
CA GLY E 146 35.05 -11.17 -12.72
C GLY E 146 33.78 -10.46 -13.09
N ARG E 147 32.79 -11.15 -13.65
CA ARG E 147 31.52 -10.55 -14.03
C ARG E 147 30.70 -10.37 -12.77
N THR E 148 30.76 -9.17 -12.19
CA THR E 148 30.14 -8.94 -10.91
C THR E 148 28.67 -9.33 -10.99
N THR E 149 28.01 -8.99 -12.09
CA THR E 149 26.59 -9.25 -12.23
C THR E 149 26.26 -10.39 -13.18
N GLY E 150 25.11 -11.01 -12.94
CA GLY E 150 24.64 -12.09 -13.80
C GLY E 150 24.64 -13.44 -13.13
N ILE E 151 23.92 -14.38 -13.73
CA ILE E 151 23.88 -15.75 -13.23
C ILE E 151 24.90 -16.58 -13.99
N VAL E 152 25.42 -17.60 -13.33
CA VAL E 152 26.35 -18.55 -13.95
C VAL E 152 25.74 -19.94 -13.87
N LEU E 153 25.73 -20.63 -15.01
CA LEU E 153 25.33 -22.03 -15.03
C LEU E 153 26.54 -22.86 -14.69
N ASP E 154 26.73 -23.14 -13.40
CA ASP E 154 27.91 -23.85 -12.92
C ASP E 154 27.68 -25.35 -13.10
N SER E 155 27.66 -25.77 -14.36
CA SER E 155 27.61 -27.18 -14.72
C SER E 155 29.03 -27.57 -15.11
N GLY E 156 29.85 -27.87 -14.11
CA GLY E 156 31.25 -28.09 -14.34
C GLY E 156 31.71 -29.51 -14.11
N ASP E 157 32.36 -29.74 -12.97
CA ASP E 157 33.00 -31.03 -12.74
C ASP E 157 31.97 -32.16 -12.67
N GLY E 158 31.10 -32.11 -11.65
CA GLY E 158 30.10 -33.13 -11.49
C GLY E 158 28.80 -32.62 -10.89
N VAL E 159 28.56 -31.31 -11.00
CA VAL E 159 27.40 -30.69 -10.38
C VAL E 159 26.84 -29.65 -11.34
N THR E 160 25.61 -29.21 -11.07
CA THR E 160 24.99 -28.16 -11.85
C THR E 160 24.13 -27.29 -10.95
N HIS E 161 24.27 -25.98 -11.12
CA HIS E 161 23.49 -25.00 -10.37
C HIS E 161 23.38 -23.75 -11.23
N ASN E 162 22.64 -22.78 -10.72
CA ASN E 162 22.59 -21.44 -11.29
C ASN E 162 23.05 -20.44 -10.23
N VAL E 163 23.85 -19.47 -10.65
CA VAL E 163 24.41 -18.52 -9.70
C VAL E 163 24.05 -17.11 -10.13
N PRO E 164 22.81 -16.68 -9.93
CA PRO E 164 22.45 -15.30 -10.27
C PRO E 164 23.26 -14.33 -9.44
N ILE E 165 23.69 -13.24 -10.07
CA ILE E 165 24.58 -12.31 -9.42
C ILE E 165 24.26 -10.91 -9.91
N TYR E 166 24.79 -9.92 -9.20
CA TYR E 166 24.82 -8.52 -9.61
C TYR E 166 25.92 -7.84 -8.84
N GLU E 167 26.96 -7.39 -9.54
CA GLU E 167 28.06 -6.70 -8.88
C GLU E 167 28.60 -7.61 -7.78
N GLY E 168 28.66 -8.91 -8.08
CA GLY E 168 29.02 -9.90 -7.10
C GLY E 168 27.90 -10.30 -6.16
N TYR E 169 26.66 -9.87 -6.43
CA TYR E 169 25.56 -9.98 -5.49
C TYR E 169 24.66 -11.12 -5.96
N ALA E 170 24.66 -12.22 -5.23
CA ALA E 170 23.93 -13.42 -5.60
C ALA E 170 22.90 -13.76 -4.53
N LEU E 171 21.75 -14.26 -4.96
CA LEU E 171 20.69 -14.62 -4.04
C LEU E 171 20.73 -16.13 -3.74
N PRO E 172 20.95 -16.52 -2.49
CA PRO E 172 20.76 -17.93 -2.15
C PRO E 172 19.38 -18.43 -2.47
N HIS E 173 18.36 -17.60 -2.22
CA HIS E 173 17.03 -17.94 -2.72
C HIS E 173 17.03 -18.15 -4.21
N ALA E 174 17.88 -17.43 -4.94
CA ALA E 174 17.91 -17.50 -6.39
C ALA E 174 18.86 -18.59 -6.89
N ILE E 175 19.53 -19.30 -6.02
CA ILE E 175 20.42 -20.39 -6.41
C ILE E 175 19.76 -21.72 -6.07
N MET E 176 19.76 -22.64 -7.03
CA MET E 176 19.13 -23.94 -6.92
C MET E 176 20.18 -25.04 -7.10
N ARG E 177 19.73 -26.29 -7.15
CA ARG E 177 20.61 -27.43 -7.26
C ARG E 177 20.22 -28.29 -8.45
N LEU E 178 21.23 -28.92 -9.06
CA LEU E 178 21.02 -29.92 -10.10
C LEU E 178 21.89 -31.13 -9.80
N ASP E 179 21.26 -32.24 -9.43
CA ASP E 179 22.01 -33.46 -9.17
C ASP E 179 22.72 -33.97 -10.42
N LEU E 180 22.30 -33.50 -11.59
CA LEU E 180 22.89 -33.96 -12.84
C LEU E 180 24.40 -33.76 -12.80
N ALA E 181 25.12 -34.74 -13.33
CA ALA E 181 26.57 -34.74 -13.28
C ALA E 181 27.10 -35.53 -14.46
N GLY E 182 28.39 -35.36 -14.74
CA GLY E 182 29.03 -36.21 -15.71
C GLY E 182 28.79 -37.67 -15.42
N ARG E 183 28.69 -38.02 -14.14
CA ARG E 183 28.33 -39.39 -13.77
C ARG E 183 26.95 -39.74 -14.32
N ASP E 184 26.02 -38.80 -14.27
CA ASP E 184 24.66 -39.08 -14.70
C ASP E 184 24.60 -39.34 -16.19
N LEU E 185 25.18 -38.42 -16.98
CA LEU E 185 25.30 -38.66 -18.41
C LEU E 185 26.06 -39.96 -18.65
N THR E 186 27.00 -40.27 -17.77
CA THR E 186 27.76 -41.50 -17.89
C THR E 186 26.83 -42.68 -17.84
N ASP E 187 26.00 -42.73 -16.81
CA ASP E 187 25.08 -43.84 -16.64
C ASP E 187 24.14 -43.93 -17.83
N TYR E 188 23.64 -42.78 -18.27
CA TYR E 188 22.69 -42.77 -19.39
C TYR E 188 23.32 -43.32 -20.66
N LEU E 189 24.49 -42.79 -21.03
CA LEU E 189 25.12 -43.22 -22.26
C LEU E 189 25.60 -44.66 -22.17
N MET E 190 26.04 -45.09 -21.00
CA MET E 190 26.39 -46.49 -20.82
C MET E 190 25.17 -47.36 -21.04
N LYS E 191 24.04 -46.97 -20.46
CA LYS E 191 22.78 -47.62 -20.67
C LYS E 191 22.48 -47.75 -22.16
N ILE E 192 22.58 -46.65 -22.88
CA ILE E 192 22.22 -46.66 -24.30
C ILE E 192 23.18 -47.55 -25.08
N LEU E 193 24.47 -47.43 -24.83
CA LEU E 193 25.44 -48.28 -25.53
C LEU E 193 25.14 -49.74 -25.28
N THR E 194 24.83 -50.09 -24.04
CA THR E 194 24.50 -51.47 -23.73
C THR E 194 23.25 -51.91 -24.49
N GLU E 195 22.18 -51.12 -24.43
CA GLU E 195 20.92 -51.53 -25.04
C GLU E 195 21.04 -51.66 -26.55
N ARG E 196 22.00 -50.96 -27.16
CA ARG E 196 22.21 -51.05 -28.59
C ARG E 196 23.08 -52.23 -28.98
N GLY E 197 23.16 -53.25 -28.12
CA GLY E 197 23.94 -54.43 -28.42
C GLY E 197 25.36 -54.34 -27.93
N TYR E 198 25.53 -54.01 -26.65
CA TYR E 198 26.86 -53.81 -26.08
C TYR E 198 26.82 -54.11 -24.59
N SER E 199 27.96 -54.52 -24.05
CA SER E 199 28.09 -54.91 -22.64
C SER E 199 28.98 -53.88 -21.94
N PHE E 200 28.35 -52.80 -21.48
CA PHE E 200 29.05 -51.65 -20.92
C PHE E 200 28.69 -51.54 -19.44
N VAL E 201 29.40 -52.30 -18.60
CA VAL E 201 29.09 -52.31 -17.18
C VAL E 201 30.34 -52.04 -16.36
N THR E 202 31.50 -52.28 -16.95
CA THR E 202 32.76 -52.32 -16.20
C THR E 202 33.31 -50.93 -15.95
N THR E 203 34.07 -50.81 -14.87
CA THR E 203 34.59 -49.52 -14.43
C THR E 203 35.42 -48.87 -15.52
N ALA E 204 36.52 -49.52 -15.90
CA ALA E 204 37.33 -49.00 -16.99
C ALA E 204 36.47 -48.69 -18.20
N GLU E 205 35.43 -49.50 -18.42
CA GLU E 205 34.41 -49.15 -19.40
C GLU E 205 33.80 -47.80 -19.08
N ARG E 206 33.59 -47.52 -17.79
CA ARG E 206 33.01 -46.25 -17.37
C ARG E 206 33.94 -45.08 -17.75
N GLU E 207 35.22 -45.19 -17.43
CA GLU E 207 36.15 -44.15 -17.85
C GLU E 207 36.20 -44.02 -19.36
N ILE E 208 36.25 -45.15 -20.06
CA ILE E 208 36.30 -45.13 -21.51
C ILE E 208 35.10 -44.39 -22.07
N VAL E 209 33.92 -44.67 -21.52
CA VAL E 209 32.71 -44.05 -22.05
C VAL E 209 32.70 -42.55 -21.77
N ARG E 210 33.16 -42.14 -20.59
CA ARG E 210 33.22 -40.71 -20.35
C ARG E 210 34.14 -40.04 -21.36
N ASP E 211 35.27 -40.70 -21.64
CA ASP E 211 36.18 -40.15 -22.65
C ASP E 211 35.52 -40.12 -24.02
N ILE E 212 34.78 -41.17 -24.34
CA ILE E 212 34.02 -41.24 -25.59
C ILE E 212 33.16 -40.01 -25.71
N LYS E 213 32.49 -39.66 -24.61
CA LYS E 213 31.78 -38.40 -24.54
C LYS E 213 32.70 -37.25 -24.87
N GLU E 214 33.69 -37.05 -24.01
CA GLU E 214 34.39 -35.77 -23.94
C GLU E 214 35.03 -35.45 -25.27
N LYS E 215 35.39 -36.48 -26.03
CA LYS E 215 35.99 -36.30 -27.35
C LYS E 215 35.02 -36.48 -28.49
N LEU E 216 33.85 -37.08 -28.27
CA LEU E 216 32.87 -37.30 -29.32
C LEU E 216 31.55 -36.61 -29.07
N CYS E 217 30.94 -36.83 -27.91
CA CYS E 217 29.57 -36.39 -27.71
C CYS E 217 29.47 -34.88 -27.86
N TYR E 218 28.45 -34.44 -28.60
CA TYR E 218 28.10 -33.04 -28.73
C TYR E 218 26.62 -32.90 -28.43
N VAL E 219 26.05 -31.74 -28.74
CA VAL E 219 24.61 -31.55 -28.59
C VAL E 219 24.10 -30.78 -29.81
N ALA E 220 22.93 -31.17 -30.30
CA ALA E 220 22.33 -30.52 -31.44
C ALA E 220 21.41 -29.40 -30.98
N LEU E 221 21.51 -28.24 -31.63
CA LEU E 221 20.65 -27.12 -31.30
C LEU E 221 19.18 -27.55 -31.33
N ASP E 222 18.78 -28.22 -32.39
CA ASP E 222 17.43 -28.73 -32.56
C ASP E 222 17.40 -30.20 -32.20
N PHE E 223 16.25 -30.66 -31.72
CA PHE E 223 16.18 -32.03 -31.24
C PHE E 223 15.51 -32.94 -32.25
N GLU E 224 14.24 -32.69 -32.57
CA GLU E 224 13.53 -33.59 -33.46
C GLU E 224 14.08 -33.54 -34.87
N ASN E 225 14.44 -32.35 -35.37
CA ASN E 225 14.96 -32.26 -36.72
C ASN E 225 16.26 -33.04 -36.83
N GLU E 226 17.12 -32.90 -35.83
CA GLU E 226 18.35 -33.65 -35.82
C GLU E 226 18.16 -35.13 -35.54
N MET E 227 16.99 -35.53 -35.05
CA MET E 227 16.77 -36.94 -34.76
C MET E 227 16.22 -37.52 -36.06
N ALA E 228 15.37 -36.77 -36.75
CA ALA E 228 14.93 -37.20 -38.07
C ALA E 228 16.14 -37.36 -39.00
N THR E 229 17.07 -36.41 -38.98
CA THR E 229 18.31 -36.62 -39.72
C THR E 229 18.90 -37.97 -39.34
N ALA E 230 19.15 -38.18 -38.04
CA ALA E 230 19.74 -39.43 -37.59
C ALA E 230 19.02 -40.66 -38.15
N ALA E 231 17.73 -40.52 -38.46
CA ALA E 231 17.05 -41.60 -39.17
C ALA E 231 17.84 -41.99 -40.41
N SER E 232 18.46 -41.02 -41.07
CA SER E 232 19.31 -41.32 -42.22
C SER E 232 20.55 -40.42 -42.29
N SER E 233 20.90 -39.72 -41.21
CA SER E 233 22.03 -38.80 -41.26
C SER E 233 23.32 -39.60 -41.34
N SER E 234 23.78 -39.86 -42.56
CA SER E 234 24.98 -40.66 -42.77
C SER E 234 26.24 -39.95 -42.30
N SER E 235 26.13 -38.72 -41.80
CA SER E 235 27.30 -38.04 -41.27
C SER E 235 27.62 -38.69 -39.94
N LEU E 236 26.61 -38.82 -39.06
CA LEU E 236 26.83 -39.08 -37.65
C LEU E 236 27.22 -40.49 -37.22
N GLU E 237 27.46 -41.39 -38.15
CA GLU E 237 27.77 -42.77 -37.80
C GLU E 237 29.24 -43.00 -37.49
N LYS E 238 29.99 -41.94 -37.18
CA LYS E 238 31.40 -42.11 -36.85
C LYS E 238 31.56 -43.16 -35.76
N SER E 239 32.22 -44.26 -36.10
CA SER E 239 32.54 -45.32 -35.15
C SER E 239 33.96 -45.13 -34.63
N TYR E 240 34.12 -45.21 -33.32
CA TYR E 240 35.42 -45.02 -32.70
C TYR E 240 36.08 -46.26 -32.13
N GLU E 241 37.31 -46.51 -32.55
CA GLU E 241 38.07 -47.62 -32.01
C GLU E 241 37.83 -47.76 -30.53
N LEU E 242 37.17 -48.84 -30.14
CA LEU E 242 37.04 -49.11 -28.72
C LEU E 242 38.46 -49.22 -28.20
N PRO E 243 38.79 -48.58 -27.09
CA PRO E 243 40.21 -48.44 -26.71
C PRO E 243 40.84 -49.80 -26.54
N ASP E 244 40.06 -50.81 -26.19
CA ASP E 244 40.56 -52.18 -26.30
C ASP E 244 41.04 -52.46 -27.71
N GLY E 245 40.42 -51.83 -28.71
CA GLY E 245 40.93 -51.93 -30.06
C GLY E 245 39.92 -52.02 -31.19
N GLN E 246 38.76 -52.61 -30.95
CA GLN E 246 37.74 -52.71 -32.00
C GLN E 246 36.96 -51.41 -32.05
N VAL E 247 36.90 -50.80 -33.23
CA VAL E 247 36.20 -49.54 -33.39
C VAL E 247 34.77 -49.71 -32.90
N ILE E 248 34.36 -48.86 -31.97
CA ILE E 248 32.99 -48.82 -31.49
C ILE E 248 32.22 -47.83 -32.34
N THR E 249 31.09 -48.29 -32.89
CA THR E 249 30.30 -47.42 -33.76
C THR E 249 29.52 -46.41 -32.92
N ILE E 250 29.27 -45.25 -33.52
CA ILE E 250 28.53 -44.18 -32.86
C ILE E 250 27.55 -43.58 -33.85
N GLY E 251 26.38 -43.19 -33.35
CA GLY E 251 25.40 -42.50 -34.15
C GLY E 251 24.90 -41.22 -33.48
N ASN E 252 23.58 -41.08 -33.38
CA ASN E 252 22.97 -39.88 -32.83
C ASN E 252 23.27 -39.68 -31.36
N GLU E 253 23.68 -40.73 -30.65
CA GLU E 253 24.01 -40.58 -29.23
C GLU E 253 25.10 -39.54 -29.06
N ARG E 254 25.97 -39.40 -30.05
CA ARG E 254 27.04 -38.42 -30.04
C ARG E 254 26.48 -37.05 -29.68
N PHE E 255 25.18 -36.87 -29.81
CA PHE E 255 24.54 -35.67 -29.30
C PHE E 255 23.42 -35.94 -28.31
N ARG E 256 22.59 -36.98 -28.50
CA ARG E 256 21.39 -36.96 -27.68
C ARG E 256 21.64 -37.49 -26.29
N CYS E 257 22.89 -37.54 -25.87
CA CYS E 257 23.20 -37.94 -24.50
C CYS E 257 22.90 -36.80 -23.53
N PRO E 258 23.55 -35.65 -23.68
CA PRO E 258 23.47 -34.62 -22.63
C PRO E 258 22.26 -33.73 -22.69
N GLU E 259 21.60 -33.61 -23.85
CA GLU E 259 20.46 -32.71 -23.94
C GLU E 259 19.50 -32.93 -22.79
N THR E 260 19.43 -34.16 -22.29
CA THR E 260 18.59 -34.46 -21.13
C THR E 260 18.86 -33.52 -19.97
N LEU E 261 20.01 -32.84 -19.97
CA LEU E 261 20.18 -31.74 -19.03
C LEU E 261 19.11 -30.69 -19.23
N PHE E 262 18.49 -30.64 -20.41
CA PHE E 262 17.27 -29.89 -20.60
C PHE E 262 16.03 -30.75 -20.39
N GLN E 263 16.07 -32.02 -20.77
CA GLN E 263 14.93 -32.92 -20.57
C GLN E 263 15.39 -34.10 -19.70
N PRO E 264 15.10 -34.05 -18.40
CA PRO E 264 15.45 -35.16 -17.51
C PRO E 264 14.42 -36.28 -17.52
N SER E 265 13.50 -36.28 -18.48
CA SER E 265 12.49 -37.33 -18.54
C SER E 265 13.21 -38.63 -18.87
N PHE E 266 14.02 -38.62 -19.93
CA PHE E 266 14.75 -39.83 -20.30
C PHE E 266 15.77 -40.28 -19.27
N ILE E 267 16.30 -39.33 -18.50
CA ILE E 267 17.22 -39.64 -17.41
C ILE E 267 16.32 -39.81 -16.18
N GLY E 268 15.07 -39.35 -16.29
CA GLY E 268 14.08 -39.63 -15.28
C GLY E 268 14.03 -38.68 -14.11
N MET E 269 14.52 -37.45 -14.25
CA MET E 269 14.34 -36.43 -13.23
C MET E 269 13.18 -35.48 -13.45
N GLU E 270 12.20 -35.52 -12.56
CA GLU E 270 11.13 -34.54 -12.60
C GLU E 270 11.66 -33.13 -12.77
N SER E 271 12.88 -32.89 -12.28
CA SER E 271 13.51 -31.59 -12.39
C SER E 271 13.42 -31.07 -13.82
N ALA E 272 13.46 -29.74 -13.95
CA ALA E 272 13.44 -29.11 -15.26
C ALA E 272 14.86 -28.87 -15.77
N GLY E 273 15.01 -28.89 -17.09
CA GLY E 273 16.29 -28.68 -17.72
C GLY E 273 17.04 -27.46 -17.23
N ILE E 274 18.32 -27.40 -17.56
CA ILE E 274 19.16 -26.28 -17.10
C ILE E 274 18.55 -24.97 -17.53
N HIS E 275 18.11 -24.88 -18.78
CA HIS E 275 17.67 -23.60 -19.34
C HIS E 275 16.52 -23.01 -18.55
N GLU E 276 15.47 -23.79 -18.31
CA GLU E 276 14.31 -23.23 -17.61
C GLU E 276 14.58 -23.04 -16.13
N THR E 277 15.50 -23.80 -15.54
CA THR E 277 15.94 -23.48 -14.20
C THR E 277 16.56 -22.09 -14.17
N THR E 278 17.46 -21.82 -15.12
CA THR E 278 18.00 -20.47 -15.24
C THR E 278 16.88 -19.47 -15.40
N TYR E 279 15.92 -19.77 -16.26
CA TYR E 279 14.88 -18.81 -16.58
C TYR E 279 14.01 -18.50 -15.36
N ASN E 280 13.62 -19.52 -14.61
CA ASN E 280 12.74 -19.27 -13.47
C ASN E 280 13.50 -18.57 -12.36
N SER E 281 14.77 -18.94 -12.16
CA SER E 281 15.62 -18.11 -11.32
C SER E 281 15.58 -16.67 -11.80
N ILE E 282 15.58 -16.47 -13.11
CA ILE E 282 15.51 -15.12 -13.67
C ILE E 282 14.23 -14.44 -13.22
N MET E 283 13.10 -15.13 -13.37
CA MET E 283 11.82 -14.54 -12.99
C MET E 283 11.83 -14.15 -11.52
N LYS E 284 12.31 -15.04 -10.65
CA LYS E 284 12.40 -14.69 -9.25
C LYS E 284 13.32 -13.49 -9.03
N CYS E 285 14.23 -13.23 -9.96
CA CYS E 285 15.07 -12.05 -9.89
C CYS E 285 14.20 -10.80 -9.90
N ASP E 286 14.83 -9.67 -9.62
CA ASP E 286 14.13 -8.40 -9.62
C ASP E 286 13.80 -8.01 -11.06
N ILE E 287 13.26 -6.81 -11.23
CA ILE E 287 12.73 -6.41 -12.54
C ILE E 287 13.84 -6.39 -13.58
N ASP E 288 14.83 -5.51 -13.41
CA ASP E 288 15.74 -5.20 -14.49
C ASP E 288 17.11 -5.85 -14.38
N ILE E 289 17.35 -6.62 -13.32
CA ILE E 289 18.57 -7.42 -13.23
C ILE E 289 18.62 -8.33 -14.45
N ARG E 290 17.46 -8.59 -15.04
CA ARG E 290 17.35 -9.67 -16.02
C ARG E 290 18.04 -9.33 -17.32
N LYS E 291 18.08 -8.05 -17.72
CA LYS E 291 18.78 -7.75 -18.96
C LYS E 291 20.25 -8.11 -18.78
N ASP E 292 20.83 -7.69 -17.66
CA ASP E 292 22.21 -8.04 -17.34
C ASP E 292 22.38 -9.55 -17.34
N LEU E 293 21.46 -10.25 -16.67
CA LEU E 293 21.51 -11.71 -16.68
C LEU E 293 21.61 -12.22 -18.11
N TYR E 294 20.76 -11.70 -19.00
CA TYR E 294 20.85 -12.03 -20.41
C TYR E 294 22.27 -11.78 -20.93
N ALA E 295 22.80 -10.60 -20.63
CA ALA E 295 24.16 -10.28 -21.04
C ALA E 295 25.19 -11.01 -20.19
N ASN E 296 24.87 -11.27 -18.93
CA ASN E 296 25.76 -12.00 -18.03
C ASN E 296 25.43 -13.48 -17.97
N ASN E 297 24.95 -14.04 -19.07
CA ASN E 297 24.61 -15.46 -19.10
C ASN E 297 25.86 -16.32 -19.07
N VAL E 298 26.63 -16.23 -17.99
CA VAL E 298 27.93 -16.87 -17.91
C VAL E 298 27.76 -18.36 -17.67
N LEU E 299 28.14 -19.15 -18.66
CA LEU E 299 28.22 -20.59 -18.50
C LEU E 299 29.52 -21.00 -17.82
N SER E 300 29.53 -22.21 -17.28
CA SER E 300 30.71 -22.71 -16.60
C SER E 300 30.67 -24.24 -16.61
N GLY E 301 31.84 -24.84 -16.83
CA GLY E 301 31.95 -26.29 -16.74
C GLY E 301 32.62 -26.78 -18.00
N GLY E 302 33.48 -27.80 -17.86
CA GLY E 302 34.07 -28.42 -19.03
C GLY E 302 33.12 -29.54 -19.40
N THR E 303 32.37 -30.04 -18.43
CA THR E 303 31.30 -30.96 -18.76
C THR E 303 30.36 -30.36 -19.80
N THR E 304 30.16 -29.05 -19.74
CA THR E 304 29.38 -28.31 -20.72
C THR E 304 30.16 -28.02 -21.99
N MET E 305 31.23 -28.75 -22.24
CA MET E 305 32.12 -28.52 -23.37
C MET E 305 31.44 -28.77 -24.71
N TYR E 306 30.17 -29.07 -24.69
CA TYR E 306 29.55 -29.56 -25.90
C TYR E 306 29.34 -28.44 -26.92
N PRO E 307 29.35 -28.78 -28.21
CA PRO E 307 29.19 -27.76 -29.25
C PRO E 307 27.77 -27.26 -29.46
N GLY E 308 27.64 -25.94 -29.50
CA GLY E 308 26.35 -25.30 -29.63
C GLY E 308 25.59 -25.18 -28.33
N ILE E 309 26.26 -25.54 -27.23
CA ILE E 309 25.62 -25.44 -25.92
C ILE E 309 25.16 -24.02 -25.66
N ALA E 310 26.06 -23.06 -25.84
CA ALA E 310 25.70 -21.66 -25.65
C ALA E 310 24.61 -21.24 -26.62
N ASP E 311 24.76 -21.62 -27.90
CA ASP E 311 23.76 -21.26 -28.90
C ASP E 311 22.41 -21.84 -28.56
N ARG E 312 22.40 -23.11 -28.13
CA ARG E 312 21.15 -23.68 -27.64
C ARG E 312 20.62 -22.87 -26.48
N MET E 313 21.52 -22.31 -25.67
CA MET E 313 21.08 -21.41 -24.61
C MET E 313 20.28 -20.30 -25.27
N GLN E 314 20.96 -19.47 -26.06
CA GLN E 314 20.31 -18.27 -26.55
C GLN E 314 18.98 -18.60 -27.20
N LYS E 315 18.94 -19.69 -27.97
CA LYS E 315 17.70 -20.00 -28.68
C LYS E 315 16.60 -20.41 -27.71
N GLU E 316 16.91 -21.26 -26.73
CA GLU E 316 15.91 -21.70 -25.78
C GLU E 316 15.38 -20.51 -24.97
N ILE E 317 16.29 -19.66 -24.49
CA ILE E 317 15.86 -18.46 -23.77
C ILE E 317 14.94 -17.74 -24.75
N THR E 318 15.45 -17.32 -25.89
CA THR E 318 14.63 -16.64 -26.88
C THR E 318 13.21 -17.18 -26.92
N ALA E 319 13.08 -18.50 -27.05
CA ALA E 319 11.77 -19.12 -26.94
C ALA E 319 11.12 -18.77 -25.61
N LEU E 320 11.92 -18.57 -24.57
CA LEU E 320 11.43 -18.19 -23.25
C LEU E 320 11.49 -16.69 -23.02
N ALA E 321 12.69 -16.11 -23.11
CA ALA E 321 12.87 -14.71 -22.81
C ALA E 321 12.19 -13.83 -23.86
N PRO E 322 11.66 -12.68 -23.46
CA PRO E 322 11.11 -11.75 -24.45
C PRO E 322 12.17 -11.28 -25.42
N SER E 323 11.79 -11.19 -26.69
CA SER E 323 12.70 -10.67 -27.70
C SER E 323 13.10 -9.25 -27.39
N THR E 324 12.26 -8.53 -26.64
CA THR E 324 12.59 -7.16 -26.26
C THR E 324 13.97 -7.10 -25.63
N MET E 325 14.27 -8.04 -24.75
CA MET E 325 15.57 -8.11 -24.12
C MET E 325 16.51 -8.96 -24.97
N LYS E 326 17.81 -8.72 -24.80
CA LYS E 326 18.84 -9.35 -25.60
C LYS E 326 19.65 -10.29 -24.72
N ILE E 327 19.85 -11.52 -25.19
CA ILE E 327 20.44 -12.60 -24.42
C ILE E 327 21.89 -12.75 -24.83
N LYS E 328 22.79 -12.83 -23.85
CA LYS E 328 24.21 -13.05 -24.11
C LYS E 328 24.76 -14.05 -23.10
N ILE E 329 24.87 -15.29 -23.51
CA ILE E 329 25.45 -16.34 -22.68
C ILE E 329 26.97 -16.27 -22.78
N ILE E 330 27.63 -16.48 -21.64
CA ILE E 330 29.08 -16.37 -21.53
C ILE E 330 29.47 -17.84 -21.37
N ALA E 331 30.68 -18.17 -21.75
CA ALA E 331 31.20 -19.52 -21.57
C ALA E 331 32.68 -19.48 -21.93
N PRO E 332 33.57 -19.38 -20.94
CA PRO E 332 34.99 -19.36 -21.26
C PRO E 332 35.46 -20.74 -21.71
N PRO E 333 36.45 -20.81 -22.60
CA PRO E 333 37.10 -22.11 -22.81
C PRO E 333 37.71 -22.65 -21.54
N GLU E 334 38.14 -21.76 -20.66
CA GLU E 334 38.75 -22.08 -19.37
C GLU E 334 37.71 -22.13 -18.25
N ARG E 335 36.64 -22.89 -18.46
CA ARG E 335 35.60 -22.97 -17.45
C ARG E 335 35.69 -23.95 -16.28
N LYS E 336 36.49 -25.01 -16.45
CA LYS E 336 36.44 -26.10 -15.48
C LYS E 336 37.60 -25.69 -14.58
N TYR E 337 38.69 -25.21 -15.15
CA TYR E 337 39.79 -24.68 -14.37
C TYR E 337 39.57 -23.23 -13.96
N SER E 338 38.50 -22.59 -14.45
CA SER E 338 38.20 -21.24 -14.01
C SER E 338 37.95 -21.20 -12.52
N VAL E 339 37.34 -22.25 -11.96
CA VAL E 339 37.14 -22.30 -10.52
C VAL E 339 38.48 -22.23 -9.81
N TRP E 340 39.45 -23.03 -10.25
CA TRP E 340 40.76 -23.02 -9.62
C TRP E 340 41.45 -21.70 -9.82
N ILE E 341 41.23 -21.06 -10.97
CA ILE E 341 41.84 -19.76 -11.22
C ILE E 341 41.30 -18.71 -10.25
N GLY E 342 39.97 -18.70 -10.08
CA GLY E 342 39.38 -17.79 -9.11
C GLY E 342 39.87 -18.07 -7.70
N GLY E 343 40.01 -19.36 -7.36
CA GLY E 343 40.58 -19.69 -6.06
C GLY E 343 42.00 -19.19 -5.91
N SER E 344 42.80 -19.34 -6.95
CA SER E 344 44.18 -18.87 -6.90
C SER E 344 44.22 -17.36 -6.71
N ILE E 345 43.37 -16.64 -7.41
CA ILE E 345 43.35 -15.19 -7.28
C ILE E 345 42.91 -14.80 -5.87
N LEU E 346 41.82 -15.39 -5.38
CA LEU E 346 41.27 -14.99 -4.09
C LEU E 346 42.23 -15.34 -2.96
N ALA E 347 42.67 -16.59 -2.90
CA ALA E 347 43.66 -16.95 -1.89
C ALA E 347 44.90 -16.09 -2.04
N SER E 348 45.30 -15.82 -3.29
CA SER E 348 46.39 -14.92 -3.56
C SER E 348 46.09 -13.50 -3.11
N LEU E 349 44.84 -13.22 -2.70
CA LEU E 349 44.43 -11.89 -2.30
C LEU E 349 45.15 -11.54 -1.01
N SER E 350 46.42 -11.17 -1.15
CA SER E 350 47.23 -10.84 0.02
C SER E 350 46.69 -9.64 0.76
N THR E 351 45.67 -8.98 0.19
CA THR E 351 44.95 -7.98 0.95
C THR E 351 43.89 -8.70 1.77
N PHE E 352 43.81 -10.03 1.68
CA PHE E 352 42.69 -10.76 2.25
C PHE E 352 43.13 -11.97 3.08
N GLN E 353 44.25 -11.86 3.80
CA GLN E 353 44.57 -12.87 4.80
C GLN E 353 43.56 -12.85 5.95
N GLN E 354 43.00 -11.68 6.24
CA GLN E 354 42.22 -11.51 7.45
C GLN E 354 41.09 -12.54 7.55
N MET E 355 40.57 -12.98 6.41
CA MET E 355 39.53 -14.00 6.45
C MET E 355 40.05 -15.38 6.70
N TRP E 356 41.29 -15.54 7.13
CA TRP E 356 41.98 -16.81 7.06
C TRP E 356 41.71 -17.64 8.32
N ILE E 357 41.47 -18.93 8.11
CA ILE E 357 41.19 -19.84 9.22
C ILE E 357 42.53 -20.27 9.81
N SER E 358 42.89 -19.68 10.94
CA SER E 358 44.19 -19.89 11.55
C SER E 358 44.14 -20.99 12.59
N LYS E 359 45.33 -21.36 13.09
CA LYS E 359 45.43 -22.30 14.19
C LYS E 359 44.58 -21.85 15.37
N GLN E 360 44.93 -20.69 15.94
CA GLN E 360 44.35 -20.25 17.20
C GLN E 360 42.85 -20.09 17.09
N GLU E 361 42.41 -19.14 16.26
CA GLU E 361 40.98 -18.93 16.08
C GLU E 361 40.21 -20.23 16.09
N TYR E 362 40.68 -21.21 15.32
CA TYR E 362 40.04 -22.52 15.33
C TYR E 362 40.10 -23.13 16.72
N ASP E 363 41.30 -23.19 17.30
CA ASP E 363 41.51 -23.96 18.53
C ASP E 363 40.66 -23.41 19.67
N GLU E 364 40.76 -22.11 19.91
CA GLU E 364 39.94 -21.50 20.95
C GLU E 364 38.47 -21.62 20.62
N ALA E 365 38.10 -21.43 19.35
CA ALA E 365 36.70 -21.52 18.95
C ALA E 365 36.36 -22.88 18.37
N GLY E 366 37.26 -23.85 18.48
CA GLY E 366 36.99 -25.19 18.01
C GLY E 366 36.65 -25.19 16.53
N PRO E 367 35.86 -26.18 16.11
CA PRO E 367 35.49 -26.25 14.69
C PRO E 367 34.39 -25.28 14.31
N SER E 368 33.49 -25.02 15.26
CA SER E 368 32.31 -24.21 14.95
C SER E 368 32.68 -22.82 14.45
N ILE E 369 33.85 -22.31 14.84
CA ILE E 369 34.19 -20.92 14.53
C ILE E 369 34.14 -20.67 13.04
N VAL E 370 34.80 -21.53 12.26
CA VAL E 370 34.97 -21.34 10.82
C VAL E 370 33.62 -21.12 10.15
N HIS E 371 32.55 -21.50 10.83
CA HIS E 371 31.22 -21.43 10.27
C HIS E 371 30.51 -20.14 10.62
N ARG E 372 30.72 -19.66 11.84
CA ARG E 372 30.12 -18.40 12.26
C ARG E 372 30.94 -17.22 11.75
N LYS E 373 30.28 -16.30 11.07
CA LYS E 373 30.88 -15.07 10.58
C LYS E 373 32.02 -15.31 9.60
N CYS E 374 32.21 -16.55 9.16
CA CYS E 374 33.33 -16.86 8.28
C CYS E 374 33.07 -18.22 7.64
N PHE E 375 33.92 -18.57 6.67
CA PHE E 375 33.88 -19.86 6.00
C PHE E 375 35.29 -20.25 5.57
N ASP F 1 -9.51 -74.76 -39.08
CA ASP F 1 -10.67 -75.66 -39.07
C ASP F 1 -11.53 -75.42 -37.85
N ASP F 2 -11.61 -74.17 -37.41
CA ASP F 2 -12.35 -73.80 -36.21
C ASP F 2 -12.72 -72.33 -36.30
N GLU F 3 -13.09 -71.73 -35.17
CA GLU F 3 -13.54 -70.33 -35.16
C GLU F 3 -12.35 -69.39 -35.26
N GLU F 4 -12.58 -68.11 -34.96
CA GLU F 4 -11.69 -67.03 -35.39
C GLU F 4 -10.22 -67.38 -35.27
N THR F 5 -9.73 -67.54 -34.04
CA THR F 5 -8.35 -67.98 -33.83
C THR F 5 -8.08 -68.04 -32.34
N THR F 6 -6.93 -68.60 -32.00
CA THR F 6 -6.35 -68.50 -30.67
C THR F 6 -4.86 -68.19 -30.81
N ALA F 7 -4.39 -67.27 -29.97
CA ALA F 7 -3.04 -66.75 -30.10
C ALA F 7 -2.02 -67.88 -29.97
N LEU F 8 -0.78 -67.53 -30.33
CA LEU F 8 0.34 -68.47 -30.27
C LEU F 8 1.30 -67.93 -29.21
N VAL F 9 1.04 -68.30 -27.96
CA VAL F 9 1.87 -67.85 -26.85
C VAL F 9 3.17 -68.66 -26.90
N CYS F 10 4.20 -68.06 -27.47
CA CYS F 10 5.48 -68.72 -27.69
C CYS F 10 6.56 -67.97 -26.93
N ASP F 11 7.30 -68.69 -26.09
CA ASP F 11 8.39 -68.12 -25.32
C ASP F 11 9.72 -68.66 -25.82
N ASN F 12 10.66 -67.75 -26.04
CA ASN F 12 12.05 -68.13 -26.29
C ASN F 12 12.82 -68.08 -24.96
N GLY F 13 12.39 -68.94 -24.05
CA GLY F 13 13.06 -69.05 -22.77
C GLY F 13 14.55 -69.19 -22.99
N SER F 14 15.34 -68.45 -22.22
CA SER F 14 16.77 -68.33 -22.52
C SER F 14 17.41 -69.70 -22.71
N GLY F 15 17.05 -70.67 -21.88
CA GLY F 15 17.60 -72.00 -22.02
C GLY F 15 16.75 -72.90 -22.89
N LEU F 16 15.44 -72.88 -22.68
CA LEU F 16 14.50 -73.66 -23.47
C LEU F 16 13.47 -72.75 -24.10
N VAL F 17 12.98 -73.14 -25.25
CA VAL F 17 11.88 -72.42 -25.88
C VAL F 17 10.58 -73.11 -25.49
N LYS F 18 9.60 -72.30 -25.10
CA LYS F 18 8.33 -72.81 -24.61
C LYS F 18 7.20 -72.01 -25.22
N ALA F 19 6.07 -72.68 -25.41
CA ALA F 19 4.96 -72.02 -26.08
C ALA F 19 3.71 -72.89 -25.99
N GLY F 20 2.58 -72.24 -26.16
CA GLY F 20 1.28 -72.89 -26.24
C GLY F 20 0.34 -72.00 -27.01
N PHE F 21 -0.95 -72.30 -26.97
CA PHE F 21 -1.91 -71.44 -27.63
C PHE F 21 -2.33 -70.32 -26.66
N ALA F 22 -3.18 -69.43 -27.15
CA ALA F 22 -3.74 -68.40 -26.28
C ALA F 22 -4.48 -69.07 -25.13
N GLY F 23 -4.24 -68.59 -23.92
CA GLY F 23 -4.95 -69.10 -22.76
C GLY F 23 -4.76 -70.57 -22.47
N ASP F 24 -3.67 -71.16 -22.94
CA ASP F 24 -3.38 -72.53 -22.54
C ASP F 24 -2.88 -72.57 -21.10
N ASP F 25 -3.13 -73.71 -20.44
CA ASP F 25 -2.71 -73.89 -19.07
C ASP F 25 -1.25 -74.32 -18.96
N ALA F 26 -0.57 -74.53 -20.08
CA ALA F 26 0.84 -74.90 -20.06
C ALA F 26 1.42 -74.79 -21.46
N PRO F 27 2.60 -74.20 -21.62
CA PRO F 27 3.22 -74.19 -22.94
C PRO F 27 3.55 -75.61 -23.37
N ARG F 28 2.84 -76.08 -24.40
CA ARG F 28 2.95 -77.48 -24.79
C ARG F 28 4.32 -77.86 -25.31
N ALA F 29 5.17 -76.89 -25.65
CA ALA F 29 6.49 -77.16 -26.19
C ALA F 29 7.55 -76.55 -25.27
N VAL F 30 8.55 -77.36 -24.92
CA VAL F 30 9.68 -76.90 -24.11
C VAL F 30 10.86 -77.82 -24.42
N PHE F 31 12.03 -77.22 -24.65
CA PHE F 31 13.21 -78.00 -24.97
C PHE F 31 14.40 -77.05 -25.08
N PRO F 32 15.61 -77.59 -25.02
CA PRO F 32 16.80 -76.73 -24.99
C PRO F 32 16.99 -75.98 -26.29
N SER F 33 17.65 -74.82 -26.17
CA SER F 33 17.97 -73.98 -27.34
C SER F 33 19.37 -74.31 -27.85
N ILE F 34 19.56 -75.58 -28.18
CA ILE F 34 20.86 -76.10 -28.56
C ILE F 34 20.88 -76.38 -30.05
N VAL F 35 22.07 -76.26 -30.63
CA VAL F 35 22.34 -76.65 -32.02
C VAL F 35 23.39 -77.76 -31.97
N GLY F 36 23.19 -78.81 -32.76
CA GLY F 36 24.05 -79.96 -32.66
C GLY F 36 24.89 -80.26 -33.89
N ARG F 37 26.20 -80.33 -33.71
CA ARG F 37 27.12 -80.70 -34.78
C ARG F 37 27.77 -82.04 -34.45
N PRO F 38 27.37 -83.14 -35.09
CA PRO F 38 28.05 -84.41 -34.84
C PRO F 38 29.55 -84.29 -35.09
N ARG F 39 30.35 -84.57 -34.05
CA ARG F 39 31.78 -84.29 -34.13
C ARG F 39 32.43 -85.02 -35.31
N HIS F 40 32.43 -86.36 -35.28
CA HIS F 40 33.16 -87.11 -36.29
C HIS F 40 32.33 -87.43 -37.52
N GLN F 41 31.00 -87.42 -37.41
CA GLN F 41 30.13 -87.62 -38.55
C GLN F 41 30.47 -88.91 -39.30
N GLY F 42 30.30 -90.03 -38.61
CA GLY F 42 30.62 -91.30 -39.20
C GLY F 42 29.72 -91.64 -40.37
N VAL F 43 30.32 -92.28 -41.37
CA VAL F 43 29.59 -92.69 -42.57
C VAL F 43 29.05 -94.10 -42.35
N MET F 44 27.74 -94.26 -42.55
CA MET F 44 27.11 -95.57 -42.40
C MET F 44 26.19 -95.81 -43.59
N VAL F 45 25.67 -97.04 -43.64
CA VAL F 45 24.61 -97.37 -44.58
C VAL F 45 23.49 -96.37 -44.39
N GLY F 46 23.17 -95.61 -45.44
CA GLY F 46 22.11 -94.65 -45.37
C GLY F 46 22.41 -93.51 -44.42
N MET F 47 21.36 -92.87 -43.93
CA MET F 47 21.46 -91.69 -43.07
C MET F 47 20.37 -91.86 -42.01
N GLY F 48 19.98 -90.75 -41.39
CA GLY F 48 18.95 -90.78 -40.36
C GLY F 48 19.25 -89.76 -39.29
N GLN F 49 20.37 -89.08 -39.45
CA GLN F 49 20.80 -88.05 -38.52
C GLN F 49 20.67 -86.70 -39.22
N LYS F 50 19.79 -85.86 -38.72
CA LYS F 50 19.79 -84.48 -39.15
C LYS F 50 20.81 -83.71 -38.32
N ASP F 51 21.43 -82.72 -38.95
CA ASP F 51 22.44 -81.91 -38.28
C ASP F 51 21.96 -81.39 -36.92
N SER F 52 20.92 -80.56 -36.93
CA SER F 52 20.54 -79.77 -35.76
C SER F 52 19.04 -79.79 -35.52
N TYR F 53 18.44 -80.99 -35.48
CA TYR F 53 17.09 -81.15 -34.94
C TYR F 53 17.09 -81.27 -33.43
N VAL F 54 18.05 -80.64 -32.76
CA VAL F 54 18.33 -80.88 -31.35
C VAL F 54 17.03 -80.98 -30.56
N GLY F 55 16.22 -79.92 -30.60
CA GLY F 55 14.98 -79.90 -29.86
C GLY F 55 15.17 -80.53 -28.50
N ASP F 56 14.45 -81.63 -28.27
CA ASP F 56 14.74 -82.51 -27.15
C ASP F 56 15.46 -83.79 -27.58
N GLU F 57 15.53 -84.06 -28.87
CA GLU F 57 16.15 -85.30 -29.34
C GLU F 57 17.65 -85.27 -29.10
N ALA F 58 18.31 -84.14 -29.42
CA ALA F 58 19.76 -84.15 -29.52
C ALA F 58 20.42 -84.58 -28.21
N GLN F 59 20.00 -83.97 -27.10
CA GLN F 59 20.72 -84.21 -25.84
C GLN F 59 20.70 -85.68 -25.46
N SER F 60 19.56 -86.34 -25.63
CA SER F 60 19.52 -87.79 -25.39
C SER F 60 20.55 -88.49 -26.25
N LYS F 61 20.55 -88.18 -27.55
CA LYS F 61 21.51 -88.70 -28.53
C LYS F 61 22.63 -87.70 -28.78
N ARG F 62 23.08 -87.10 -27.69
CA ARG F 62 24.11 -86.07 -27.64
C ARG F 62 25.49 -86.66 -27.89
N GLY F 63 26.52 -85.85 -27.63
CA GLY F 63 27.91 -86.28 -27.68
C GLY F 63 28.59 -85.96 -28.99
N ILE F 64 28.18 -86.63 -30.05
CA ILE F 64 28.73 -86.33 -31.37
C ILE F 64 28.44 -84.87 -31.66
N LEU F 65 27.17 -84.50 -31.62
CA LEU F 65 26.78 -83.11 -31.79
C LEU F 65 27.21 -82.23 -30.63
N THR F 66 27.69 -81.03 -30.94
CA THR F 66 28.00 -80.04 -29.92
C THR F 66 26.74 -79.23 -29.62
N LEU F 67 26.85 -78.23 -28.76
CA LEU F 67 25.72 -77.44 -28.30
C LEU F 67 25.85 -76.00 -28.79
N LYS F 68 24.73 -75.41 -29.20
CA LYS F 68 24.73 -74.02 -29.64
C LYS F 68 23.42 -73.37 -29.27
N TYR F 69 23.51 -72.19 -28.65
CA TYR F 69 22.38 -71.31 -28.44
C TYR F 69 22.44 -70.19 -29.46
N PRO F 70 21.44 -69.99 -30.31
CA PRO F 70 21.42 -68.76 -31.10
C PRO F 70 21.40 -67.51 -30.23
N ILE F 71 20.81 -67.61 -29.05
CA ILE F 71 20.50 -66.48 -28.15
C ILE F 71 21.51 -66.49 -27.01
N GLU F 72 22.74 -66.92 -27.33
CA GLU F 72 23.69 -67.43 -26.35
C GLU F 72 23.59 -66.75 -24.99
N HIS F 73 23.60 -65.43 -24.98
CA HIS F 73 23.68 -64.68 -23.72
C HIS F 73 22.40 -63.89 -23.52
N GLY F 74 21.27 -64.53 -23.77
CA GLY F 74 20.02 -63.82 -23.87
C GLY F 74 19.91 -62.98 -25.12
N ILE F 75 20.94 -63.00 -25.97
CA ILE F 75 20.95 -62.26 -27.21
C ILE F 75 21.44 -63.19 -28.31
N ILE F 76 20.76 -63.17 -29.44
CA ILE F 76 20.93 -64.17 -30.48
C ILE F 76 21.99 -63.71 -31.47
N THR F 77 22.96 -64.58 -31.75
CA THR F 77 24.03 -64.29 -32.70
C THR F 77 23.79 -64.92 -34.06
N ASN F 78 23.10 -66.05 -34.10
CA ASN F 78 22.72 -66.71 -35.34
C ASN F 78 21.22 -66.98 -35.35
N TRP F 79 20.66 -66.99 -36.54
CA TRP F 79 19.21 -67.05 -36.71
C TRP F 79 18.75 -68.17 -37.62
N ASP F 80 19.47 -68.40 -38.73
CA ASP F 80 19.13 -69.49 -39.63
C ASP F 80 18.88 -70.75 -38.82
N ASP F 81 19.88 -71.14 -38.04
CA ASP F 81 19.70 -72.11 -36.98
C ASP F 81 18.40 -71.83 -36.24
N MET F 82 18.20 -70.58 -35.84
CA MET F 82 17.13 -70.26 -34.93
C MET F 82 15.76 -70.30 -35.62
N GLU F 83 15.64 -69.79 -36.84
CA GLU F 83 14.33 -69.89 -37.50
C GLU F 83 14.01 -71.34 -37.82
N LYS F 84 15.02 -72.12 -38.22
CA LYS F 84 14.76 -73.55 -38.33
C LYS F 84 14.35 -74.14 -36.99
N ILE F 85 14.84 -73.58 -35.90
CA ILE F 85 14.40 -73.99 -34.57
C ILE F 85 12.91 -73.74 -34.42
N TRP F 86 12.46 -72.53 -34.76
CA TRP F 86 11.03 -72.28 -34.64
C TRP F 86 10.24 -73.16 -35.60
N HIS F 87 10.81 -73.48 -36.76
CA HIS F 87 10.12 -74.40 -37.66
C HIS F 87 9.92 -75.74 -37.00
N HIS F 88 10.98 -76.27 -36.39
CA HIS F 88 10.83 -77.46 -35.58
C HIS F 88 9.69 -77.26 -34.58
N THR F 89 9.67 -76.10 -33.95
CA THR F 89 8.63 -75.79 -32.98
C THR F 89 7.25 -75.95 -33.60
N PHE F 90 6.97 -75.14 -34.60
CA PHE F 90 5.65 -74.97 -35.18
C PHE F 90 5.21 -76.12 -36.06
N TYR F 91 6.05 -77.13 -36.27
CA TYR F 91 5.73 -78.18 -37.21
C TYR F 91 6.14 -79.54 -36.67
N ASN F 92 6.65 -79.62 -35.47
CA ASN F 92 7.06 -80.88 -34.87
C ASN F 92 6.45 -81.08 -33.50
N GLU F 93 6.36 -80.02 -32.70
CA GLU F 93 5.57 -80.00 -31.48
C GLU F 93 4.54 -78.89 -31.43
N LEU F 94 4.60 -77.94 -32.37
CA LEU F 94 3.47 -77.06 -32.57
C LEU F 94 2.79 -77.64 -33.80
N ARG F 95 3.58 -78.24 -34.69
CA ARG F 95 3.06 -78.93 -35.88
C ARG F 95 1.87 -78.17 -36.47
N VAL F 96 1.98 -76.86 -36.54
CA VAL F 96 0.86 -76.01 -36.90
C VAL F 96 1.31 -75.01 -37.96
N ALA F 97 0.32 -74.51 -38.71
CA ALA F 97 0.59 -73.47 -39.71
C ALA F 97 0.64 -72.13 -39.00
N PRO F 98 1.79 -71.47 -38.98
CA PRO F 98 1.88 -70.16 -38.33
C PRO F 98 0.91 -69.15 -38.92
N GLU F 99 0.69 -69.21 -40.23
CA GLU F 99 -0.28 -68.32 -40.86
C GLU F 99 -1.64 -68.46 -40.19
N GLU F 100 -1.93 -69.63 -39.64
CA GLU F 100 -3.24 -69.89 -39.06
C GLU F 100 -3.49 -69.04 -37.83
N HIS F 101 -2.50 -68.92 -36.95
CA HIS F 101 -2.76 -68.44 -35.61
C HIS F 101 -1.87 -67.26 -35.26
N PRO F 102 -2.40 -66.24 -34.59
CA PRO F 102 -1.56 -65.14 -34.12
C PRO F 102 -0.61 -65.63 -33.04
N THR F 103 0.57 -65.02 -32.98
CA THR F 103 1.58 -65.41 -32.01
C THR F 103 2.16 -64.18 -31.34
N LEU F 104 2.24 -64.21 -30.02
CA LEU F 104 2.95 -63.21 -29.24
C LEU F 104 4.36 -63.72 -28.95
N LEU F 105 5.34 -62.82 -29.05
CA LEU F 105 6.74 -63.20 -28.93
C LEU F 105 7.37 -62.55 -27.70
N THR F 106 8.35 -63.23 -27.15
CA THR F 106 9.04 -62.81 -25.95
C THR F 106 10.35 -62.13 -26.34
N GLU F 107 10.53 -60.88 -25.93
CA GLU F 107 11.77 -60.15 -26.17
C GLU F 107 12.25 -59.55 -24.86
N ALA F 108 13.54 -59.70 -24.58
CA ALA F 108 14.10 -59.23 -23.33
C ALA F 108 14.54 -57.78 -23.42
N PRO F 109 14.54 -57.07 -22.30
CA PRO F 109 14.97 -55.66 -22.31
C PRO F 109 16.43 -55.54 -22.72
N LEU F 110 16.76 -54.36 -23.24
CA LEU F 110 18.11 -53.98 -23.66
C LEU F 110 18.45 -54.54 -25.04
N ASN F 111 17.52 -55.22 -25.69
CA ASN F 111 17.78 -55.73 -27.02
C ASN F 111 18.00 -54.58 -28.00
N PRO F 112 19.01 -54.66 -28.86
CA PRO F 112 19.05 -53.76 -30.01
C PRO F 112 17.80 -53.95 -30.85
N LYS F 113 17.30 -52.83 -31.38
CA LYS F 113 16.02 -52.85 -32.07
C LYS F 113 16.04 -53.84 -33.24
N ALA F 114 17.16 -53.89 -33.97
CA ALA F 114 17.23 -54.73 -35.16
C ALA F 114 16.92 -56.18 -34.86
N ASN F 115 17.20 -56.63 -33.64
CA ASN F 115 16.91 -58.01 -33.29
C ASN F 115 15.42 -58.31 -33.47
N ARG F 116 14.58 -57.51 -32.82
CA ARG F 116 13.16 -57.74 -32.98
C ARG F 116 12.70 -57.36 -34.39
N GLU F 117 13.34 -56.36 -35.00
CA GLU F 117 13.06 -56.07 -36.40
C GLU F 117 13.06 -57.36 -37.21
N LYS F 118 14.24 -58.00 -37.27
CA LYS F 118 14.35 -59.18 -38.11
C LYS F 118 13.43 -60.29 -37.60
N MET F 119 13.58 -60.70 -36.34
CA MET F 119 12.67 -61.74 -35.84
C MET F 119 11.27 -61.53 -36.39
N THR F 120 10.78 -60.29 -36.38
CA THR F 120 9.48 -60.00 -36.97
C THR F 120 9.45 -60.40 -38.44
N GLN F 121 10.24 -59.73 -39.29
CA GLN F 121 9.96 -59.92 -40.72
C GLN F 121 10.16 -61.37 -41.10
N ILE F 122 11.14 -62.04 -40.48
CA ILE F 122 11.36 -63.45 -40.77
C ILE F 122 10.14 -64.28 -40.37
N MET F 123 9.56 -64.00 -39.20
CA MET F 123 8.38 -64.77 -38.83
C MET F 123 7.23 -64.49 -39.79
N PHE F 124 7.04 -63.21 -40.16
CA PHE F 124 6.07 -62.89 -41.20
C PHE F 124 6.29 -63.72 -42.45
N GLU F 125 7.50 -63.67 -42.99
CA GLU F 125 7.76 -64.25 -44.31
C GLU F 125 7.75 -65.77 -44.26
N THR F 126 8.66 -66.35 -43.49
CA THR F 126 8.72 -67.79 -43.35
C THR F 126 7.43 -68.34 -42.75
N PHE F 127 6.90 -67.69 -41.73
CA PHE F 127 5.75 -68.23 -41.01
C PHE F 127 4.43 -67.59 -41.39
N ASN F 128 4.45 -66.40 -42.00
CA ASN F 128 3.24 -65.81 -42.55
C ASN F 128 2.06 -65.95 -41.60
N VAL F 129 2.33 -65.96 -40.30
CA VAL F 129 1.29 -66.03 -39.27
C VAL F 129 0.27 -64.95 -39.62
N PRO F 130 -0.95 -65.03 -39.13
CA PRO F 130 -1.93 -63.98 -39.47
C PRO F 130 -1.29 -62.62 -39.24
N ALA F 131 -0.58 -62.51 -38.12
CA ALA F 131 0.30 -61.40 -37.79
C ALA F 131 0.92 -61.76 -36.46
N MET F 132 1.73 -60.90 -35.86
CA MET F 132 2.30 -61.25 -34.56
C MET F 132 2.25 -60.07 -33.60
N TYR F 133 2.79 -60.32 -32.41
CA TYR F 133 3.06 -59.32 -31.39
C TYR F 133 4.14 -59.87 -30.47
N VAL F 134 4.86 -58.98 -29.81
CA VAL F 134 5.97 -59.36 -28.95
C VAL F 134 5.87 -58.62 -27.63
N ALA F 135 6.50 -59.18 -26.60
CA ALA F 135 6.51 -58.54 -25.30
C ALA F 135 7.71 -59.01 -24.49
N ILE F 136 8.08 -58.21 -23.51
CA ILE F 136 9.22 -58.53 -22.65
C ILE F 136 8.88 -59.71 -21.78
N GLN F 137 9.72 -60.75 -21.84
CA GLN F 137 9.52 -61.89 -20.95
C GLN F 137 9.40 -61.43 -19.50
N ALA F 138 10.25 -60.49 -19.09
CA ALA F 138 10.12 -59.93 -17.76
C ALA F 138 8.73 -59.36 -17.56
N VAL F 139 8.26 -58.57 -18.53
CA VAL F 139 6.95 -57.93 -18.41
C VAL F 139 5.84 -58.97 -18.42
N LEU F 140 5.99 -60.01 -19.24
CA LEU F 140 4.97 -61.05 -19.30
C LEU F 140 4.88 -61.81 -17.99
N SER F 141 6.02 -62.17 -17.41
CA SER F 141 6.01 -62.74 -16.07
C SER F 141 5.39 -61.77 -15.08
N LEU F 142 5.64 -60.48 -15.26
CA LEU F 142 5.04 -59.48 -14.39
C LEU F 142 3.52 -59.37 -14.44
N TYR F 143 2.95 -59.75 -15.58
CA TYR F 143 1.49 -59.75 -15.69
C TYR F 143 1.09 -61.08 -15.10
N ALA F 144 1.92 -62.11 -15.31
CA ALA F 144 1.70 -63.39 -14.66
C ALA F 144 1.61 -63.24 -13.15
N SER F 145 2.29 -62.24 -12.61
CA SER F 145 2.17 -61.96 -11.19
C SER F 145 0.80 -61.42 -10.84
N GLY F 146 0.26 -60.56 -11.71
CA GLY F 146 -0.89 -59.76 -11.36
C GLY F 146 -0.61 -58.76 -10.27
N ARG F 147 0.56 -58.80 -9.66
CA ARG F 147 0.91 -57.87 -8.59
C ARG F 147 1.28 -56.55 -9.25
N THR F 148 0.32 -55.64 -9.32
CA THR F 148 0.53 -54.40 -10.08
C THR F 148 1.77 -53.71 -9.53
N THR F 149 1.95 -53.70 -8.22
CA THR F 149 3.05 -52.99 -7.60
C THR F 149 4.15 -53.91 -7.08
N GLY F 150 5.36 -53.38 -7.01
CA GLY F 150 6.49 -54.10 -6.49
C GLY F 150 7.52 -54.47 -7.53
N ILE F 151 8.71 -54.82 -7.07
CA ILE F 151 9.79 -55.27 -7.94
C ILE F 151 9.79 -56.78 -8.02
N VAL F 152 10.23 -57.31 -9.16
CA VAL F 152 10.36 -58.74 -9.36
C VAL F 152 11.82 -59.05 -9.67
N LEU F 153 12.37 -60.03 -8.97
CA LEU F 153 13.70 -60.53 -9.26
C LEU F 153 13.56 -61.58 -10.36
N ASP F 154 13.63 -61.14 -11.60
CA ASP F 154 13.42 -62.02 -12.75
C ASP F 154 14.71 -62.76 -13.04
N SER F 155 15.08 -63.67 -12.12
CA SER F 155 16.19 -64.59 -12.30
C SER F 155 15.58 -65.93 -12.69
N GLY F 156 15.28 -66.07 -13.98
CA GLY F 156 14.55 -67.23 -14.44
C GLY F 156 15.35 -68.15 -15.33
N ASP F 157 15.10 -68.08 -16.63
CA ASP F 157 15.67 -69.05 -17.54
C ASP F 157 17.19 -68.94 -17.58
N GLY F 158 17.70 -67.82 -18.06
CA GLY F 158 19.14 -67.62 -18.15
C GLY F 158 19.57 -66.18 -17.92
N VAL F 159 18.72 -65.38 -17.28
CA VAL F 159 18.98 -63.95 -17.09
C VAL F 159 18.54 -63.56 -15.69
N THR F 160 18.99 -62.39 -15.26
CA THR F 160 18.59 -61.85 -13.97
C THR F 160 18.47 -60.34 -14.07
N HIS F 161 17.38 -59.82 -13.52
CA HIS F 161 17.11 -58.39 -13.48
C HIS F 161 16.24 -58.12 -12.27
N ASN F 162 15.96 -56.85 -12.04
CA ASN F 162 14.96 -56.41 -11.08
C ASN F 162 13.90 -55.60 -11.79
N VAL F 163 12.64 -55.82 -11.43
CA VAL F 163 11.54 -55.15 -12.13
C VAL F 163 10.70 -54.41 -11.11
N PRO F 164 11.16 -53.27 -10.61
CA PRO F 164 10.35 -52.48 -9.69
C PRO F 164 9.06 -52.03 -10.37
N ILE F 165 7.96 -52.08 -9.64
CA ILE F 165 6.66 -51.80 -10.22
C ILE F 165 5.81 -51.12 -9.18
N TYR F 166 4.70 -50.54 -9.64
CA TYR F 166 3.61 -50.05 -8.81
C TYR F 166 2.37 -49.97 -9.67
N GLU F 167 1.37 -50.79 -9.36
CA GLU F 167 0.12 -50.77 -10.12
C GLU F 167 0.46 -51.01 -11.58
N GLY F 168 1.42 -51.89 -11.83
CA GLY F 168 1.96 -52.12 -13.15
C GLY F 168 2.96 -51.10 -13.60
N TYR F 169 3.43 -50.23 -12.71
CA TYR F 169 4.21 -49.06 -13.10
C TYR F 169 5.66 -49.34 -12.73
N ALA F 170 6.50 -49.53 -13.74
CA ALA F 170 7.90 -49.90 -13.55
C ALA F 170 8.81 -48.83 -14.14
N LEU F 171 9.94 -48.59 -13.48
CA LEU F 171 10.89 -47.59 -13.94
C LEU F 171 12.00 -48.25 -14.75
N PRO F 172 12.16 -47.93 -16.04
CA PRO F 172 13.36 -48.39 -16.74
C PRO F 172 14.64 -47.92 -16.08
N HIS F 173 14.64 -46.68 -15.56
CA HIS F 173 15.77 -46.27 -14.72
C HIS F 173 15.95 -47.20 -13.55
N ALA F 174 14.85 -47.75 -13.03
CA ALA F 174 14.89 -48.61 -11.86
C ALA F 174 15.13 -50.08 -12.20
N ILE F 175 15.24 -50.42 -13.47
CA ILE F 175 15.50 -51.78 -13.89
C ILE F 175 16.94 -51.89 -14.38
N MET F 176 17.65 -52.90 -13.89
CA MET F 176 19.06 -53.12 -14.19
C MET F 176 19.24 -54.49 -14.86
N ARG F 177 20.49 -54.89 -15.08
CA ARG F 177 20.80 -56.13 -15.76
C ARG F 177 21.71 -56.99 -14.90
N LEU F 178 21.56 -58.30 -15.04
CA LEU F 178 22.48 -59.26 -14.43
C LEU F 178 22.84 -60.32 -15.46
N ASP F 179 24.09 -60.29 -15.91
CA ASP F 179 24.55 -61.29 -16.88
C ASP F 179 24.49 -62.70 -16.30
N LEU F 180 24.42 -62.81 -14.97
CA LEU F 180 24.40 -64.12 -14.34
C LEU F 180 23.28 -64.97 -14.92
N ALA F 181 23.57 -66.25 -15.12
CA ALA F 181 22.64 -67.16 -15.76
C ALA F 181 22.93 -68.57 -15.27
N GLY F 182 21.96 -69.46 -15.51
CA GLY F 182 22.21 -70.87 -15.26
C GLY F 182 23.48 -71.33 -15.93
N ARG F 183 23.81 -70.75 -17.08
CA ARG F 183 25.09 -71.05 -17.73
C ARG F 183 26.25 -70.65 -16.83
N ASP F 184 26.12 -69.51 -16.15
CA ASP F 184 27.21 -69.01 -15.33
C ASP F 184 27.45 -69.93 -14.13
N LEU F 185 26.40 -70.24 -13.39
CA LEU F 185 26.52 -71.22 -12.32
C LEU F 185 27.03 -72.53 -12.89
N THR F 186 26.66 -72.83 -14.13
CA THR F 186 27.12 -74.05 -14.78
C THR F 186 28.63 -74.05 -14.86
N ASP F 187 29.18 -72.98 -15.40
CA ASP F 187 30.62 -72.89 -15.55
C ASP F 187 31.30 -72.97 -14.20
N TYR F 188 30.74 -72.28 -13.21
CA TYR F 188 31.35 -72.26 -11.89
C TYR F 188 31.38 -73.66 -11.27
N LEU F 189 30.23 -74.34 -11.26
CA LEU F 189 30.17 -75.64 -10.64
C LEU F 189 30.97 -76.67 -11.42
N MET F 190 31.00 -76.54 -12.74
CA MET F 190 31.84 -77.42 -13.53
C MET F 190 33.30 -77.22 -13.16
N LYS F 191 33.71 -75.96 -13.03
CA LYS F 191 35.04 -75.61 -12.57
C LYS F 191 35.35 -76.29 -11.24
N ILE F 192 34.43 -76.16 -10.28
CA ILE F 192 34.69 -76.71 -8.96
C ILE F 192 34.77 -78.23 -9.00
N LEU F 193 33.84 -78.87 -9.70
CA LEU F 193 33.87 -80.32 -9.82
C LEU F 193 35.19 -80.78 -10.43
N THR F 194 35.64 -80.09 -11.47
CA THR F 194 36.92 -80.44 -12.08
C THR F 194 38.06 -80.28 -11.09
N GLU F 195 38.13 -79.13 -10.41
CA GLU F 195 39.26 -78.87 -9.52
C GLU F 195 39.30 -79.84 -8.36
N ARG F 196 38.16 -80.41 -8.00
CA ARG F 196 38.10 -81.38 -6.90
C ARG F 196 38.46 -82.79 -7.35
N GLY F 197 39.17 -82.91 -8.46
CA GLY F 197 39.59 -84.21 -8.95
C GLY F 197 38.60 -84.81 -9.93
N TYR F 198 38.23 -84.05 -10.96
CA TYR F 198 37.22 -84.49 -11.91
C TYR F 198 37.45 -83.81 -13.25
N SER F 199 37.04 -84.48 -14.32
CA SER F 199 37.24 -84.01 -15.69
C SER F 199 35.88 -83.65 -16.27
N PHE F 200 35.44 -82.42 -16.02
CA PHE F 200 34.11 -81.96 -16.38
C PHE F 200 34.25 -80.85 -17.43
N VAL F 201 34.36 -81.26 -18.69
CA VAL F 201 34.56 -80.30 -19.76
C VAL F 201 33.53 -80.51 -20.87
N THR F 202 32.98 -81.71 -20.94
CA THR F 202 32.20 -82.15 -22.10
C THR F 202 30.78 -81.61 -22.04
N THR F 203 30.19 -81.46 -23.23
CA THR F 203 28.87 -80.87 -23.35
C THR F 203 27.85 -81.65 -22.54
N ALA F 204 27.64 -82.92 -22.91
CA ALA F 204 26.73 -83.77 -22.14
C ALA F 204 27.06 -83.70 -20.67
N GLU F 205 28.35 -83.58 -20.35
CA GLU F 205 28.74 -83.27 -18.98
C GLU F 205 28.09 -81.97 -18.52
N ARG F 206 28.01 -80.98 -19.41
CA ARG F 206 27.38 -79.71 -19.08
C ARG F 206 25.91 -79.89 -18.72
N GLU F 207 25.17 -80.60 -19.56
CA GLU F 207 23.77 -80.88 -19.22
C GLU F 207 23.66 -81.66 -17.92
N ILE F 208 24.50 -82.68 -17.76
CA ILE F 208 24.46 -83.49 -16.55
C ILE F 208 24.67 -82.61 -15.33
N VAL F 209 25.63 -81.70 -15.39
CA VAL F 209 25.94 -80.88 -14.24
C VAL F 209 24.80 -79.92 -13.94
N ARG F 210 24.18 -79.36 -14.97
CA ARG F 210 23.03 -78.51 -14.69
C ARG F 210 21.93 -79.30 -13.99
N ASP F 211 21.72 -80.52 -14.45
CA ASP F 211 20.73 -81.38 -13.79
C ASP F 211 21.14 -81.67 -12.36
N ILE F 212 22.42 -81.93 -12.15
CA ILE F 212 22.97 -82.15 -10.83
C ILE F 212 22.58 -81.00 -9.93
N LYS F 213 22.74 -79.79 -10.44
CA LYS F 213 22.23 -78.60 -9.76
C LYS F 213 20.75 -78.78 -9.46
N GLU F 214 19.95 -78.84 -10.51
CA GLU F 214 18.52 -78.57 -10.41
C GLU F 214 17.87 -79.55 -9.45
N LYS F 215 18.45 -80.75 -9.32
CA LYS F 215 17.93 -81.74 -8.41
C LYS F 215 18.71 -81.84 -7.10
N LEU F 216 19.91 -81.28 -7.02
CA LEU F 216 20.73 -81.33 -5.81
C LEU F 216 21.04 -79.97 -5.24
N CYS F 217 21.59 -79.07 -6.03
CA CYS F 217 22.13 -77.83 -5.48
C CYS F 217 21.03 -77.05 -4.78
N TYR F 218 21.36 -76.56 -3.59
CA TYR F 218 20.50 -75.66 -2.82
C TYR F 218 21.33 -74.46 -2.41
N VAL F 219 20.82 -73.64 -1.51
CA VAL F 219 21.58 -72.52 -0.98
C VAL F 219 21.33 -72.45 0.53
N ALA F 220 22.40 -72.17 1.28
CA ALA F 220 22.29 -72.05 2.73
C ALA F 220 22.01 -70.60 3.12
N LEU F 221 21.06 -70.40 4.03
CA LEU F 221 20.75 -69.07 4.51
C LEU F 221 22.02 -68.36 4.98
N ASP F 222 22.80 -69.04 5.81
CA ASP F 222 24.06 -68.54 6.33
C ASP F 222 25.21 -69.10 5.51
N PHE F 223 26.29 -68.34 5.41
CA PHE F 223 27.38 -68.77 4.56
C PHE F 223 28.53 -69.37 5.36
N GLU F 224 29.15 -68.58 6.24
CA GLU F 224 30.30 -69.10 6.96
C GLU F 224 29.92 -70.20 7.94
N ASN F 225 28.79 -70.06 8.62
CA ASN F 225 28.40 -71.08 9.57
C ASN F 225 28.16 -72.40 8.86
N GLU F 226 27.50 -72.34 7.71
CA GLU F 226 27.29 -73.54 6.92
C GLU F 226 28.54 -74.04 6.25
N MET F 227 29.59 -73.23 6.18
CA MET F 227 30.81 -73.68 5.53
C MET F 227 31.62 -74.35 6.64
N ALA F 228 31.59 -73.77 7.84
CA ALA F 228 32.22 -74.43 8.97
C ALA F 228 31.59 -75.80 9.20
N THR F 229 30.25 -75.89 9.12
CA THR F 229 29.62 -77.21 9.16
C THR F 229 30.28 -78.10 8.12
N ALA F 230 30.27 -77.67 6.86
CA ALA F 230 30.85 -78.49 5.80
C ALA F 230 32.25 -78.96 6.11
N ALA F 231 32.98 -78.24 6.96
CA ALA F 231 34.24 -78.75 7.45
C ALA F 231 34.06 -80.14 8.03
N SER F 232 32.92 -80.39 8.68
CA SER F 232 32.61 -81.73 9.18
C SER F 232 31.13 -82.08 9.05
N SER F 233 30.35 -81.35 8.25
CA SER F 233 28.93 -81.62 8.16
C SER F 233 28.72 -82.92 7.39
N SER F 234 28.64 -84.02 8.14
CA SER F 234 28.48 -85.34 7.53
C SER F 234 27.13 -85.53 6.88
N SER F 235 26.25 -84.53 6.93
CA SER F 235 24.97 -84.64 6.25
C SER F 235 25.26 -84.46 4.76
N LEU F 236 25.98 -83.40 4.41
CA LEU F 236 26.04 -82.91 3.03
C LEU F 236 26.86 -83.69 2.02
N GLU F 237 27.42 -84.83 2.38
CA GLU F 237 28.27 -85.58 1.46
C GLU F 237 27.49 -86.48 0.52
N LYS F 238 26.20 -86.23 0.33
CA LYS F 238 25.43 -87.06 -0.59
C LYS F 238 26.12 -87.12 -1.95
N SER F 239 26.53 -88.32 -2.33
CA SER F 239 27.14 -88.58 -3.62
C SER F 239 26.08 -89.11 -4.58
N TYR F 240 26.03 -88.54 -5.78
CA TYR F 240 25.04 -88.95 -6.77
C TYR F 240 25.57 -89.73 -7.96
N GLU F 241 24.97 -90.89 -8.20
CA GLU F 241 25.33 -91.67 -9.36
C GLU F 241 25.59 -90.78 -10.56
N LEU F 242 26.83 -90.73 -10.99
CA LEU F 242 27.11 -90.00 -12.23
C LEU F 242 26.29 -90.71 -13.29
N PRO F 243 25.56 -89.97 -14.14
CA PRO F 243 24.55 -90.62 -14.98
C PRO F 243 25.18 -91.65 -15.87
N ASP F 244 26.46 -91.50 -16.20
CA ASP F 244 27.18 -92.61 -16.80
C ASP F 244 27.11 -93.85 -15.91
N GLY F 245 27.04 -93.64 -14.60
CA GLY F 245 26.80 -94.76 -13.72
C GLY F 245 27.52 -94.77 -12.38
N GLN F 246 28.72 -94.20 -12.31
CA GLN F 246 29.45 -94.18 -11.04
C GLN F 246 28.97 -92.99 -10.22
N VAL F 247 28.54 -93.29 -8.99
CA VAL F 247 28.02 -92.24 -8.11
C VAL F 247 29.06 -91.13 -7.99
N ILE F 248 28.66 -89.91 -8.30
CA ILE F 248 29.51 -88.75 -8.13
C ILE F 248 29.25 -88.19 -6.74
N THR F 249 30.32 -87.99 -5.98
CA THR F 249 30.18 -87.48 -4.62
C THR F 249 29.89 -85.99 -4.63
N ILE F 250 29.17 -85.53 -3.62
CA ILE F 250 28.82 -84.13 -3.50
C ILE F 250 28.99 -83.70 -2.04
N GLY F 251 29.44 -82.48 -1.84
CA GLY F 251 29.54 -81.90 -0.52
C GLY F 251 28.88 -80.53 -0.43
N ASN F 252 29.63 -79.55 0.08
CA ASN F 252 29.08 -78.22 0.31
C ASN F 252 28.73 -77.50 -0.98
N GLU F 253 29.26 -77.95 -2.12
CA GLU F 253 28.91 -77.31 -3.39
C GLU F 253 27.42 -77.36 -3.63
N ARG F 254 26.76 -78.38 -3.09
CA ARG F 254 25.32 -78.55 -3.21
C ARG F 254 24.62 -77.26 -2.78
N PHE F 255 25.33 -76.40 -2.07
CA PHE F 255 24.81 -75.07 -1.82
C PHE F 255 25.73 -73.95 -2.28
N ARG F 256 27.06 -74.08 -2.15
CA ARG F 256 27.80 -72.84 -2.32
C ARG F 256 28.03 -72.52 -3.79
N CYS F 257 27.26 -73.13 -4.68
CA CYS F 257 27.36 -72.79 -6.08
C CYS F 257 26.68 -71.47 -6.38
N PRO F 258 25.37 -71.35 -6.11
CA PRO F 258 24.62 -70.19 -6.60
C PRO F 258 24.71 -68.96 -5.73
N GLU F 259 25.05 -69.09 -4.45
CA GLU F 259 25.11 -67.93 -3.57
C GLU F 259 25.87 -66.79 -4.22
N THR F 260 26.86 -67.13 -5.05
CA THR F 260 27.62 -66.13 -5.78
C THR F 260 26.70 -65.16 -6.53
N LEU F 261 25.45 -65.54 -6.75
CA LEU F 261 24.49 -64.56 -7.23
C LEU F 261 24.37 -63.40 -6.25
N PHE F 262 24.74 -63.64 -4.99
CA PHE F 262 24.95 -62.54 -4.05
C PHE F 262 26.40 -62.08 -4.01
N GLN F 263 27.36 -62.98 -4.17
CA GLN F 263 28.77 -62.63 -4.20
C GLN F 263 29.37 -63.08 -5.52
N PRO F 264 29.51 -62.15 -6.49
CA PRO F 264 30.14 -62.50 -7.76
C PRO F 264 31.65 -62.44 -7.74
N SER F 265 32.25 -62.35 -6.54
CA SER F 265 33.70 -62.30 -6.45
C SER F 265 34.25 -63.64 -6.93
N PHE F 266 33.72 -64.73 -6.39
CA PHE F 266 34.18 -66.04 -6.80
C PHE F 266 33.87 -66.38 -8.24
N ILE F 267 32.80 -65.81 -8.77
CA ILE F 267 32.44 -65.97 -10.17
C ILE F 267 33.13 -64.82 -10.88
N GLY F 268 33.58 -63.83 -10.12
CA GLY F 268 34.42 -62.78 -10.66
C GLY F 268 33.71 -61.60 -11.29
N MET F 269 32.45 -61.34 -10.94
CA MET F 269 31.78 -60.12 -11.36
C MET F 269 31.80 -58.99 -10.35
N GLU F 270 32.44 -57.89 -10.70
CA GLU F 270 32.37 -56.69 -9.88
C GLU F 270 30.96 -56.36 -9.46
N SER F 271 29.99 -56.76 -10.29
CA SER F 271 28.58 -56.55 -9.99
C SER F 271 28.26 -56.99 -8.57
N ALA F 272 27.22 -56.38 -8.00
CA ALA F 272 26.75 -56.74 -6.67
C ALA F 272 25.67 -57.81 -6.76
N GLY F 273 25.61 -58.63 -5.72
CA GLY F 273 24.62 -59.70 -5.64
C GLY F 273 23.21 -59.26 -5.92
N ILE F 274 22.33 -60.24 -6.16
CA ILE F 274 20.94 -59.94 -6.49
C ILE F 274 20.31 -59.07 -5.41
N HIS F 275 20.55 -59.42 -4.16
CA HIS F 275 19.86 -58.76 -3.05
C HIS F 275 20.13 -57.27 -3.02
N GLU F 276 21.40 -56.86 -3.07
CA GLU F 276 21.70 -55.44 -2.98
C GLU F 276 21.37 -54.70 -4.26
N THR F 277 21.37 -55.39 -5.41
CA THR F 277 20.82 -54.78 -6.61
C THR F 277 19.35 -54.42 -6.40
N THR F 278 18.58 -55.37 -5.88
CA THR F 278 17.20 -55.07 -5.52
C THR F 278 17.15 -53.89 -4.56
N TYR F 279 18.01 -53.90 -3.55
CA TYR F 279 17.95 -52.88 -2.52
C TYR F 279 18.24 -51.49 -3.06
N ASN F 280 19.27 -51.38 -3.90
CA ASN F 280 19.63 -50.05 -4.40
C ASN F 280 18.60 -49.57 -5.40
N SER F 281 18.07 -50.49 -6.22
CA SER F 281 16.87 -50.14 -6.98
C SER F 281 15.80 -49.60 -6.06
N ILE F 282 15.66 -50.21 -4.89
CA ILE F 282 14.68 -49.75 -3.90
C ILE F 282 14.97 -48.31 -3.52
N MET F 283 16.23 -48.03 -3.16
CA MET F 283 16.58 -46.68 -2.75
C MET F 283 16.27 -45.68 -3.85
N LYS F 284 16.64 -45.99 -5.10
CA LYS F 284 16.29 -45.09 -6.17
C LYS F 284 14.79 -44.94 -6.32
N CYS F 285 14.01 -45.90 -5.82
CA CYS F 285 12.56 -45.77 -5.81
C CYS F 285 12.16 -44.54 -4.99
N ASP F 286 10.89 -44.19 -5.09
CA ASP F 286 10.36 -43.06 -4.36
C ASP F 286 10.29 -43.42 -2.87
N ILE F 287 9.72 -42.53 -2.08
CA ILE F 287 9.75 -42.67 -0.62
C ILE F 287 9.04 -43.95 -0.18
N ASP F 288 7.74 -44.03 -0.43
CA ASP F 288 6.92 -45.04 0.21
C ASP F 288 6.54 -46.22 -0.69
N ILE F 289 6.97 -46.21 -1.94
CA ILE F 289 6.79 -47.37 -2.79
C ILE F 289 7.48 -48.56 -2.14
N ARG F 290 8.42 -48.26 -1.25
CA ARG F 290 9.33 -49.29 -0.76
C ARG F 290 8.64 -50.28 0.17
N LYS F 291 7.64 -49.84 0.94
CA LYS F 291 6.97 -50.81 1.79
C LYS F 291 6.30 -51.86 0.91
N ASP F 292 5.60 -51.40 -0.12
CA ASP F 292 4.98 -52.29 -1.08
C ASP F 292 6.03 -53.21 -1.69
N LEU F 293 7.16 -52.64 -2.11
CA LEU F 293 8.24 -53.44 -2.64
C LEU F 293 8.58 -54.56 -1.67
N TYR F 294 8.73 -54.22 -0.40
CA TYR F 294 8.93 -55.22 0.65
C TYR F 294 7.85 -56.28 0.57
N ALA F 295 6.59 -55.84 0.53
CA ALA F 295 5.47 -56.77 0.43
C ALA F 295 5.37 -57.36 -0.97
N ASN F 296 5.78 -56.61 -2.00
CA ASN F 296 5.76 -57.08 -3.38
C ASN F 296 7.10 -57.64 -3.82
N ASN F 297 7.86 -58.22 -2.90
CA ASN F 297 9.15 -58.77 -3.23
C ASN F 297 9.01 -60.03 -4.07
N VAL F 298 8.44 -59.88 -5.27
CA VAL F 298 8.09 -61.02 -6.10
C VAL F 298 9.35 -61.57 -6.76
N LEU F 299 9.72 -62.78 -6.37
CA LEU F 299 10.78 -63.52 -7.04
C LEU F 299 10.24 -64.21 -8.29
N SER F 300 11.16 -64.56 -9.19
CA SER F 300 10.79 -65.24 -10.42
C SER F 300 11.98 -66.03 -10.93
N GLY F 301 11.71 -67.22 -11.45
CA GLY F 301 12.74 -68.02 -12.08
C GLY F 301 12.70 -69.40 -11.47
N GLY F 302 12.93 -70.42 -12.30
CA GLY F 302 13.04 -71.77 -11.79
C GLY F 302 14.51 -71.96 -11.48
N THR F 303 15.37 -71.22 -12.17
CA THR F 303 16.77 -71.19 -11.78
C THR F 303 16.92 -70.83 -10.31
N THR F 304 16.03 -69.97 -9.80
CA THR F 304 15.98 -69.60 -8.40
C THR F 304 15.26 -70.63 -7.55
N MET F 305 15.15 -71.85 -8.05
CA MET F 305 14.42 -72.92 -7.38
C MET F 305 15.04 -73.34 -6.06
N TYR F 306 16.10 -72.68 -5.67
CA TYR F 306 16.88 -73.19 -4.56
C TYR F 306 16.15 -73.02 -3.23
N PRO F 307 16.43 -73.90 -2.27
CA PRO F 307 15.75 -73.82 -0.97
C PRO F 307 16.28 -72.75 -0.03
N GLY F 308 15.35 -71.98 0.52
CA GLY F 308 15.70 -70.88 1.40
C GLY F 308 16.08 -69.62 0.66
N ILE F 309 15.91 -69.64 -0.66
CA ILE F 309 16.24 -68.47 -1.46
C ILE F 309 15.43 -67.26 -0.98
N ALA F 310 14.11 -67.44 -0.86
CA ALA F 310 13.27 -66.35 -0.38
C ALA F 310 13.67 -65.96 1.04
N ASP F 311 13.88 -66.94 1.90
CA ASP F 311 14.24 -66.66 3.28
C ASP F 311 15.55 -65.90 3.35
N ARG F 312 16.53 -66.33 2.55
CA ARG F 312 17.77 -65.57 2.44
C ARG F 312 17.47 -64.16 1.98
N MET F 313 16.46 -64.01 1.13
CA MET F 313 16.03 -62.68 0.74
C MET F 313 15.69 -61.91 2.01
N GLN F 314 14.63 -62.34 2.69
CA GLN F 314 14.13 -61.54 3.81
C GLN F 314 15.24 -61.22 4.77
N LYS F 315 16.12 -62.18 5.06
CA LYS F 315 17.16 -61.93 6.05
C LYS F 315 18.17 -60.91 5.55
N GLU F 316 18.60 -61.04 4.29
CA GLU F 316 19.57 -60.10 3.75
C GLU F 316 18.99 -58.69 3.71
N ILE F 317 17.76 -58.56 3.24
CA ILE F 317 17.11 -57.25 3.25
C ILE F 317 17.16 -56.81 4.70
N THR F 318 16.51 -57.55 5.59
CA THR F 318 16.53 -57.18 7.00
C THR F 318 17.85 -56.57 7.42
N ALA F 319 18.95 -57.26 7.12
CA ALA F 319 20.27 -56.68 7.34
C ALA F 319 20.39 -55.35 6.63
N LEU F 320 19.72 -55.19 5.49
CA LEU F 320 19.74 -53.95 4.72
C LEU F 320 18.53 -53.07 5.05
N ALA F 321 17.33 -53.58 4.83
CA ALA F 321 16.14 -52.79 5.01
C ALA F 321 15.91 -52.45 6.47
N PRO F 322 15.36 -51.28 6.77
CA PRO F 322 15.01 -50.96 8.15
C PRO F 322 13.98 -51.94 8.69
N SER F 323 14.17 -52.32 9.95
CA SER F 323 13.20 -53.19 10.60
C SER F 323 11.84 -52.52 10.68
N THR F 324 11.82 -51.18 10.66
CA THR F 324 10.55 -50.45 10.68
C THR F 324 9.62 -50.98 9.61
N MET F 325 10.14 -51.19 8.42
CA MET F 325 9.35 -51.73 7.33
C MET F 325 9.40 -53.26 7.34
N LYS F 326 8.39 -53.87 6.75
CA LYS F 326 8.22 -55.31 6.77
C LYS F 326 8.42 -55.87 5.37
N ILE F 327 9.24 -56.90 5.26
CA ILE F 327 9.68 -57.43 3.97
C ILE F 327 8.87 -58.69 3.66
N LYS F 328 8.36 -58.78 2.44
CA LYS F 328 7.61 -59.96 2.00
C LYS F 328 8.02 -60.29 0.56
N ILE F 329 8.91 -61.26 0.42
CA ILE F 329 9.32 -61.73 -0.89
C ILE F 329 8.30 -62.72 -1.41
N ILE F 330 8.03 -62.66 -2.71
CA ILE F 330 7.02 -63.48 -3.36
C ILE F 330 7.88 -64.42 -4.17
N ALA F 331 7.38 -65.59 -4.48
CA ALA F 331 8.08 -66.56 -5.32
C ALA F 331 7.10 -67.67 -5.62
N PRO F 332 6.43 -67.67 -6.77
CA PRO F 332 5.51 -68.75 -7.09
C PRO F 332 6.28 -70.03 -7.38
N PRO F 333 5.70 -71.19 -7.08
CA PRO F 333 6.29 -72.43 -7.62
C PRO F 333 6.31 -72.41 -9.13
N GLU F 334 5.33 -71.74 -9.74
CA GLU F 334 5.18 -71.61 -11.18
C GLU F 334 5.86 -70.36 -11.72
N ARG F 335 7.14 -70.18 -11.37
CA ARG F 335 7.87 -69.00 -11.82
C ARG F 335 8.54 -68.95 -13.18
N LYS F 336 8.85 -70.11 -13.74
CA LYS F 336 9.70 -70.15 -14.93
C LYS F 336 8.64 -70.17 -16.01
N TYR F 337 7.58 -70.95 -15.81
CA TYR F 337 6.46 -70.94 -16.74
C TYR F 337 5.48 -69.81 -16.47
N SER F 338 5.68 -69.05 -15.39
CA SER F 338 4.84 -67.88 -15.16
C SER F 338 4.95 -66.89 -16.30
N VAL F 339 6.14 -66.75 -16.88
CA VAL F 339 6.30 -65.87 -18.02
C VAL F 339 5.37 -66.30 -19.15
N TRP F 340 5.38 -67.60 -19.46
CA TRP F 340 4.53 -68.09 -20.54
C TRP F 340 3.06 -67.95 -20.18
N ILE F 341 2.72 -68.10 -18.90
CA ILE F 341 1.34 -67.93 -18.48
C ILE F 341 0.88 -66.49 -18.70
N GLY F 342 1.71 -65.53 -18.29
CA GLY F 342 1.38 -64.14 -18.53
C GLY F 342 1.28 -63.83 -20.01
N GLY F 343 2.16 -64.43 -20.81
CA GLY F 343 2.04 -64.27 -22.26
C GLY F 343 0.74 -64.83 -22.79
N SER F 344 0.36 -66.01 -22.31
CA SER F 344 -0.88 -66.63 -22.75
C SER F 344 -2.07 -65.74 -22.40
N ILE F 345 -2.07 -65.18 -21.19
CA ILE F 345 -3.17 -64.32 -20.79
C ILE F 345 -3.20 -63.07 -21.65
N LEU F 346 -2.05 -62.41 -21.81
CA LEU F 346 -2.02 -61.14 -22.53
C LEU F 346 -2.38 -61.32 -24.00
N ALA F 347 -1.70 -62.25 -24.68
CA ALA F 347 -2.06 -62.53 -26.06
C ALA F 347 -3.52 -62.96 -26.14
N SER F 348 -3.97 -63.75 -25.17
CA SER F 348 -5.37 -64.12 -25.06
C SER F 348 -6.27 -62.92 -24.82
N LEU F 349 -5.68 -61.75 -24.55
CA LEU F 349 -6.46 -60.55 -24.23
C LEU F 349 -7.18 -60.13 -25.50
N SER F 350 -8.28 -60.83 -25.78
CA SER F 350 -9.06 -60.54 -26.97
C SER F 350 -9.65 -59.14 -26.94
N THR F 351 -9.49 -58.45 -25.81
CA THR F 351 -9.82 -57.03 -25.79
C THR F 351 -8.58 -56.29 -26.30
N PHE F 352 -7.51 -56.99 -26.67
CA PHE F 352 -6.24 -56.35 -26.94
C PHE F 352 -5.60 -56.83 -28.24
N GLN F 353 -6.41 -57.09 -29.27
CA GLN F 353 -5.84 -57.30 -30.60
C GLN F 353 -5.23 -56.01 -31.14
N GLN F 354 -5.77 -54.87 -30.73
CA GLN F 354 -5.41 -53.61 -31.37
C GLN F 354 -3.90 -53.38 -31.35
N MET F 355 -3.21 -53.90 -30.34
CA MET F 355 -1.76 -53.74 -30.30
C MET F 355 -1.04 -54.69 -31.21
N TRP F 356 -1.72 -55.34 -32.15
CA TRP F 356 -1.19 -56.50 -32.82
C TRP F 356 -0.39 -56.08 -34.06
N ILE F 357 0.77 -56.72 -34.25
CA ILE F 357 1.63 -56.42 -35.38
C ILE F 357 1.09 -57.20 -36.59
N SER F 358 0.41 -56.50 -37.47
CA SER F 358 -0.28 -57.13 -38.59
C SER F 358 0.59 -57.11 -39.84
N LYS F 359 0.11 -57.81 -40.88
CA LYS F 359 0.76 -57.78 -42.18
C LYS F 359 0.94 -56.35 -42.66
N GLN F 360 -0.17 -55.65 -42.87
CA GLN F 360 -0.15 -54.36 -43.54
C GLN F 360 0.68 -53.35 -42.76
N GLU F 361 0.25 -53.01 -41.55
CA GLU F 361 1.00 -52.07 -40.73
C GLU F 361 2.49 -52.27 -40.88
N TYR F 362 2.95 -53.51 -40.77
CA TYR F 362 4.37 -53.79 -40.99
C TYR F 362 4.78 -53.41 -42.40
N ASP F 363 4.06 -53.90 -43.40
CA ASP F 363 4.51 -53.77 -44.79
C ASP F 363 4.62 -52.31 -45.19
N GLU F 364 3.55 -51.55 -44.99
CA GLU F 364 3.59 -50.12 -45.29
C GLU F 364 4.64 -49.41 -44.45
N ALA F 365 4.74 -49.76 -43.17
CA ALA F 365 5.70 -49.13 -42.29
C ALA F 365 6.98 -49.94 -42.15
N GLY F 366 7.15 -50.99 -42.95
CA GLY F 366 8.34 -51.78 -42.92
C GLY F 366 8.58 -52.37 -41.55
N PRO F 367 9.84 -52.61 -41.21
CA PRO F 367 10.16 -53.18 -39.90
C PRO F 367 10.11 -52.16 -38.79
N SER F 368 10.48 -50.92 -39.10
CA SER F 368 10.62 -49.89 -38.07
C SER F 368 9.33 -49.66 -37.31
N ILE F 369 8.18 -49.93 -37.94
CA ILE F 369 6.90 -49.58 -37.34
C ILE F 369 6.74 -50.23 -35.96
N VAL F 370 6.99 -51.54 -35.90
CA VAL F 370 6.76 -52.33 -34.70
C VAL F 370 7.45 -51.71 -33.50
N HIS F 371 8.42 -50.85 -33.75
CA HIS F 371 9.24 -50.25 -32.70
C HIS F 371 8.69 -48.92 -32.26
N ARG F 372 8.18 -48.13 -33.20
CA ARG F 372 7.59 -46.84 -32.85
C ARG F 372 6.17 -47.03 -32.35
N LYS F 373 5.89 -46.47 -31.17
CA LYS F 373 4.57 -46.47 -30.57
C LYS F 373 4.03 -47.87 -30.32
N CYS F 374 4.86 -48.89 -30.46
CA CYS F 374 4.39 -50.27 -30.30
C CYS F 374 5.61 -51.17 -30.13
N PHE F 375 5.33 -52.43 -29.79
CA PHE F 375 6.35 -53.46 -29.67
C PHE F 375 5.75 -54.82 -30.03
N GLU G 169 -29.07 90.43 -18.73
CA GLU G 169 -29.24 90.13 -17.31
C GLU G 169 -28.89 91.34 -16.46
N ASP G 170 -27.79 92.01 -16.80
CA ASP G 170 -27.24 93.14 -16.08
C ASP G 170 -26.72 92.75 -14.70
N VAL G 171 -26.85 91.48 -14.31
CA VAL G 171 -26.31 91.06 -13.03
C VAL G 171 -24.80 91.23 -13.04
N TRP G 172 -24.16 90.94 -14.18
CA TRP G 172 -22.73 91.23 -14.30
C TRP G 172 -22.48 92.70 -14.00
N GLU G 173 -23.20 93.57 -14.71
CA GLU G 173 -22.93 94.99 -14.61
C GLU G 173 -23.37 95.54 -13.25
N ILE G 174 -24.56 95.16 -12.80
CA ILE G 174 -25.05 95.70 -11.54
C ILE G 174 -24.50 95.08 -10.27
N LEU G 175 -23.69 94.04 -10.43
CA LEU G 175 -23.14 93.32 -9.29
C LEU G 175 -21.66 93.61 -9.42
N ARG G 176 -21.24 94.27 -10.49
CA ARG G 176 -19.98 95.02 -10.47
C ARG G 176 -20.22 96.51 -10.30
N GLN G 177 -21.45 96.91 -10.04
CA GLN G 177 -21.83 98.30 -9.83
C GLN G 177 -22.50 98.56 -8.49
N ALA G 178 -23.31 97.62 -8.03
CA ALA G 178 -24.05 97.73 -6.77
C ALA G 178 -23.07 97.85 -5.61
N PRO G 179 -23.54 98.06 -4.39
CA PRO G 179 -22.64 98.02 -3.25
C PRO G 179 -22.02 96.63 -3.18
N PRO G 180 -21.08 96.39 -2.26
CA PRO G 180 -20.50 95.05 -2.14
C PRO G 180 -21.32 94.41 -1.03
N SER G 181 -21.31 95.06 0.13
CA SER G 181 -22.21 94.69 1.21
C SER G 181 -23.52 94.26 0.60
N GLU G 182 -24.08 95.11 -0.25
CA GLU G 182 -25.27 94.79 -1.00
C GLU G 182 -25.03 94.11 -2.35
N TYR G 183 -23.79 93.87 -2.77
CA TYR G 183 -23.62 92.88 -3.81
C TYR G 183 -24.28 91.58 -3.37
N GLU G 184 -23.97 91.15 -2.15
CA GLU G 184 -24.74 90.06 -1.57
C GLU G 184 -26.24 90.25 -1.84
N ARG G 185 -26.79 91.35 -1.33
CA ARG G 185 -28.23 91.52 -1.36
C ARG G 185 -28.76 91.44 -2.78
N ILE G 186 -28.23 92.26 -3.67
CA ILE G 186 -28.82 92.45 -4.99
C ILE G 186 -28.41 91.37 -5.98
N ALA G 187 -27.47 90.50 -5.61
CA ALA G 187 -27.27 89.32 -6.43
C ALA G 187 -28.48 88.50 -6.02
N PHE G 188 -28.81 88.53 -4.73
CA PHE G 188 -29.93 87.73 -4.29
C PHE G 188 -31.29 88.31 -4.70
N GLN G 189 -31.39 89.60 -5.03
CA GLN G 189 -32.66 90.09 -5.59
C GLN G 189 -32.64 90.20 -7.11
N TYR G 190 -31.58 90.77 -7.69
CA TYR G 190 -31.55 91.00 -9.13
C TYR G 190 -31.18 89.75 -9.92
N GLY G 191 -31.35 88.57 -9.31
CA GLY G 191 -31.38 87.33 -10.06
C GLY G 191 -30.22 86.41 -9.84
N VAL G 192 -29.09 86.89 -9.31
CA VAL G 192 -27.93 86.04 -9.07
C VAL G 192 -28.10 85.50 -7.65
N THR G 193 -28.96 84.48 -7.53
CA THR G 193 -29.01 83.73 -6.28
C THR G 193 -27.63 83.17 -5.97
N ASP G 194 -26.90 82.78 -7.01
CA ASP G 194 -25.51 82.42 -6.85
C ASP G 194 -24.68 83.70 -6.82
N LEU G 195 -25.01 84.64 -5.92
CA LEU G 195 -23.99 85.56 -5.49
C LEU G 195 -22.71 84.79 -5.29
N ARG G 196 -22.83 83.61 -4.68
CA ARG G 196 -21.77 82.63 -4.73
C ARG G 196 -21.14 82.63 -6.12
N GLY G 197 -21.97 82.39 -7.11
CA GLY G 197 -21.58 82.53 -8.49
C GLY G 197 -20.97 83.88 -8.75
N MET G 198 -21.71 84.96 -8.52
CA MET G 198 -21.25 86.27 -8.98
C MET G 198 -19.83 86.53 -8.52
N LEU G 199 -19.51 86.18 -7.29
CA LEU G 199 -18.16 86.37 -6.80
C LEU G 199 -17.19 85.39 -7.44
N LYS G 200 -17.59 84.12 -7.60
CA LYS G 200 -16.63 83.20 -8.20
C LYS G 200 -16.31 83.59 -9.64
N ARG G 201 -17.24 84.24 -10.33
CA ARG G 201 -17.00 84.65 -11.71
C ARG G 201 -16.30 86.00 -11.77
N LEU G 202 -16.74 86.95 -10.94
CA LEU G 202 -15.95 88.14 -10.66
C LEU G 202 -14.51 87.76 -10.38
N LYS G 203 -14.30 86.59 -9.78
CA LYS G 203 -12.95 86.13 -9.50
C LYS G 203 -12.34 85.43 -10.70
N GLY G 204 -13.12 84.59 -11.39
CA GLY G 204 -12.66 84.03 -12.64
C GLY G 204 -11.98 85.12 -13.44
N MET G 205 -12.49 86.33 -13.24
CA MET G 205 -11.76 87.53 -13.65
C MET G 205 -10.58 87.80 -12.72
N ARG G 206 -10.83 87.84 -11.40
CA ARG G 206 -9.80 88.14 -10.40
C ARG G 206 -9.44 86.94 -9.52
N ARG G 207 -9.43 85.73 -10.07
CA ARG G 207 -9.27 84.53 -9.24
C ARG G 207 -7.81 84.05 -9.29
N GLU H 169 -37.67 32.67 56.28
CA GLU H 169 -37.35 33.38 55.05
C GLU H 169 -38.51 34.28 54.63
N ASP H 170 -39.72 33.73 54.70
CA ASP H 170 -40.96 34.37 54.26
C ASP H 170 -41.00 34.59 52.76
N VAL H 171 -39.95 34.21 52.04
CA VAL H 171 -39.99 34.32 50.59
C VAL H 171 -41.08 33.43 50.03
N TRP H 172 -41.26 32.24 50.61
CA TRP H 172 -42.39 31.41 50.23
C TRP H 172 -43.68 32.20 50.40
N GLU H 173 -43.89 32.74 51.60
CA GLU H 173 -45.15 33.39 51.92
C GLU H 173 -45.31 34.69 51.15
N ILE H 174 -44.26 35.51 51.13
CA ILE H 174 -44.36 36.80 50.47
C ILE H 174 -44.25 36.80 48.95
N LEU H 175 -43.97 35.65 48.38
CA LEU H 175 -43.77 35.52 46.95
C LEU H 175 -44.95 34.64 46.54
N ARG H 176 -45.72 34.14 47.50
CA ARG H 176 -47.09 33.74 47.23
C ARG H 176 -48.10 34.78 47.72
N GLN H 177 -47.61 35.94 48.16
CA GLN H 177 -48.44 37.04 48.63
C GLN H 177 -48.22 38.34 47.88
N ALA H 178 -46.98 38.61 47.48
CA ALA H 178 -46.61 39.82 46.78
C ALA H 178 -47.34 39.90 45.45
N PRO H 179 -47.20 40.97 44.69
CA PRO H 179 -47.77 40.99 43.33
C PRO H 179 -47.10 39.90 42.54
N PRO H 180 -47.53 39.66 41.29
CA PRO H 180 -46.86 38.64 40.47
C PRO H 180 -45.85 39.42 39.66
N SER H 181 -46.38 40.40 38.91
CA SER H 181 -45.53 41.37 38.24
C SER H 181 -44.36 41.66 39.14
N GLU H 182 -44.65 42.01 40.39
CA GLU H 182 -43.62 42.19 41.38
C GLU H 182 -43.24 40.96 42.18
N TYR H 183 -43.85 39.79 41.95
CA TYR H 183 -43.18 38.58 42.39
C TYR H 183 -41.78 38.55 41.83
N GLU H 184 -41.65 38.79 40.53
CA GLU H 184 -40.32 39.02 39.98
C GLU H 184 -39.51 39.94 40.88
N ARG H 185 -40.01 41.16 41.07
CA ARG H 185 -39.21 42.18 41.75
C ARG H 185 -38.79 41.70 43.14
N ILE H 186 -39.76 41.31 43.96
CA ILE H 186 -39.52 41.07 45.37
C ILE H 186 -38.95 39.69 45.64
N ALA H 187 -38.87 38.83 44.64
CA ALA H 187 -38.09 37.62 44.84
C ALA H 187 -36.70 38.18 44.70
N PHE H 188 -36.52 39.12 43.77
CA PHE H 188 -35.19 39.66 43.57
C PHE H 188 -34.75 40.62 44.69
N GLN H 189 -35.68 41.19 45.47
CA GLN H 189 -35.24 41.97 46.62
C GLN H 189 -35.32 41.18 47.93
N TYR H 190 -36.43 40.49 48.19
CA TYR H 190 -36.61 39.80 49.46
C TYR H 190 -35.87 38.46 49.52
N GLY H 191 -34.87 38.28 48.67
CA GLY H 191 -33.90 37.24 48.87
C GLY H 191 -33.93 36.10 47.87
N VAL H 192 -35.03 35.93 47.15
CA VAL H 192 -35.12 34.86 46.16
C VAL H 192 -34.62 35.46 44.85
N THR H 193 -33.28 35.53 44.73
CA THR H 193 -32.70 35.83 43.43
C THR H 193 -33.14 34.82 42.41
N ASP H 194 -33.31 33.57 42.84
CA ASP H 194 -33.92 32.56 42.01
C ASP H 194 -35.43 32.73 42.08
N LEU H 195 -35.95 33.93 41.80
CA LEU H 195 -37.33 33.99 41.35
C LEU H 195 -37.55 32.86 40.38
N ARG H 196 -36.57 32.64 39.50
CA ARG H 196 -36.50 31.40 38.76
C ARG H 196 -36.89 30.25 39.66
N GLY H 197 -36.16 30.11 40.75
CA GLY H 197 -36.51 29.18 41.80
C GLY H 197 -37.94 29.36 42.24
N MET H 198 -38.29 30.55 42.74
CA MET H 198 -39.58 30.71 43.40
C MET H 198 -40.71 30.17 42.52
N LEU H 199 -40.64 30.45 41.22
CA LEU H 199 -41.67 29.94 40.32
C LEU H 199 -41.52 28.44 40.12
N LYS H 200 -40.31 27.94 39.96
CA LYS H 200 -40.20 26.49 39.75
C LYS H 200 -40.68 25.71 40.96
N ARG H 201 -40.58 26.29 42.15
CA ARG H 201 -41.04 25.61 43.36
C ARG H 201 -42.53 25.84 43.60
N LEU H 202 -42.98 27.08 43.43
CA LEU H 202 -44.40 27.36 43.28
C LEU H 202 -45.04 26.37 42.31
N LYS H 203 -44.28 25.94 41.31
CA LYS H 203 -44.78 24.97 40.36
C LYS H 203 -44.63 23.55 40.87
N GLY H 204 -43.50 23.23 41.47
CA GLY H 204 -43.35 21.95 42.13
C GLY H 204 -44.61 21.66 42.91
N MET H 205 -45.22 22.74 43.39
CA MET H 205 -46.60 22.69 43.85
C MET H 205 -47.57 22.58 42.67
N ARG H 206 -47.45 23.48 41.69
CA ARG H 206 -48.35 23.52 40.53
C ARG H 206 -47.68 23.13 39.22
N ARG H 207 -46.74 22.18 39.24
CA ARG H 207 -45.93 21.88 38.05
C ARG H 207 -46.49 20.66 37.32
N GLU I 169 11.46 48.25 -23.58
CA GLU I 169 10.71 47.77 -22.44
C GLU I 169 10.78 48.76 -21.29
N ASP I 170 11.97 49.29 -21.04
CA ASP I 170 12.28 50.20 -19.93
C ASP I 170 12.16 49.51 -18.58
N VAL I 171 11.78 48.24 -18.55
CA VAL I 171 11.73 47.54 -17.28
C VAL I 171 13.12 47.46 -16.67
N TRP I 172 14.14 47.26 -17.51
CA TRP I 172 15.51 47.34 -17.01
C TRP I 172 15.73 48.69 -16.34
N GLU I 173 15.44 49.77 -17.08
CA GLU I 173 15.75 51.11 -16.58
C GLU I 173 14.85 51.48 -15.42
N ILE I 174 13.56 51.23 -15.54
CA ILE I 174 12.64 51.63 -14.48
C ILE I 174 12.57 50.73 -13.26
N LEU I 175 13.29 49.62 -13.31
CA LEU I 175 13.28 48.65 -12.23
C LEU I 175 14.70 48.71 -11.72
N ARG I 176 15.57 49.47 -12.38
CA ARG I 176 16.76 49.99 -11.72
C ARG I 176 16.60 51.47 -11.35
N GLN I 177 15.40 52.01 -11.51
CA GLN I 177 15.09 53.39 -11.17
C GLN I 177 13.95 53.53 -10.17
N ALA I 178 12.96 52.67 -10.26
CA ALA I 178 11.79 52.69 -9.39
C ALA I 178 12.22 52.48 -7.94
N PRO I 179 11.31 52.55 -6.98
CA PRO I 179 11.66 52.18 -5.61
C PRO I 179 12.09 50.72 -5.60
N PRO I 180 12.56 50.20 -4.47
CA PRO I 180 12.93 48.78 -4.42
C PRO I 180 11.68 48.10 -3.87
N SER I 181 11.28 48.56 -2.68
CA SER I 181 9.99 48.16 -2.13
C SER I 181 9.01 48.05 -3.27
N GLU I 182 8.91 49.10 -4.06
CA GLU I 182 8.11 49.08 -5.26
C GLU I 182 8.81 48.61 -6.53
N TYR I 183 10.09 48.25 -6.48
CA TYR I 183 10.58 47.41 -7.57
C TYR I 183 9.72 46.18 -7.69
N GLU I 184 9.47 45.52 -6.56
CA GLU I 184 8.44 44.48 -6.58
C GLU I 184 7.21 44.94 -7.34
N ARG I 185 6.58 46.01 -6.85
CA ARG I 185 5.29 46.42 -7.40
C ARG I 185 5.37 46.65 -8.90
N ILE I 186 6.30 47.51 -9.32
CA ILE I 186 6.31 47.99 -10.70
C ILE I 186 6.98 47.04 -11.65
N ALA I 187 7.61 45.98 -11.15
CA ALA I 187 8.05 44.95 -12.06
C ALA I 187 6.72 44.26 -12.32
N PHE I 188 5.89 44.14 -11.28
CA PHE I 188 4.62 43.46 -11.47
C PHE I 188 3.60 44.30 -12.24
N GLN I 189 3.75 45.63 -12.32
CA GLN I 189 2.85 46.39 -13.20
C GLN I 189 3.50 46.73 -14.53
N TYR I 190 4.74 47.22 -14.53
CA TYR I 190 5.37 47.66 -15.78
C TYR I 190 5.93 46.51 -16.60
N GLY I 191 5.44 45.30 -16.37
CA GLY I 191 5.61 44.21 -17.31
C GLY I 191 6.51 43.09 -16.86
N VAL I 192 7.35 43.32 -15.86
CA VAL I 192 8.24 42.25 -15.37
C VAL I 192 7.47 41.54 -14.28
N THR I 193 6.56 40.66 -14.70
CA THR I 193 5.97 39.72 -13.74
C THR I 193 7.04 38.92 -13.07
N ASP I 194 8.10 38.60 -13.80
CA ASP I 194 9.27 38.00 -13.20
C ASP I 194 10.12 39.11 -12.59
N LEU I 195 9.52 39.93 -11.72
CA LEU I 195 10.36 40.60 -10.74
C LEU I 195 11.38 39.62 -10.24
N ARG I 196 10.94 38.39 -9.98
CA ARG I 196 11.83 37.28 -9.83
C ARG I 196 12.98 37.41 -10.83
N GLY I 197 12.60 37.46 -12.10
CA GLY I 197 13.52 37.77 -13.17
C GLY I 197 14.30 39.02 -12.88
N MET I 198 13.61 40.16 -12.72
CA MET I 198 14.32 41.43 -12.70
C MET I 198 15.45 41.39 -11.69
N LEU I 199 15.21 40.79 -10.52
CA LEU I 199 16.27 40.69 -9.52
C LEU I 199 17.32 39.69 -9.95
N LYS I 200 16.93 38.55 -10.50
CA LYS I 200 17.98 37.60 -10.87
C LYS I 200 18.88 38.15 -11.97
N ARG I 201 18.36 39.05 -12.80
CA ARG I 201 19.16 39.63 -13.87
C ARG I 201 19.93 40.85 -13.37
N LEU I 202 19.28 41.71 -12.60
CA LEU I 202 19.98 42.70 -11.80
C LEU I 202 21.15 42.05 -11.08
N LYS I 203 20.99 40.79 -10.70
CA LYS I 203 22.08 40.08 -10.03
C LYS I 203 23.07 39.51 -11.03
N GLY I 204 22.57 38.92 -12.11
CA GLY I 204 23.45 38.49 -13.19
C GLY I 204 24.48 39.59 -13.42
N MET I 205 24.03 40.82 -13.18
CA MET I 205 24.96 41.93 -13.03
C MET I 205 25.67 41.87 -11.67
N ARG I 206 24.92 41.73 -10.57
CA ARG I 206 25.48 41.70 -9.22
C ARG I 206 25.35 40.34 -8.54
N ARG I 207 25.49 39.24 -9.29
CA ARG I 207 25.21 37.91 -8.72
C ARG I 207 26.51 37.23 -8.31
N GLU J 169 -31.25 -18.71 28.63
CA GLU J 169 -30.40 -17.86 27.80
C GLU J 169 -31.22 -16.74 27.17
N ASP J 170 -32.40 -17.10 26.65
CA ASP J 170 -33.30 -16.21 25.93
C ASP J 170 -32.71 -15.76 24.60
N VAL J 171 -31.49 -16.18 24.27
CA VAL J 171 -30.94 -15.82 22.97
C VAL J 171 -31.78 -16.43 21.87
N TRP J 172 -32.26 -17.66 22.08
CA TRP J 172 -33.21 -18.22 21.13
C TRP J 172 -34.40 -17.29 20.96
N GLU J 173 -35.02 -16.93 22.07
CA GLU J 173 -36.25 -16.15 22.01
C GLU J 173 -35.97 -14.73 21.53
N ILE J 174 -34.94 -14.09 22.07
CA ILE J 174 -34.68 -12.70 21.72
C ILE J 174 -33.96 -12.47 20.40
N LEU J 175 -33.56 -13.56 19.75
CA LEU J 175 -32.82 -13.48 18.51
C LEU J 175 -33.79 -14.09 17.51
N ARG J 176 -34.92 -14.61 17.97
CA ARG J 176 -36.09 -14.74 17.12
C ARG J 176 -37.12 -13.66 17.40
N GLN J 177 -36.77 -12.67 18.21
CA GLN J 177 -37.64 -11.54 18.55
C GLN J 177 -37.02 -10.20 18.24
N ALA J 178 -35.71 -10.05 18.41
CA ALA J 178 -34.99 -8.81 18.17
C ALA J 178 -35.12 -8.42 16.70
N PRO J 179 -34.60 -7.27 16.30
CA PRO J 179 -34.57 -6.94 14.87
C PRO J 179 -33.71 -7.99 14.17
N PRO J 180 -33.63 -7.96 12.83
CA PRO J 180 -32.77 -8.93 12.14
C PRO J 180 -31.45 -8.19 11.95
N SER J 181 -31.56 -7.04 11.29
CA SER J 181 -30.43 -6.12 11.21
C SER J 181 -29.71 -6.16 12.53
N GLU J 182 -30.44 -5.97 13.61
CA GLU J 182 -29.91 -6.10 14.94
C GLU J 182 -29.98 -7.51 15.55
N TYR J 183 -30.52 -8.51 14.85
CA TYR J 183 -30.19 -9.87 15.26
C TYR J 183 -28.69 -10.03 15.28
N GLU J 184 -28.03 -9.60 14.21
CA GLU J 184 -26.57 -9.50 14.28
C GLU J 184 -26.13 -8.87 15.58
N ARG J 185 -26.56 -7.64 15.83
CA ARG J 185 -26.04 -6.88 16.95
C ARG J 185 -26.26 -7.62 18.26
N ILE J 186 -27.50 -7.99 18.55
CA ILE J 186 -27.86 -8.49 19.86
C ILE J 186 -27.56 -9.96 20.04
N ALA J 187 -27.16 -10.65 18.99
CA ALA J 187 -26.63 -11.98 19.21
C ALA J 187 -25.25 -11.63 19.73
N PHE J 188 -24.64 -10.59 19.15
CA PHE J 188 -23.30 -10.24 19.60
C PHE J 188 -23.28 -9.55 20.97
N GLN J 189 -24.39 -8.98 21.44
CA GLN J 189 -24.40 -8.48 22.81
C GLN J 189 -25.06 -9.43 23.79
N TYR J 190 -26.23 -9.98 23.46
CA TYR J 190 -26.97 -10.83 24.39
C TYR J 190 -26.42 -12.25 24.44
N GLY J 191 -25.19 -12.45 24.02
CA GLY J 191 -24.45 -13.65 24.36
C GLY J 191 -24.18 -14.59 23.22
N VAL J 192 -24.90 -14.47 22.10
CA VAL J 192 -24.66 -15.35 20.94
C VAL J 192 -23.62 -14.63 20.09
N THR J 193 -22.36 -14.75 20.50
CA THR J 193 -21.27 -14.34 19.63
C THR J 193 -21.35 -15.10 18.32
N ASP J 194 -21.78 -16.35 18.39
CA ASP J 194 -22.08 -17.11 17.19
C ASP J 194 -23.47 -16.72 16.72
N LEU J 195 -23.73 -15.43 16.53
CA LEU J 195 -24.80 -15.08 15.60
C LEU J 195 -24.70 -15.99 14.40
N ARG J 196 -23.48 -16.21 13.95
CA ARG J 196 -23.20 -17.31 13.05
C ARG J 196 -24.02 -18.53 13.46
N GLY J 197 -23.80 -18.94 14.70
CA GLY J 197 -24.61 -19.96 15.32
C GLY J 197 -26.08 -19.64 15.20
N MET J 198 -26.51 -18.50 15.76
CA MET J 198 -27.94 -18.26 15.90
C MET J 198 -28.65 -18.47 14.57
N LEU J 199 -28.05 -17.99 13.48
CA LEU J 199 -28.66 -18.20 12.17
C LEU J 199 -28.57 -19.63 11.73
N LYS J 200 -27.43 -20.30 11.95
CA LYS J 200 -27.37 -21.68 11.50
C LYS J 200 -28.36 -22.56 12.24
N ARG J 201 -28.70 -22.21 13.48
CA ARG J 201 -29.66 -23.00 14.24
C ARG J 201 -31.10 -22.58 13.94
N LEU J 202 -31.34 -21.26 13.87
CA LEU J 202 -32.55 -20.76 13.27
C LEU J 202 -32.82 -21.47 11.94
N LYS J 203 -31.76 -21.84 11.24
CA LYS J 203 -31.91 -22.54 9.98
C LYS J 203 -32.09 -24.04 10.21
N GLY J 204 -31.32 -24.63 11.11
CA GLY J 204 -31.55 -26.01 11.50
C GLY J 204 -33.04 -26.22 11.66
N MET J 205 -33.70 -25.14 12.08
CA MET J 205 -35.15 -25.06 11.96
C MET J 205 -35.57 -24.82 10.50
N ARG J 206 -34.99 -23.81 9.85
CA ARG J 206 -35.34 -23.44 8.47
C ARG J 206 -34.22 -23.72 7.47
N ARG J 207 -33.46 -24.80 7.65
CA ARG J 207 -32.27 -25.02 6.82
C ARG J 207 -32.58 -26.00 5.70
N GLU K 169 47.03 1.63 -21.30
CA GLU K 169 45.85 1.08 -20.65
C GLU K 169 45.52 1.86 -19.39
N ASP K 170 46.55 2.15 -18.60
CA ASP K 170 46.45 2.81 -17.31
C ASP K 170 45.74 1.94 -16.28
N VAL K 171 45.28 0.76 -16.65
CA VAL K 171 44.67 -0.12 -15.67
C VAL K 171 45.69 -0.50 -14.61
N TRP K 172 46.93 -0.74 -15.02
CA TRP K 172 47.99 -0.94 -14.04
C TRP K 172 48.03 0.24 -13.07
N GLU K 173 48.14 1.45 -13.62
CA GLU K 173 48.33 2.61 -12.77
C GLU K 173 47.07 2.94 -11.99
N ILE K 174 45.92 2.91 -12.64
CA ILE K 174 44.68 3.28 -11.95
C ILE K 174 44.06 2.22 -11.07
N LEU K 175 44.65 1.03 -11.07
CA LEU K 175 44.12 -0.09 -10.31
C LEU K 175 45.22 -0.33 -9.28
N ARG K 176 46.34 0.37 -9.40
CA ARG K 176 47.20 0.60 -8.24
C ARG K 176 47.02 2.00 -7.66
N GLN K 177 46.03 2.74 -8.14
CA GLN K 177 45.72 4.09 -7.67
C GLN K 177 44.29 4.23 -7.18
N ALA K 178 43.35 3.57 -7.81
CA ALA K 178 41.93 3.62 -7.47
C ALA K 178 41.73 3.11 -6.05
N PRO K 179 40.52 3.18 -5.52
CA PRO K 179 40.26 2.55 -4.22
C PRO K 179 40.53 1.06 -4.36
N PRO K 180 40.45 0.30 -3.27
CA PRO K 180 40.66 -1.16 -3.37
C PRO K 180 39.25 -1.71 -3.50
N SER K 181 38.44 -1.39 -2.49
CA SER K 181 37.02 -1.67 -2.56
C SER K 181 36.56 -1.44 -3.98
N GLU K 182 36.88 -0.27 -4.52
CA GLU K 182 36.63 0.02 -5.91
C GLU K 182 37.75 -0.34 -6.88
N TYR K 183 38.87 -0.90 -6.43
CA TYR K 183 39.69 -1.62 -7.39
C TYR K 183 38.85 -2.66 -8.09
N GLU K 184 38.11 -3.45 -7.31
CA GLU K 184 37.10 -4.30 -7.93
C GLU K 184 36.32 -3.54 -8.98
N ARG K 185 35.65 -2.47 -8.57
CA ARG K 185 34.71 -1.79 -9.46
C ARG K 185 35.42 -1.35 -10.73
N ILE K 186 36.50 -0.58 -10.58
CA ILE K 186 37.10 0.11 -11.72
C ILE K 186 38.03 -0.76 -12.52
N ALA K 187 38.31 -1.98 -12.04
CA ALA K 187 38.99 -2.92 -12.93
C ALA K 187 37.83 -3.32 -13.80
N PHE K 188 36.65 -3.49 -13.20
CA PHE K 188 35.52 -3.93 -14.01
C PHE K 188 34.97 -2.82 -14.91
N GLN K 189 35.24 -1.53 -14.64
CA GLN K 189 34.84 -0.52 -15.62
C GLN K 189 35.99 -0.06 -16.51
N TYR K 190 37.16 0.21 -15.94
CA TYR K 190 38.27 0.75 -16.71
C TYR K 190 39.02 -0.33 -17.48
N GLY K 191 38.39 -1.47 -17.72
CA GLY K 191 38.83 -2.40 -18.73
C GLY K 191 39.39 -3.70 -18.22
N VAL K 192 39.77 -3.78 -16.95
CA VAL K 192 40.30 -5.03 -16.39
C VAL K 192 39.09 -5.79 -15.84
N THR K 193 38.37 -6.45 -16.75
CA THR K 193 37.37 -7.40 -16.32
C THR K 193 38.01 -8.47 -15.47
N ASP K 194 39.24 -8.84 -15.79
CA ASP K 194 40.03 -9.70 -14.93
C ASP K 194 40.63 -8.83 -13.83
N LEU K 195 39.81 -8.08 -13.09
CA LEU K 195 40.23 -7.71 -11.75
C LEU K 195 40.88 -8.91 -11.11
N ARG K 196 40.27 -10.08 -11.32
CA ARG K 196 40.95 -11.33 -11.07
C ARG K 196 42.39 -11.22 -11.50
N GLY K 197 42.57 -10.91 -12.78
CA GLY K 197 43.86 -10.59 -13.33
C GLY K 197 44.55 -9.53 -12.51
N MET K 198 43.96 -8.34 -12.39
CA MET K 198 44.69 -7.21 -11.84
C MET K 198 45.31 -7.58 -10.50
N LEU K 199 44.57 -8.32 -9.67
CA LEU K 199 45.12 -8.74 -8.39
C LEU K 199 46.18 -9.81 -8.57
N LYS K 200 45.96 -10.78 -9.47
CA LYS K 200 46.98 -11.81 -9.60
C LYS K 200 48.28 -11.23 -10.12
N ARG K 201 48.22 -10.15 -10.89
CA ARG K 201 49.44 -9.54 -11.42
C ARG K 201 50.04 -8.55 -10.42
N LEU K 202 49.19 -7.72 -9.80
CA LEU K 202 49.59 -7.00 -8.60
C LEU K 202 50.31 -7.92 -7.64
N LYS K 203 49.92 -9.20 -7.62
CA LYS K 203 50.57 -10.16 -6.75
C LYS K 203 51.84 -10.71 -7.40
N GLY K 204 51.78 -11.04 -8.68
CA GLY K 204 52.99 -11.41 -9.41
C GLY K 204 54.10 -10.47 -9.01
N MET K 205 53.69 -9.25 -8.70
CA MET K 205 54.56 -8.33 -7.96
C MET K 205 54.66 -8.72 -6.49
N ARG K 206 53.52 -8.91 -5.82
CA ARG K 206 53.48 -9.24 -4.39
C ARG K 206 52.98 -10.65 -4.11
N ARG K 207 53.32 -11.62 -4.96
CA ARG K 207 52.73 -12.96 -4.84
C ARG K 207 53.70 -13.90 -4.11
N GLU L 169 -18.29 -65.35 -4.53
CA GLU L 169 -17.12 -64.53 -4.78
C GLU L 169 -17.51 -63.21 -5.43
N ASP L 170 -18.41 -63.29 -6.41
CA ASP L 170 -18.87 -62.18 -7.23
C ASP L 170 -17.76 -61.61 -8.10
N VAL L 171 -16.54 -62.16 -8.02
CA VAL L 171 -15.49 -61.69 -8.90
C VAL L 171 -15.86 -61.98 -10.34
N TRP L 172 -16.48 -63.13 -10.60
CA TRP L 172 -17.00 -63.39 -11.93
C TRP L 172 -17.94 -62.26 -12.34
N GLU L 173 -18.94 -61.98 -11.50
CA GLU L 173 -19.96 -61.03 -11.87
C GLU L 173 -19.42 -59.61 -11.90
N ILE L 174 -18.65 -59.23 -10.88
CA ILE L 174 -18.14 -57.87 -10.82
C ILE L 174 -16.94 -57.55 -11.68
N LEU L 175 -16.40 -58.56 -12.34
CA LEU L 175 -15.21 -58.40 -13.16
C LEU L 175 -15.75 -58.68 -14.56
N ARG L 176 -17.00 -59.10 -14.68
CA ARG L 176 -17.74 -58.90 -15.92
C ARG L 176 -18.70 -57.73 -15.84
N GLN L 177 -18.63 -56.95 -14.76
CA GLN L 177 -19.46 -55.77 -14.55
C GLN L 177 -18.67 -54.51 -14.33
N ALA L 178 -17.55 -54.60 -13.64
CA ALA L 178 -16.69 -53.46 -13.32
C ALA L 178 -16.18 -52.83 -14.61
N PRO L 179 -15.45 -51.72 -14.53
CA PRO L 179 -14.82 -51.17 -15.74
C PRO L 179 -13.84 -52.22 -16.26
N PRO L 180 -13.23 -51.99 -17.42
CA PRO L 180 -12.24 -52.96 -17.93
C PRO L 180 -10.91 -52.40 -17.43
N SER L 181 -10.64 -51.16 -17.84
CA SER L 181 -9.51 -50.43 -17.28
C SER L 181 -9.39 -50.80 -15.83
N GLU L 182 -10.48 -50.67 -15.09
CA GLU L 182 -10.54 -51.10 -13.72
C GLU L 182 -10.96 -52.55 -13.49
N TYR L 183 -11.25 -53.33 -14.53
CA TYR L 183 -11.23 -54.76 -14.33
C TYR L 183 -9.88 -55.16 -13.76
N GLU L 184 -8.81 -54.67 -14.39
CA GLU L 184 -7.50 -54.81 -13.75
C GLU L 184 -7.58 -54.47 -12.27
N ARG L 185 -7.97 -53.25 -11.97
CA ARG L 185 -7.89 -52.77 -10.60
C ARG L 185 -8.67 -53.67 -9.66
N ILE L 186 -9.94 -53.89 -9.95
CA ILE L 186 -10.86 -54.52 -9.01
C ILE L 186 -10.76 -56.04 -9.03
N ALA L 187 -10.02 -56.61 -9.97
CA ALA L 187 -9.73 -58.02 -9.85
C ALA L 187 -8.66 -57.97 -8.78
N PHE L 188 -7.79 -56.97 -8.86
CA PHE L 188 -6.72 -56.90 -7.87
C PHE L 188 -7.20 -56.45 -6.49
N GLN L 189 -8.37 -55.80 -6.36
CA GLN L 189 -8.89 -55.51 -5.02
C GLN L 189 -9.96 -56.51 -4.59
N TYR L 190 -10.93 -56.80 -5.46
CA TYR L 190 -12.04 -57.67 -5.07
C TYR L 190 -11.68 -59.14 -5.12
N GLY L 191 -10.40 -59.47 -5.07
CA GLY L 191 -9.96 -60.81 -4.74
C GLY L 191 -9.33 -61.58 -5.86
N VAL L 192 -9.53 -61.18 -7.11
CA VAL L 192 -8.92 -61.88 -8.24
C VAL L 192 -7.56 -61.21 -8.47
N THR L 193 -6.59 -61.59 -7.64
CA THR L 193 -5.21 -61.22 -7.93
C THR L 193 -4.81 -61.73 -9.29
N ASP L 194 -5.33 -62.90 -9.66
CA ASP L 194 -5.18 -63.40 -11.01
C ASP L 194 -6.23 -62.74 -11.88
N LEU L 195 -6.29 -61.39 -11.88
CA LEU L 195 -6.85 -60.74 -13.05
C LEU L 195 -6.35 -61.46 -14.28
N ARG L 196 -5.07 -61.79 -14.27
CA ARG L 196 -4.55 -62.76 -15.21
C ARG L 196 -5.55 -63.88 -15.40
N GLY L 197 -5.89 -64.52 -14.29
CA GLY L 197 -6.96 -65.48 -14.25
C GLY L 197 -8.23 -64.92 -14.85
N MET L 198 -8.76 -63.84 -14.27
CA MET L 198 -10.10 -63.40 -14.65
C MET L 198 -10.22 -63.28 -16.15
N LEU L 199 -9.20 -62.74 -16.80
CA LEU L 199 -9.24 -62.62 -18.26
C LEU L 199 -9.08 -63.98 -18.92
N LYS L 200 -8.20 -64.84 -18.43
CA LYS L 200 -8.06 -66.12 -19.10
C LYS L 200 -9.33 -66.95 -19.00
N ARG L 201 -10.12 -66.75 -17.94
CA ARG L 201 -11.37 -67.49 -17.78
C ARG L 201 -12.51 -66.81 -18.52
N LEU L 202 -12.61 -65.49 -18.39
CA LEU L 202 -13.42 -64.70 -19.30
C LEU L 202 -13.19 -65.13 -20.74
N LYS L 203 -11.97 -65.55 -21.04
CA LYS L 203 -11.66 -66.02 -22.39
C LYS L 203 -12.03 -67.48 -22.56
N GLY L 204 -11.74 -68.33 -21.57
CA GLY L 204 -12.21 -69.69 -21.60
C GLY L 204 -13.65 -69.68 -22.06
N MET L 205 -14.34 -68.60 -21.71
CA MET L 205 -15.60 -68.28 -22.36
C MET L 205 -15.38 -67.74 -23.77
N ARG L 206 -14.51 -66.74 -23.94
CA ARG L 206 -14.25 -66.12 -25.24
C ARG L 206 -12.84 -66.40 -25.77
N ARG L 207 -12.31 -67.60 -25.54
CA ARG L 207 -10.90 -67.87 -25.88
C ARG L 207 -10.81 -68.60 -27.21
#